data_4B4Z
#
_entry.id   4B4Z
#
_cell.length_a   102.123
_cell.length_b   90.692
_cell.length_c   105.729
_cell.angle_alpha   90.00
_cell.angle_beta   94.52
_cell.angle_gamma   90.00
#
_symmetry.space_group_name_H-M   'P 1 21 1'
#
loop_
_entity.id
_entity.type
_entity.pdbx_description
1 polymer 'D-ALANYL-D-ALANINE CARBOXYPEPTIDASE'
2 non-polymer '{[(benzylsulfonyl)amino]methyl}boronic acid'
3 non-polymer 'MAGNESIUM ION'
4 non-polymer 'SULFATE ION'
5 water water
#
_entity_poly.entity_id   1
_entity_poly.type   'polypeptide(L)'
_entity_poly.pdbx_seq_one_letter_code
;RLTELREDIDAILEDPALEGAVSGVVVVDTATGEELYSRDGGEQLLPASNMKLFTAAAALEVLGADHSFGTEVAAESAPG
RRGEVQDLYLVGRGDPTLSAEDLDAMAAEVAASGVRTVRGDLYADDTWFDSERLVDDWWPEDEPYAYSAQISALTVAHGE
RFDTGVTEVSVTPAAEGEPADVDLGAAEGYAELDNRAVTGAAGSANTLVIDRPVGTNTIAVTGSLPADAAPVTALRTVDE
PAALAGHLFEEALESNGVTVKGDVGLGGVPADWQDAEVLADHTSAELSEILVPFMKFSNNGHAEMLVKSIGQETAGAGTW
DAGLVGVEEALSGLGVDTAGLVLNDGSGLSRGNLVTADTVVDLLGQAGSAPWAQTWSASLPVAGESDPFVGGTLANRMRG
TAAEGVVEAKTGTMSGVSALSGYVPGPEGELAFSIVNNGHSGPAPLAVQDAIAVRLAEYAGHQAPE
;
_entity_poly.pdbx_strand_id   A,B,C,D
#
# COMPACT_ATOMS: atom_id res chain seq x y z
N ARG A 1 -18.43 -21.99 88.27
CA ARG A 1 -19.08 -21.82 86.94
C ARG A 1 -18.05 -21.64 85.81
N LEU A 2 -16.92 -21.00 86.14
CA LEU A 2 -15.83 -20.79 85.19
C LEU A 2 -15.12 -22.10 84.85
N THR A 3 -14.79 -22.89 85.89
CA THR A 3 -14.13 -24.18 85.72
C THR A 3 -15.03 -25.20 85.02
N GLU A 4 -16.35 -25.01 85.16
CA GLU A 4 -17.34 -25.81 84.45
C GLU A 4 -17.22 -25.61 82.94
N LEU A 5 -17.25 -24.35 82.53
CA LEU A 5 -17.14 -23.96 81.12
C LEU A 5 -15.85 -24.45 80.49
N ARG A 6 -14.73 -24.24 81.19
CA ARG A 6 -13.41 -24.64 80.71
C ARG A 6 -13.31 -26.15 80.50
N GLU A 7 -13.85 -26.92 81.44
CA GLU A 7 -13.96 -28.37 81.29
C GLU A 7 -14.81 -28.74 80.08
N ASP A 8 -15.93 -28.04 79.94
CA ASP A 8 -16.87 -28.25 78.83
C ASP A 8 -16.26 -27.98 77.45
N ILE A 9 -15.53 -26.87 77.32
CA ILE A 9 -14.89 -26.52 76.04
C ILE A 9 -13.75 -27.49 75.71
N ASP A 10 -12.96 -27.85 76.74
CA ASP A 10 -11.93 -28.89 76.65
C ASP A 10 -12.49 -30.21 76.11
N ALA A 11 -13.70 -30.56 76.52
CA ALA A 11 -14.39 -31.77 76.06
C ALA A 11 -14.92 -31.62 74.64
N ILE A 12 -15.23 -30.39 74.24
CA ILE A 12 -15.71 -30.12 72.88
C ILE A 12 -14.53 -30.26 71.92
N LEU A 13 -13.37 -29.78 72.33
CA LEU A 13 -12.17 -29.84 71.50
C LEU A 13 -11.53 -31.23 71.44
N GLU A 14 -12.22 -32.21 72.01
CA GLU A 14 -11.82 -33.61 71.96
C GLU A 14 -12.39 -34.30 70.72
N ASP A 15 -13.46 -33.74 70.16
CA ASP A 15 -14.14 -34.31 68.99
C ASP A 15 -13.15 -34.84 67.94
N PRO A 16 -13.34 -36.10 67.49
CA PRO A 16 -12.48 -36.72 66.48
C PRO A 16 -12.47 -36.00 65.12
N ALA A 17 -13.40 -35.05 64.92
CA ALA A 17 -13.43 -34.22 63.71
C ALA A 17 -12.22 -33.27 63.67
N LEU A 18 -11.66 -33.01 64.85
CA LEU A 18 -10.43 -32.23 65.00
C LEU A 18 -9.19 -33.11 65.16
N GLU A 19 -9.27 -34.33 64.62
CA GLU A 19 -8.12 -35.24 64.56
C GLU A 19 -7.04 -34.62 63.65
N GLY A 20 -5.89 -34.30 64.24
CA GLY A 20 -4.76 -33.76 63.48
C GLY A 20 -4.87 -32.29 63.09
N ALA A 21 -5.85 -31.59 63.66
CA ALA A 21 -6.07 -30.18 63.38
C ALA A 21 -5.52 -29.30 64.50
N VAL A 22 -5.14 -28.08 64.16
CA VAL A 22 -4.79 -27.08 65.17
C VAL A 22 -5.99 -26.17 65.37
N SER A 23 -6.25 -25.78 66.60
CA SER A 23 -7.40 -24.96 66.93
C SER A 23 -7.07 -23.84 67.89
N GLY A 24 -7.30 -22.62 67.42
CA GLY A 24 -7.20 -21.43 68.23
C GLY A 24 -8.58 -21.11 68.77
N VAL A 25 -8.72 -21.22 70.09
CA VAL A 25 -9.98 -20.98 70.77
C VAL A 25 -9.71 -20.03 71.92
N VAL A 26 -10.31 -18.85 71.86
CA VAL A 26 -10.15 -17.82 72.87
C VAL A 26 -11.51 -17.20 73.18
N VAL A 27 -11.81 -17.05 74.46
CA VAL A 27 -13.04 -16.43 74.93
C VAL A 27 -12.67 -15.37 75.96
N VAL A 28 -13.12 -14.15 75.70
CA VAL A 28 -12.84 -13.02 76.56
C VAL A 28 -14.13 -12.32 76.93
N ASP A 29 -14.30 -12.04 78.22
CA ASP A 29 -15.35 -11.15 78.69
C ASP A 29 -14.96 -9.72 78.31
N THR A 30 -15.75 -9.09 77.45
CA THR A 30 -15.39 -7.79 76.90
C THR A 30 -15.59 -6.64 77.90
N ALA A 31 -16.38 -6.90 78.94
CA ALA A 31 -16.63 -5.93 80.01
C ALA A 31 -15.47 -5.85 81.01
N THR A 32 -14.85 -7.00 81.28
CA THR A 32 -13.79 -7.07 82.28
C THR A 32 -12.42 -7.18 81.62
N GLY A 33 -12.35 -7.89 80.50
CA GLY A 33 -11.08 -8.26 79.90
C GLY A 33 -10.62 -9.62 80.38
N GLU A 34 -11.42 -10.22 81.27
CA GLU A 34 -11.10 -11.55 81.80
C GLU A 34 -11.02 -12.59 80.69
N GLU A 35 -9.93 -13.34 80.68
CA GLU A 35 -9.75 -14.44 79.74
C GLU A 35 -10.51 -15.65 80.25
N LEU A 36 -11.69 -15.89 79.69
CA LEU A 36 -12.53 -17.04 80.08
C LEU A 36 -11.97 -18.37 79.60
N TYR A 37 -11.41 -18.39 78.39
CA TYR A 37 -10.81 -19.58 77.81
C TYR A 37 -9.75 -19.20 76.78
N SER A 38 -8.63 -19.89 76.81
CA SER A 38 -7.54 -19.64 75.85
C SER A 38 -6.74 -20.91 75.60
N ARG A 39 -6.87 -21.45 74.39
CA ARG A 39 -6.04 -22.55 73.91
C ARG A 39 -5.44 -22.20 72.54
N ASP A 40 -4.12 -22.34 72.44
CA ASP A 40 -3.38 -22.07 71.21
C ASP A 40 -3.79 -20.73 70.60
N GLY A 41 -3.95 -19.73 71.47
CA GLY A 41 -4.46 -18.40 71.10
C GLY A 41 -3.49 -17.59 70.27
N GLY A 42 -2.20 -17.84 70.46
CA GLY A 42 -1.13 -17.16 69.75
C GLY A 42 -0.71 -17.87 68.48
N GLU A 43 -1.30 -19.03 68.22
CA GLU A 43 -0.94 -19.83 67.04
C GLU A 43 -1.43 -19.20 65.74
N GLN A 44 -0.55 -19.15 64.75
CA GLN A 44 -0.89 -18.54 63.48
C GLN A 44 -1.63 -19.54 62.61
N LEU A 45 -2.80 -19.13 62.11
CA LEU A 45 -3.68 -20.02 61.36
C LEU A 45 -4.37 -19.25 60.24
N LEU A 46 -4.72 -19.93 59.16
CA LEU A 46 -5.54 -19.31 58.12
C LEU A 46 -6.92 -19.01 58.69
N PRO A 47 -7.46 -17.80 58.42
CA PRO A 47 -8.77 -17.44 58.97
C PRO A 47 -9.94 -17.75 58.03
N ALA A 48 -9.63 -18.07 56.77
CA ALA A 48 -10.66 -18.09 55.75
C ALA A 48 -11.43 -16.77 55.85
N SER A 49 -12.75 -16.82 55.72
CA SER A 49 -13.61 -15.63 55.74
C SER A 49 -13.56 -14.74 56.99
N ASN A 50 -12.98 -15.24 58.09
CA ASN A 50 -12.78 -14.39 59.26
C ASN A 50 -11.87 -13.19 59.00
N MET A 51 -11.05 -13.27 57.95
CA MET A 51 -10.30 -12.14 57.45
C MET A 51 -11.21 -10.94 57.18
N LYS A 52 -12.46 -11.21 56.80
CA LYS A 52 -13.43 -10.12 56.59
C LYS A 52 -13.65 -9.24 57.81
N LEU A 53 -13.51 -9.80 59.00
CA LEU A 53 -13.60 -9.05 60.24
C LEU A 53 -12.59 -7.90 60.26
N PHE A 54 -11.37 -8.18 59.83
CA PHE A 54 -10.32 -7.19 59.81
C PHE A 54 -10.57 -6.16 58.71
N THR A 55 -10.94 -6.67 57.53
CA THR A 55 -11.30 -5.82 56.43
C THR A 55 -12.46 -4.89 56.80
N ALA A 56 -13.53 -5.43 57.39
CA ALA A 56 -14.71 -4.63 57.72
C ALA A 56 -14.38 -3.54 58.74
N ALA A 57 -13.65 -3.92 59.80
CA ALA A 57 -13.21 -2.96 60.81
C ALA A 57 -12.39 -1.85 60.18
N ALA A 58 -11.31 -2.24 59.49
CA ALA A 58 -10.48 -1.26 58.76
C ALA A 58 -11.28 -0.36 57.82
N ALA A 59 -12.23 -0.92 57.07
CA ALA A 59 -12.99 -0.14 56.09
C ALA A 59 -13.86 0.88 56.78
N LEU A 60 -14.43 0.49 57.92
CA LEU A 60 -15.18 1.41 58.74
C LEU A 60 -14.31 2.50 59.33
N GLU A 61 -13.08 2.13 59.72
CA GLU A 61 -12.10 3.07 60.29
C GLU A 61 -11.63 4.05 59.25
N VAL A 62 -11.27 3.53 58.07
CA VAL A 62 -10.67 4.33 57.01
C VAL A 62 -11.70 5.15 56.24
N LEU A 63 -12.77 4.49 55.82
CA LEU A 63 -13.75 5.09 54.93
C LEU A 63 -14.89 5.75 55.69
N GLY A 64 -15.18 5.24 56.89
CA GLY A 64 -16.29 5.76 57.68
C GLY A 64 -17.57 5.03 57.31
N ALA A 65 -18.46 4.87 58.30
CA ALA A 65 -19.78 4.28 58.12
C ALA A 65 -20.63 5.01 57.07
N ASP A 66 -20.37 6.31 56.90
CA ASP A 66 -21.16 7.15 56.00
C ASP A 66 -20.58 7.18 54.58
N HIS A 67 -19.49 6.46 54.38
CA HIS A 67 -18.85 6.44 53.06
C HIS A 67 -19.77 5.79 52.03
N SER A 68 -19.85 6.41 50.87
CA SER A 68 -20.59 5.84 49.76
C SER A 68 -19.70 5.88 48.53
N PHE A 69 -20.11 5.16 47.49
CA PHE A 69 -19.30 5.01 46.29
C PHE A 69 -20.00 5.57 45.07
N GLY A 70 -19.22 6.16 44.17
CA GLY A 70 -19.76 6.83 43.00
C GLY A 70 -19.46 6.13 41.70
N THR A 71 -20.36 6.32 40.75
CA THR A 71 -20.19 5.90 39.37
C THR A 71 -20.74 7.03 38.53
N GLU A 72 -20.08 7.35 37.43
CA GLU A 72 -20.56 8.46 36.61
C GLU A 72 -20.33 8.18 35.14
N VAL A 73 -20.96 8.99 34.29
CA VAL A 73 -20.80 8.89 32.86
C VAL A 73 -20.28 10.23 32.31
N ALA A 74 -19.22 10.18 31.51
CA ALA A 74 -18.57 11.40 31.06
C ALA A 74 -18.36 11.42 29.56
N ALA A 75 -18.66 12.58 28.98
CA ALA A 75 -18.31 12.87 27.59
C ALA A 75 -17.35 14.06 27.60
N GLU A 76 -16.62 14.27 26.50
CA GLU A 76 -15.61 15.34 26.47
C GLU A 76 -16.27 16.70 26.58
N SER A 77 -17.49 16.77 26.08
CA SER A 77 -18.30 17.97 26.25
C SER A 77 -19.77 17.55 26.26
N ALA A 78 -20.62 18.43 26.79
CA ALA A 78 -22.07 18.23 26.78
C ALA A 78 -22.61 18.10 25.35
N PRO A 79 -23.76 17.43 25.20
CA PRO A 79 -24.40 17.31 23.88
C PRO A 79 -24.90 18.69 23.39
N GLY A 80 -24.81 18.92 22.09
CA GLY A 80 -25.28 20.20 21.53
C GLY A 80 -26.68 20.15 20.96
N ARG A 81 -26.91 21.00 19.97
CA ARG A 81 -28.16 21.07 19.22
C ARG A 81 -28.59 19.67 18.80
N ARG A 82 -27.68 19.00 18.09
CA ARG A 82 -27.92 17.69 17.49
C ARG A 82 -28.02 16.61 18.55
N GLY A 83 -27.67 16.95 19.78
CA GLY A 83 -27.65 15.99 20.89
C GLY A 83 -26.61 14.91 20.66
N GLU A 84 -25.44 15.31 20.18
CA GLU A 84 -24.39 14.36 19.87
C GLU A 84 -23.20 14.48 20.80
N VAL A 85 -22.59 13.34 21.10
CA VAL A 85 -21.33 13.29 21.82
C VAL A 85 -20.46 12.35 21.03
N GLN A 86 -19.16 12.41 21.27
CA GLN A 86 -18.28 11.53 20.56
C GLN A 86 -18.09 10.23 21.36
N ASP A 87 -16.97 10.07 22.05
CA ASP A 87 -16.77 8.93 22.94
C ASP A 87 -17.49 9.18 24.26
N LEU A 88 -17.74 8.11 25.00
CA LEU A 88 -18.47 8.16 26.24
C LEU A 88 -17.82 7.21 27.22
N TYR A 89 -17.70 7.65 28.47
CA TYR A 89 -17.02 6.89 29.51
C TYR A 89 -17.97 6.60 30.65
N LEU A 90 -18.12 5.32 30.97
CA LEU A 90 -18.73 4.89 32.21
C LEU A 90 -17.62 4.70 33.20
N VAL A 91 -17.65 5.47 34.28
CA VAL A 91 -16.53 5.50 35.21
C VAL A 91 -16.95 4.94 36.55
N GLY A 92 -16.28 3.86 36.95
CA GLY A 92 -16.57 3.22 38.23
C GLY A 92 -15.55 3.65 39.26
N ARG A 93 -16.04 4.09 40.41
CA ARG A 93 -15.15 4.29 41.55
C ARG A 93 -15.42 3.33 42.70
N GLY A 94 -15.50 2.05 42.37
CA GLY A 94 -15.47 1.01 43.39
C GLY A 94 -16.75 0.75 44.14
N ASP A 95 -17.89 1.02 43.49
CA ASP A 95 -19.20 0.69 44.06
C ASP A 95 -19.43 -0.83 43.94
N PRO A 96 -19.53 -1.52 45.10
CA PRO A 96 -19.69 -2.98 45.04
C PRO A 96 -21.15 -3.43 44.98
N THR A 97 -22.05 -2.46 44.78
CA THR A 97 -23.49 -2.67 44.80
C THR A 97 -24.14 -1.97 43.62
N LEU A 98 -23.38 -1.81 42.54
CA LEU A 98 -23.86 -1.16 41.36
C LEU A 98 -24.69 -2.15 40.51
N SER A 99 -25.97 -1.85 40.32
CA SER A 99 -26.85 -2.81 39.63
C SER A 99 -27.09 -2.44 38.17
N ALA A 100 -27.64 -3.39 37.42
CA ALA A 100 -28.12 -3.12 36.06
C ALA A 100 -29.18 -2.01 36.09
N GLU A 101 -29.98 -2.01 37.16
CA GLU A 101 -31.00 -0.99 37.37
C GLU A 101 -30.36 0.40 37.48
N ASP A 102 -29.36 0.52 38.36
CA ASP A 102 -28.55 1.74 38.44
C ASP A 102 -27.99 2.15 37.06
N LEU A 103 -27.61 1.17 36.25
CA LEU A 103 -27.10 1.44 34.90
C LEU A 103 -28.23 2.01 34.04
N ASP A 104 -29.42 1.45 34.16
CA ASP A 104 -30.56 1.96 33.41
C ASP A 104 -30.91 3.38 33.86
N ALA A 105 -30.85 3.65 35.17
CA ALA A 105 -31.14 4.99 35.69
C ALA A 105 -30.14 6.02 35.16
N MET A 106 -28.91 5.59 34.92
CA MET A 106 -27.86 6.49 34.44
C MET A 106 -27.99 6.68 32.94
N ALA A 107 -28.37 5.61 32.28
CA ALA A 107 -28.70 5.66 30.86
C ALA A 107 -29.82 6.67 30.61
N ALA A 108 -30.82 6.70 31.49
CA ALA A 108 -31.92 7.66 31.36
C ALA A 108 -31.43 9.10 31.59
N GLU A 109 -30.51 9.27 32.56
CA GLU A 109 -29.90 10.57 32.82
C GLU A 109 -29.14 11.05 31.60
N VAL A 110 -28.37 10.15 30.99
CA VAL A 110 -27.67 10.48 29.75
C VAL A 110 -28.67 10.96 28.70
N ALA A 111 -29.71 10.16 28.48
CA ALA A 111 -30.81 10.52 27.58
C ALA A 111 -31.37 11.91 27.92
N ALA A 112 -31.80 12.08 29.17
CA ALA A 112 -32.43 13.31 29.63
C ALA A 112 -31.50 14.53 29.62
N SER A 113 -30.18 14.32 29.57
CA SER A 113 -29.26 15.44 29.53
C SER A 113 -29.07 15.92 28.07
N GLY A 114 -29.70 15.22 27.14
CA GLY A 114 -29.77 15.69 25.76
C GLY A 114 -29.01 14.85 24.78
N VAL A 115 -28.37 13.78 25.26
CA VAL A 115 -27.68 12.88 24.36
C VAL A 115 -28.68 11.96 23.66
N ARG A 116 -28.58 11.97 22.34
CA ARG A 116 -29.38 11.12 21.48
C ARG A 116 -28.45 10.11 20.80
N THR A 117 -27.24 10.56 20.49
CA THR A 117 -26.30 9.74 19.76
C THR A 117 -24.92 9.79 20.43
N VAL A 118 -24.38 8.60 20.72
CA VAL A 118 -22.98 8.46 21.04
C VAL A 118 -22.36 8.07 19.71
N ARG A 119 -21.72 9.03 19.06
CA ARG A 119 -21.18 8.85 17.73
C ARG A 119 -19.88 8.06 17.78
N GLY A 120 -19.13 8.24 18.86
CA GLY A 120 -17.91 7.48 19.03
C GLY A 120 -18.15 6.18 19.76
N ASP A 121 -17.19 5.80 20.58
CA ASP A 121 -17.21 4.53 21.28
C ASP A 121 -17.59 4.69 22.74
N LEU A 122 -18.09 3.62 23.35
CA LEU A 122 -18.36 3.59 24.77
C LEU A 122 -17.25 2.86 25.51
N TYR A 123 -16.68 3.53 26.50
CA TYR A 123 -15.56 2.99 27.22
C TYR A 123 -15.92 2.76 28.66
N ALA A 124 -15.41 1.66 29.21
CA ALA A 124 -15.66 1.33 30.59
C ALA A 124 -14.37 1.59 31.32
N ASP A 125 -14.46 2.51 32.29
CA ASP A 125 -13.31 3.03 33.01
C ASP A 125 -13.33 2.49 34.43
N ASP A 126 -12.38 1.61 34.72
CA ASP A 126 -12.25 1.04 36.05
C ASP A 126 -10.86 1.33 36.60
N THR A 127 -10.25 2.38 36.06
CA THR A 127 -8.88 2.76 36.40
C THR A 127 -8.74 3.27 37.84
N TRP A 128 -9.84 3.62 38.49
CA TRP A 128 -9.87 3.93 39.94
C TRP A 128 -9.18 2.84 40.79
N PHE A 129 -9.29 1.58 40.34
CA PHE A 129 -8.47 0.51 40.92
C PHE A 129 -7.49 0.07 39.84
N ASP A 130 -6.40 -0.58 40.26
CA ASP A 130 -5.48 -1.18 39.30
C ASP A 130 -6.23 -2.30 38.58
N SER A 131 -5.60 -2.87 37.56
CA SER A 131 -6.24 -3.92 36.81
C SER A 131 -5.79 -5.32 37.26
N GLU A 132 -5.31 -5.45 38.49
CA GLU A 132 -4.93 -6.76 39.04
C GLU A 132 -6.23 -7.42 39.46
N ARG A 133 -6.73 -8.30 38.61
CA ARG A 133 -8.06 -8.88 38.80
C ARG A 133 -8.14 -9.89 39.94
N LEU A 134 -7.04 -10.62 40.18
CA LEU A 134 -7.06 -11.75 41.12
C LEU A 134 -5.82 -11.71 42.00
N VAL A 135 -5.97 -12.09 43.26
CA VAL A 135 -4.81 -12.19 44.15
C VAL A 135 -3.90 -13.30 43.61
N ASP A 136 -2.59 -13.06 43.65
CA ASP A 136 -1.60 -14.01 43.13
C ASP A 136 -1.90 -15.48 43.51
N ASP A 137 -2.03 -15.72 44.81
CA ASP A 137 -2.08 -17.08 45.34
C ASP A 137 -3.47 -17.72 45.36
N TRP A 138 -4.47 -17.02 44.81
CA TRP A 138 -5.81 -17.55 44.59
C TRP A 138 -5.72 -18.63 43.53
N TRP A 139 -6.60 -19.63 43.62
CA TRP A 139 -6.53 -20.81 42.77
C TRP A 139 -7.35 -20.61 41.48
N PRO A 140 -6.71 -20.83 40.32
CA PRO A 140 -7.38 -20.61 39.03
C PRO A 140 -8.61 -21.45 38.80
N GLU A 141 -8.71 -22.59 39.45
CA GLU A 141 -9.87 -23.47 39.29
C GLU A 141 -11.10 -22.89 39.97
N ASP A 142 -10.87 -22.00 40.94
CA ASP A 142 -11.93 -21.24 41.62
C ASP A 142 -12.53 -20.13 40.76
N GLU A 143 -11.80 -19.71 39.72
CA GLU A 143 -12.17 -18.52 38.94
C GLU A 143 -13.60 -18.42 38.36
N PRO A 144 -14.20 -19.55 37.92
CA PRO A 144 -15.57 -19.50 37.42
C PRO A 144 -16.63 -19.11 38.46
N TYR A 145 -16.30 -19.21 39.75
CA TYR A 145 -17.32 -19.17 40.82
C TYR A 145 -17.41 -17.80 41.47
N ALA A 146 -18.63 -17.41 41.82
CA ALA A 146 -18.95 -16.05 42.24
C ALA A 146 -18.00 -15.48 43.28
N TYR A 147 -17.57 -16.32 44.21
CA TYR A 147 -16.70 -15.90 45.30
C TYR A 147 -15.26 -15.61 44.84
N SER A 148 -14.96 -15.96 43.60
CA SER A 148 -13.66 -15.68 43.00
C SER A 148 -13.75 -14.71 41.81
N ALA A 149 -14.80 -13.89 41.80
CA ALA A 149 -14.98 -12.89 40.74
C ALA A 149 -13.78 -11.95 40.66
N GLN A 150 -13.44 -11.59 39.43
CA GLN A 150 -12.44 -10.57 39.21
C GLN A 150 -12.81 -9.28 39.91
N ILE A 151 -11.78 -8.61 40.40
CA ILE A 151 -11.91 -7.38 41.14
C ILE A 151 -11.72 -6.19 40.21
N SER A 152 -12.69 -5.29 40.21
CA SER A 152 -12.59 -4.10 39.38
C SER A 152 -13.29 -2.97 40.10
N ALA A 153 -12.93 -1.74 39.73
CA ALA A 153 -13.59 -0.56 40.26
C ALA A 153 -14.96 -0.37 39.61
N LEU A 154 -15.14 -1.00 38.45
CA LEU A 154 -16.41 -0.91 37.74
C LEU A 154 -16.86 -2.32 37.54
N THR A 155 -17.88 -2.70 38.29
CA THR A 155 -18.41 -4.04 38.24
C THR A 155 -19.90 -4.00 38.53
N VAL A 156 -20.65 -4.81 37.80
CA VAL A 156 -22.08 -4.89 38.02
C VAL A 156 -22.38 -5.99 39.05
N ALA A 157 -23.13 -5.58 40.09
CA ALA A 157 -23.51 -6.46 41.18
C ALA A 157 -24.86 -7.08 40.89
N HIS A 158 -24.88 -8.41 40.94
CA HIS A 158 -26.10 -9.13 40.71
C HIS A 158 -26.92 -9.31 42.00
N GLY A 159 -28.21 -8.97 41.92
CA GLY A 159 -29.17 -9.30 42.97
C GLY A 159 -29.11 -8.46 44.23
N GLU A 160 -29.99 -8.79 45.17
CA GLU A 160 -30.03 -8.12 46.48
C GLU A 160 -28.81 -8.44 47.33
N ARG A 161 -28.08 -9.50 46.96
CA ARG A 161 -26.84 -9.81 47.66
C ARG A 161 -25.66 -9.10 47.04
N PHE A 162 -25.86 -8.52 45.86
CA PHE A 162 -24.81 -7.75 45.18
C PHE A 162 -23.56 -8.59 45.00
N ASP A 163 -23.72 -9.71 44.31
CA ASP A 163 -22.60 -10.53 43.90
C ASP A 163 -22.01 -9.89 42.67
N THR A 164 -20.76 -9.47 42.77
CA THR A 164 -20.14 -8.71 41.69
C THR A 164 -19.47 -9.57 40.63
N GLY A 165 -19.38 -9.00 39.43
CA GLY A 165 -18.55 -9.52 38.36
C GLY A 165 -19.00 -10.86 37.84
N VAL A 166 -20.29 -11.14 38.03
CA VAL A 166 -20.86 -12.41 37.64
C VAL A 166 -22.09 -12.21 36.77
N THR A 167 -22.48 -13.31 36.13
CA THR A 167 -23.71 -13.34 35.37
C THR A 167 -24.49 -14.57 35.82
N GLU A 168 -25.80 -14.53 35.66
CA GLU A 168 -26.59 -15.66 36.03
C GLU A 168 -26.87 -16.53 34.82
N VAL A 169 -26.39 -17.77 34.87
CA VAL A 169 -26.58 -18.71 33.80
C VAL A 169 -27.78 -19.56 34.15
N SER A 170 -28.75 -19.60 33.23
CA SER A 170 -29.95 -20.41 33.39
C SER A 170 -29.99 -21.49 32.34
N VAL A 171 -30.12 -22.72 32.80
CA VAL A 171 -30.16 -23.86 31.91
C VAL A 171 -31.50 -24.54 32.08
N THR A 172 -32.21 -24.66 30.97
CA THR A 172 -33.56 -25.12 30.96
C THR A 172 -33.56 -26.33 30.06
N PRO A 173 -34.23 -27.41 30.49
CA PRO A 173 -34.25 -28.59 29.64
C PRO A 173 -35.21 -28.39 28.47
N ALA A 174 -34.88 -28.98 27.33
CA ALA A 174 -35.77 -28.94 26.20
C ALA A 174 -36.40 -30.33 26.08
N ALA A 175 -36.59 -30.82 24.87
CA ALA A 175 -37.05 -32.19 24.70
C ALA A 175 -35.84 -33.12 24.85
N GLU A 176 -36.07 -34.32 25.38
CA GLU A 176 -35.02 -35.35 25.45
C GLU A 176 -34.21 -35.44 24.15
N GLY A 177 -32.90 -35.37 24.27
CA GLY A 177 -32.01 -35.48 23.10
C GLY A 177 -31.74 -34.16 22.41
N GLU A 178 -32.51 -33.13 22.74
CA GLU A 178 -32.22 -31.80 22.25
C GLU A 178 -31.24 -31.10 23.18
N PRO A 179 -30.43 -30.18 22.63
CA PRO A 179 -29.61 -29.36 23.50
C PRO A 179 -30.43 -28.69 24.61
N ALA A 180 -29.84 -28.60 25.79
CA ALA A 180 -30.42 -27.82 26.86
C ALA A 180 -30.41 -26.36 26.40
N ASP A 181 -31.37 -25.56 26.85
CA ASP A 181 -31.33 -24.13 26.58
C ASP A 181 -30.47 -23.43 27.63
N VAL A 182 -29.44 -22.76 27.17
CA VAL A 182 -28.58 -21.97 28.05
C VAL A 182 -28.81 -20.48 27.82
N ASP A 183 -29.30 -19.83 28.86
CA ASP A 183 -29.45 -18.40 28.89
C ASP A 183 -28.29 -17.87 29.74
N LEU A 184 -27.51 -16.95 29.18
CA LEU A 184 -26.33 -16.43 29.85
C LEU A 184 -26.58 -15.26 30.79
N GLY A 185 -27.81 -14.77 30.82
CA GLY A 185 -28.16 -13.63 31.68
C GLY A 185 -27.51 -12.38 31.14
N ALA A 186 -26.95 -11.57 32.03
CA ALA A 186 -26.36 -10.27 31.70
C ALA A 186 -25.27 -10.38 30.65
N ALA A 187 -24.55 -11.48 30.66
CA ALA A 187 -23.43 -11.64 29.77
C ALA A 187 -23.84 -12.17 28.39
N GLU A 188 -25.15 -12.28 28.13
CA GLU A 188 -25.65 -12.48 26.77
C GLU A 188 -25.09 -11.36 25.91
N GLY A 189 -24.40 -11.71 24.82
CA GLY A 189 -23.79 -10.74 23.94
C GLY A 189 -22.41 -10.31 24.39
N TYR A 190 -22.03 -10.72 25.60
CA TYR A 190 -20.73 -10.42 26.14
C TYR A 190 -19.89 -11.68 26.17
N ALA A 191 -20.20 -12.60 27.08
CA ALA A 191 -19.46 -13.84 27.20
C ALA A 191 -19.78 -14.78 26.03
N GLU A 192 -18.86 -15.68 25.75
CA GLU A 192 -19.03 -16.70 24.73
C GLU A 192 -19.83 -17.87 25.29
N LEU A 193 -20.69 -18.44 24.46
CA LEU A 193 -21.41 -19.68 24.78
C LEU A 193 -20.77 -20.91 24.11
N ASP A 194 -20.42 -21.90 24.92
CA ASP A 194 -20.06 -23.23 24.41
C ASP A 194 -21.00 -24.27 25.02
N ASN A 195 -22.21 -24.34 24.47
CA ASN A 195 -23.22 -25.25 24.98
C ASN A 195 -23.08 -26.63 24.33
N ARG A 196 -22.57 -27.58 25.12
CA ARG A 196 -22.47 -28.99 24.73
C ARG A 196 -23.45 -29.83 25.53
N ALA A 197 -24.30 -29.17 26.33
CA ALA A 197 -25.23 -29.89 27.20
C ALA A 197 -26.51 -30.33 26.49
N VAL A 198 -27.05 -31.46 26.93
CA VAL A 198 -28.17 -32.09 26.29
C VAL A 198 -29.28 -32.24 27.32
N THR A 199 -30.49 -32.47 26.83
CA THR A 199 -31.58 -32.81 27.70
C THR A 199 -31.62 -34.31 27.76
N GLY A 200 -31.45 -34.85 28.96
CA GLY A 200 -31.52 -36.28 29.17
C GLY A 200 -32.96 -36.65 29.23
N ALA A 201 -33.23 -37.95 29.24
CA ALA A 201 -34.57 -38.46 29.45
C ALA A 201 -35.08 -37.95 30.78
N ALA A 202 -36.39 -37.79 30.89
CA ALA A 202 -37.05 -37.58 32.17
C ALA A 202 -36.61 -38.66 33.17
N GLY A 203 -36.28 -38.25 34.38
CA GLY A 203 -35.88 -39.20 35.42
C GLY A 203 -34.40 -39.56 35.38
N SER A 204 -33.71 -39.14 34.32
CA SER A 204 -32.28 -39.42 34.21
C SER A 204 -31.49 -38.54 35.18
N ALA A 205 -30.20 -38.81 35.29
CA ALA A 205 -29.34 -38.13 36.25
C ALA A 205 -28.93 -36.75 35.73
N ASN A 206 -28.99 -35.76 36.60
CA ASN A 206 -28.49 -34.42 36.32
C ASN A 206 -26.97 -34.41 36.42
N THR A 207 -26.28 -34.19 35.30
CA THR A 207 -24.85 -34.14 35.30
C THR A 207 -24.36 -32.80 34.75
N LEU A 208 -25.23 -31.80 34.76
CA LEU A 208 -24.93 -30.51 34.18
C LEU A 208 -23.74 -29.82 34.85
N VAL A 209 -22.75 -29.44 34.05
CA VAL A 209 -21.63 -28.64 34.53
C VAL A 209 -21.56 -27.32 33.77
N ILE A 210 -21.45 -26.23 34.53
CA ILE A 210 -21.30 -24.89 33.98
C ILE A 210 -19.93 -24.38 34.39
N ASP A 211 -19.07 -24.17 33.39
CA ASP A 211 -17.71 -23.76 33.60
C ASP A 211 -17.44 -22.48 32.81
N ARG A 212 -16.37 -21.80 33.21
CA ARG A 212 -15.72 -20.81 32.38
C ARG A 212 -14.27 -21.25 32.33
N PRO A 213 -13.85 -21.91 31.23
CA PRO A 213 -12.47 -22.43 31.19
C PRO A 213 -11.46 -21.30 31.42
N VAL A 214 -10.36 -21.63 32.09
CA VAL A 214 -9.44 -20.63 32.60
C VAL A 214 -8.91 -19.80 31.44
N GLY A 215 -8.91 -18.48 31.63
CA GLY A 215 -8.34 -17.58 30.63
C GLY A 215 -9.21 -17.37 29.41
N THR A 216 -10.48 -17.76 29.51
CA THR A 216 -11.43 -17.46 28.46
C THR A 216 -12.58 -16.68 29.06
N ASN A 217 -13.41 -16.13 28.20
CA ASN A 217 -14.67 -15.51 28.58
C ASN A 217 -15.75 -16.33 27.89
N THR A 218 -15.57 -17.65 27.97
CA THR A 218 -16.54 -18.60 27.45
C THR A 218 -17.26 -19.32 28.60
N ILE A 219 -18.57 -19.37 28.53
CA ILE A 219 -19.31 -20.23 29.47
C ILE A 219 -19.48 -21.59 28.78
N ALA A 220 -18.84 -22.61 29.33
CA ALA A 220 -18.89 -23.93 28.73
C ALA A 220 -19.87 -24.76 29.52
N VAL A 221 -20.93 -25.20 28.84
CA VAL A 221 -21.92 -26.00 29.50
C VAL A 221 -21.86 -27.41 28.93
N THR A 222 -21.70 -28.37 29.83
CA THR A 222 -21.57 -29.77 29.45
C THR A 222 -22.48 -30.58 30.33
N GLY A 223 -22.72 -31.81 29.91
CA GLY A 223 -23.51 -32.73 30.68
C GLY A 223 -24.92 -32.80 30.17
N SER A 224 -25.78 -33.32 31.02
CA SER A 224 -27.14 -33.58 30.67
C SER A 224 -28.05 -33.11 31.80
N LEU A 225 -29.18 -32.54 31.39
CA LEU A 225 -30.21 -32.07 32.29
C LEU A 225 -31.45 -32.89 31.98
N PRO A 226 -32.07 -33.50 33.01
CA PRO A 226 -33.27 -34.34 32.78
C PRO A 226 -34.46 -33.53 32.21
N ALA A 227 -35.21 -34.12 31.28
CA ALA A 227 -36.31 -33.42 30.61
C ALA A 227 -37.28 -32.78 31.59
N ASP A 228 -37.40 -33.41 32.76
CA ASP A 228 -38.37 -33.01 33.77
C ASP A 228 -37.71 -32.22 34.91
N ALA A 229 -36.44 -31.89 34.75
CA ALA A 229 -35.76 -31.13 35.78
C ALA A 229 -36.21 -29.68 35.81
N ALA A 230 -36.22 -29.11 37.00
CA ALA A 230 -36.37 -27.66 37.16
C ALA A 230 -35.20 -26.98 36.46
N PRO A 231 -35.41 -25.75 35.94
CA PRO A 231 -34.27 -24.99 35.39
C PRO A 231 -33.15 -24.89 36.41
N VAL A 232 -31.91 -24.88 35.92
CA VAL A 232 -30.73 -24.73 36.75
C VAL A 232 -30.25 -23.28 36.64
N THR A 233 -29.95 -22.65 37.78
CA THR A 233 -29.29 -21.33 37.75
C THR A 233 -28.01 -21.31 38.56
N ALA A 234 -26.97 -20.79 37.93
CA ALA A 234 -25.68 -20.68 38.59
C ALA A 234 -25.09 -19.31 38.34
N LEU A 235 -24.48 -18.74 39.37
CA LEU A 235 -23.69 -17.53 39.20
C LEU A 235 -22.33 -17.92 38.65
N ARG A 236 -21.99 -17.36 37.50
CA ARG A 236 -20.67 -17.56 36.95
C ARG A 236 -19.99 -16.22 36.66
N THR A 237 -18.72 -16.14 37.05
CA THR A 237 -17.91 -14.97 36.79
C THR A 237 -17.70 -14.75 35.31
N VAL A 238 -17.38 -13.52 34.95
CA VAL A 238 -16.91 -13.21 33.63
C VAL A 238 -15.52 -12.59 33.70
N ASP A 239 -14.81 -12.67 32.59
CA ASP A 239 -13.61 -11.89 32.39
C ASP A 239 -14.00 -10.41 32.27
N GLU A 240 -13.22 -9.56 32.95
CA GLU A 240 -13.34 -8.10 32.79
C GLU A 240 -14.73 -7.59 33.14
N PRO A 241 -15.05 -7.58 34.44
CA PRO A 241 -16.32 -7.07 34.91
C PRO A 241 -16.66 -5.69 34.33
N ALA A 242 -15.65 -4.83 34.15
CA ALA A 242 -15.92 -3.46 33.68
C ALA A 242 -16.47 -3.48 32.27
N ALA A 243 -15.93 -4.37 31.44
CA ALA A 243 -16.38 -4.53 30.06
C ALA A 243 -17.78 -5.13 29.95
N LEU A 244 -18.16 -5.94 30.95
CA LEU A 244 -19.54 -6.40 31.02
C LEU A 244 -20.42 -5.21 31.42
N ALA A 245 -19.98 -4.42 32.39
CA ALA A 245 -20.66 -3.19 32.77
C ALA A 245 -20.82 -2.28 31.54
N GLY A 246 -19.76 -2.19 30.75
CA GLY A 246 -19.78 -1.42 29.51
C GLY A 246 -20.86 -1.94 28.58
N HIS A 247 -20.83 -3.25 28.35
CA HIS A 247 -21.81 -3.92 27.50
C HIS A 247 -23.25 -3.66 27.99
N LEU A 248 -23.48 -3.81 29.29
CA LEU A 248 -24.80 -3.63 29.87
C LEU A 248 -25.27 -2.19 29.76
N PHE A 249 -24.33 -1.26 29.95
CA PHE A 249 -24.63 0.16 29.82
C PHE A 249 -24.93 0.54 28.37
N GLU A 250 -24.22 -0.08 27.43
CA GLU A 250 -24.51 0.09 26.02
C GLU A 250 -25.99 -0.25 25.76
N GLU A 251 -26.43 -1.41 26.28
CA GLU A 251 -27.82 -1.82 26.13
C GLU A 251 -28.75 -0.87 26.85
N ALA A 252 -28.35 -0.39 28.02
CA ALA A 252 -29.18 0.54 28.77
C ALA A 252 -29.38 1.84 27.99
N LEU A 253 -28.32 2.29 27.32
CA LEU A 253 -28.37 3.50 26.48
C LEU A 253 -29.36 3.33 25.33
N GLU A 254 -29.18 2.25 24.58
CA GLU A 254 -30.07 1.94 23.47
C GLU A 254 -31.52 1.82 23.93
N SER A 255 -31.69 1.29 25.14
CA SER A 255 -32.99 1.13 25.76
C SER A 255 -33.64 2.48 26.14
N ASN A 256 -32.81 3.50 26.39
CA ASN A 256 -33.32 4.82 26.77
C ASN A 256 -33.23 5.83 25.62
N GLY A 257 -33.13 5.29 24.40
CA GLY A 257 -33.17 6.08 23.18
C GLY A 257 -31.85 6.69 22.77
N VAL A 258 -30.75 6.15 23.29
CA VAL A 258 -29.42 6.64 22.97
C VAL A 258 -28.72 5.65 22.05
N THR A 259 -28.47 6.09 20.81
CA THR A 259 -27.87 5.24 19.80
C THR A 259 -26.35 5.26 19.98
N VAL A 260 -25.74 4.08 20.09
CA VAL A 260 -24.28 3.99 20.25
C VAL A 260 -23.71 3.42 18.97
N LYS A 261 -22.96 4.25 18.26
CA LYS A 261 -22.50 3.94 16.92
C LYS A 261 -21.19 3.14 16.94
N GLY A 262 -20.33 3.45 17.91
CA GLY A 262 -19.02 2.83 18.00
C GLY A 262 -19.00 1.50 18.72
N ASP A 263 -17.86 1.20 19.34
CA ASP A 263 -17.62 -0.06 20.02
C ASP A 263 -17.64 0.13 21.53
N VAL A 264 -17.66 -0.99 22.27
CA VAL A 264 -17.63 -0.97 23.72
C VAL A 264 -16.34 -1.63 24.13
N GLY A 265 -15.58 -0.97 24.99
CA GLY A 265 -14.31 -1.52 25.44
C GLY A 265 -13.88 -0.91 26.75
N LEU A 266 -12.67 -1.29 27.19
CA LEU A 266 -12.06 -0.67 28.34
C LEU A 266 -11.25 0.51 27.85
N GLY A 267 -11.13 1.52 28.70
CA GLY A 267 -10.32 2.68 28.45
C GLY A 267 -10.62 3.62 29.59
N GLY A 268 -9.66 4.48 29.92
CA GLY A 268 -9.86 5.46 30.98
C GLY A 268 -10.09 6.81 30.34
N VAL A 269 -10.80 7.68 31.06
CA VAL A 269 -11.01 9.07 30.65
C VAL A 269 -9.67 9.66 30.28
N PRO A 270 -9.51 10.15 29.02
CA PRO A 270 -8.17 10.60 28.65
C PRO A 270 -7.70 11.78 29.48
N ALA A 271 -6.40 11.80 29.75
CA ALA A 271 -5.73 12.93 30.40
C ALA A 271 -6.05 14.27 29.71
N ASP A 272 -6.04 14.28 28.38
CA ASP A 272 -6.25 15.52 27.61
C ASP A 272 -7.70 16.04 27.61
N TRP A 273 -8.56 15.42 28.41
CA TRP A 273 -9.91 15.95 28.59
C TRP A 273 -9.88 17.04 29.65
N GLN A 274 -10.04 18.28 29.21
CA GLN A 274 -9.87 19.43 30.09
C GLN A 274 -10.98 19.62 31.10
N ASP A 275 -12.22 19.49 30.65
CA ASP A 275 -13.36 19.68 31.52
C ASP A 275 -14.46 18.70 31.12
N ALA A 276 -14.24 17.44 31.49
CA ALA A 276 -15.17 16.35 31.23
C ALA A 276 -16.58 16.71 31.65
N GLU A 277 -17.53 16.41 30.78
CA GLU A 277 -18.91 16.67 31.09
C GLU A 277 -19.58 15.42 31.69
N VAL A 278 -19.89 15.49 32.99
CA VAL A 278 -20.59 14.42 33.67
C VAL A 278 -22.07 14.47 33.30
N LEU A 279 -22.50 13.54 32.46
CA LEU A 279 -23.89 13.48 31.97
C LEU A 279 -24.81 12.65 32.86
N ALA A 280 -24.23 11.72 33.62
CA ALA A 280 -24.98 10.89 34.55
C ALA A 280 -24.08 10.49 35.70
N ASP A 281 -24.69 10.30 36.87
CA ASP A 281 -23.96 9.73 37.99
C ASP A 281 -24.89 8.92 38.89
N HIS A 282 -24.27 8.13 39.75
CA HIS A 282 -24.97 7.33 40.73
C HIS A 282 -24.15 7.22 41.99
N THR A 283 -24.84 7.29 43.12
CA THR A 283 -24.20 7.20 44.43
C THR A 283 -24.76 5.99 45.12
N SER A 284 -23.86 5.14 45.62
CA SER A 284 -24.26 3.94 46.33
C SER A 284 -24.86 4.32 47.66
N ALA A 285 -25.46 3.33 48.33
CA ALA A 285 -25.79 3.42 49.73
C ALA A 285 -24.51 3.50 50.55
N GLU A 286 -24.64 3.88 51.81
CA GLU A 286 -23.47 4.07 52.64
C GLU A 286 -22.93 2.74 53.08
N LEU A 287 -21.64 2.76 53.43
CA LEU A 287 -20.90 1.57 53.74
C LEU A 287 -21.58 0.78 54.85
N SER A 288 -22.18 1.49 55.80
CA SER A 288 -22.81 0.84 56.94
C SER A 288 -23.94 -0.09 56.48
N GLU A 289 -24.62 0.28 55.39
CA GLU A 289 -25.64 -0.56 54.76
C GLU A 289 -25.01 -1.65 53.88
N ILE A 290 -23.95 -1.29 53.16
CA ILE A 290 -23.19 -2.25 52.35
C ILE A 290 -22.58 -3.38 53.18
N LEU A 291 -22.24 -3.06 54.43
CA LEU A 291 -21.62 -4.03 55.32
C LEU A 291 -22.49 -5.25 55.56
N VAL A 292 -23.81 -5.06 55.45
CA VAL A 292 -24.78 -6.14 55.71
C VAL A 292 -24.65 -7.30 54.71
N PRO A 293 -24.91 -7.08 53.40
CA PRO A 293 -24.75 -8.22 52.48
C PRO A 293 -23.31 -8.71 52.34
N PHE A 294 -22.35 -7.79 52.50
CA PHE A 294 -20.95 -8.18 52.57
C PHE A 294 -20.70 -9.22 53.67
N MET A 295 -21.03 -8.87 54.91
CA MET A 295 -20.65 -9.70 56.06
C MET A 295 -21.61 -10.84 56.31
N LYS A 296 -22.91 -10.60 56.12
CA LYS A 296 -23.93 -11.65 56.30
C LYS A 296 -23.62 -12.83 55.39
N PHE A 297 -23.35 -12.56 54.12
CA PHE A 297 -23.20 -13.62 53.11
C PHE A 297 -21.76 -13.88 52.76
N SER A 298 -20.87 -13.09 53.36
CA SER A 298 -19.43 -13.24 53.18
C SER A 298 -19.03 -12.97 51.73
N ASN A 299 -19.24 -11.75 51.27
CA ASN A 299 -19.00 -11.44 49.85
C ASN A 299 -17.54 -11.14 49.59
N ASN A 300 -16.83 -12.07 48.92
CA ASN A 300 -15.41 -11.89 48.61
C ASN A 300 -15.07 -10.62 47.79
N GLY A 301 -15.78 -10.38 46.70
CA GLY A 301 -15.57 -9.20 45.86
C GLY A 301 -15.68 -7.91 46.66
N HIS A 302 -16.67 -7.84 47.56
CA HIS A 302 -16.87 -6.68 48.42
C HIS A 302 -15.62 -6.42 49.22
N ALA A 303 -15.12 -7.46 49.86
CA ALA A 303 -13.91 -7.33 50.68
C ALA A 303 -12.77 -6.76 49.86
N GLU A 304 -12.49 -7.38 48.72
CA GLU A 304 -11.36 -6.93 47.91
C GLU A 304 -11.56 -5.48 47.44
N MET A 305 -12.73 -5.18 46.88
CA MET A 305 -13.03 -3.80 46.50
C MET A 305 -12.84 -2.84 47.66
N LEU A 306 -13.22 -3.26 48.86
CA LEU A 306 -13.04 -2.44 50.06
C LEU A 306 -11.58 -2.26 50.43
N VAL A 307 -10.77 -3.31 50.27
CA VAL A 307 -9.32 -3.15 50.42
C VAL A 307 -8.77 -2.11 49.41
N LYS A 308 -9.16 -2.23 48.15
CA LYS A 308 -8.67 -1.25 47.15
C LYS A 308 -9.20 0.17 47.40
N SER A 309 -10.45 0.28 47.85
CA SER A 309 -11.01 1.55 48.28
C SER A 309 -10.23 2.15 49.45
N ILE A 310 -9.81 1.31 50.40
CA ILE A 310 -8.94 1.72 51.48
C ILE A 310 -7.63 2.21 50.89
N GLY A 311 -7.10 1.46 49.92
CA GLY A 311 -5.88 1.83 49.20
C GLY A 311 -6.02 3.21 48.61
N GLN A 312 -7.14 3.41 47.90
CA GLN A 312 -7.47 4.72 47.34
C GLN A 312 -7.55 5.81 48.41
N GLU A 313 -8.24 5.52 49.50
CA GLU A 313 -8.40 6.53 50.54
C GLU A 313 -7.10 6.94 51.24
N THR A 314 -6.26 5.97 51.59
CA THR A 314 -5.06 6.26 52.37
C THR A 314 -3.91 6.72 51.49
N ALA A 315 -3.96 6.35 50.21
CA ALA A 315 -2.80 6.46 49.35
C ALA A 315 -3.09 6.80 47.87
N GLY A 316 -4.37 6.97 47.52
CA GLY A 316 -4.73 7.19 46.11
C GLY A 316 -4.27 6.03 45.26
N ALA A 317 -4.22 4.83 45.84
CA ALA A 317 -3.76 3.66 45.09
C ALA A 317 -4.76 2.54 45.27
N GLY A 318 -5.53 2.27 44.21
CA GLY A 318 -6.61 1.27 44.25
C GLY A 318 -6.03 -0.12 44.08
N THR A 319 -5.37 -0.58 45.14
CA THR A 319 -4.36 -1.61 45.07
C THR A 319 -4.38 -2.49 46.34
N TRP A 320 -4.08 -3.78 46.19
CA TRP A 320 -3.93 -4.67 47.35
C TRP A 320 -2.75 -4.31 48.25
N ASP A 321 -1.58 -4.09 47.65
CA ASP A 321 -0.41 -3.68 48.44
C ASP A 321 -0.75 -2.51 49.33
N ALA A 322 -1.34 -1.47 48.73
CA ALA A 322 -1.63 -0.24 49.48
C ALA A 322 -2.80 -0.44 50.43
N GLY A 323 -3.80 -1.17 49.98
CA GLY A 323 -5.02 -1.37 50.78
C GLY A 323 -4.78 -2.27 51.97
N LEU A 324 -3.95 -3.30 51.77
CA LEU A 324 -3.65 -4.25 52.83
C LEU A 324 -2.82 -3.57 53.91
N VAL A 325 -1.84 -2.76 53.52
CA VAL A 325 -1.13 -1.92 54.49
C VAL A 325 -2.09 -0.98 55.20
N GLY A 326 -3.04 -0.42 54.45
CA GLY A 326 -4.09 0.43 55.02
C GLY A 326 -4.96 -0.30 56.05
N VAL A 327 -5.26 -1.56 55.79
CA VAL A 327 -5.98 -2.39 56.77
C VAL A 327 -5.16 -2.54 58.06
N GLU A 328 -3.91 -2.95 57.89
CA GLU A 328 -2.98 -3.17 58.99
C GLU A 328 -2.83 -1.88 59.81
N GLU A 329 -2.56 -0.76 59.15
CA GLU A 329 -2.45 0.54 59.85
C GLU A 329 -3.73 0.96 60.57
N ALA A 330 -4.89 0.80 59.93
CA ALA A 330 -6.17 1.12 60.55
C ALA A 330 -6.46 0.21 61.76
N LEU A 331 -6.10 -1.06 61.64
CA LEU A 331 -6.22 -1.99 62.77
C LEU A 331 -5.28 -1.62 63.92
N SER A 332 -4.02 -1.31 63.62
CA SER A 332 -3.07 -0.83 64.65
C SER A 332 -3.62 0.41 65.32
N GLY A 333 -4.07 1.37 64.50
CA GLY A 333 -4.62 2.63 64.98
C GLY A 333 -5.82 2.44 65.87
N LEU A 334 -6.40 1.26 65.79
CA LEU A 334 -7.58 0.91 66.58
C LEU A 334 -7.18 0.28 67.93
N GLY A 335 -5.88 0.04 68.12
CA GLY A 335 -5.38 -0.59 69.32
C GLY A 335 -5.13 -2.07 69.15
N VAL A 336 -5.40 -2.59 67.95
CA VAL A 336 -5.19 -4.00 67.66
C VAL A 336 -3.70 -4.28 67.51
N ASP A 337 -3.24 -5.33 68.18
CA ASP A 337 -1.88 -5.80 68.02
C ASP A 337 -1.83 -6.73 66.80
N THR A 338 -1.21 -6.26 65.73
CA THR A 338 -1.24 -6.97 64.45
C THR A 338 0.02 -7.81 64.20
N ALA A 339 0.76 -8.07 65.26
CA ALA A 339 1.99 -8.86 65.19
C ALA A 339 1.83 -10.20 64.48
N GLY A 340 0.71 -10.88 64.76
CA GLY A 340 0.46 -12.21 64.20
C GLY A 340 -0.37 -12.19 62.93
N LEU A 341 -0.69 -11.00 62.44
CA LEU A 341 -1.50 -10.87 61.24
C LEU A 341 -0.62 -10.85 60.03
N VAL A 342 -0.87 -11.78 59.11
CA VAL A 342 -0.33 -11.70 57.77
C VAL A 342 -1.52 -11.44 56.88
N LEU A 343 -1.46 -10.33 56.14
CA LEU A 343 -2.54 -9.91 55.26
C LEU A 343 -2.15 -10.14 53.81
N ASN A 344 -2.88 -11.02 53.13
CA ASN A 344 -2.66 -11.22 51.71
C ASN A 344 -3.88 -10.87 50.87
N ASP A 345 -5.02 -10.67 51.54
CA ASP A 345 -6.23 -10.20 50.86
C ASP A 345 -7.26 -9.79 51.90
N GLY A 346 -8.38 -9.23 51.45
CA GLY A 346 -9.43 -8.80 52.37
C GLY A 346 -10.49 -9.86 52.67
N SER A 347 -10.72 -10.74 51.69
CA SER A 347 -11.79 -11.73 51.80
C SER A 347 -11.45 -12.88 52.72
N GLY A 348 -10.20 -13.32 52.70
CA GLY A 348 -9.80 -14.52 53.41
C GLY A 348 -9.77 -15.71 52.48
N LEU A 349 -10.00 -15.46 51.20
CA LEU A 349 -9.93 -16.49 50.20
C LEU A 349 -8.49 -16.99 50.05
N SER A 350 -7.54 -16.07 50.17
CA SER A 350 -6.12 -16.39 50.01
C SER A 350 -5.59 -17.24 51.14
N ARG A 351 -4.85 -18.28 50.78
CA ARG A 351 -4.22 -19.15 51.76
C ARG A 351 -2.94 -18.55 52.33
N GLY A 352 -2.59 -17.36 51.87
CA GLY A 352 -1.44 -16.62 52.38
C GLY A 352 -1.79 -15.79 53.61
N ASN A 353 -3.06 -15.77 53.98
CA ASN A 353 -3.50 -15.03 55.15
C ASN A 353 -3.15 -15.80 56.43
N LEU A 354 -2.75 -15.09 57.48
CA LEU A 354 -2.65 -15.72 58.79
C LEU A 354 -3.26 -14.82 59.82
N VAL A 355 -3.90 -15.43 60.82
CA VAL A 355 -4.29 -14.71 62.03
C VAL A 355 -3.91 -15.53 63.25
N THR A 356 -4.20 -15.00 64.44
CA THR A 356 -4.24 -15.82 65.64
C THR A 356 -5.60 -15.60 66.28
N ALA A 357 -6.08 -16.57 67.05
CA ALA A 357 -7.37 -16.41 67.71
C ALA A 357 -7.32 -15.25 68.71
N ASP A 358 -6.17 -15.05 69.35
CA ASP A 358 -5.91 -13.87 70.17
C ASP A 358 -6.12 -12.54 69.42
N THR A 359 -5.57 -12.47 68.19
CA THR A 359 -5.70 -11.27 67.36
C THR A 359 -7.18 -10.98 67.06
N VAL A 360 -7.92 -12.02 66.70
CA VAL A 360 -9.33 -11.84 66.37
C VAL A 360 -10.10 -11.27 67.56
N VAL A 361 -9.98 -11.95 68.70
CA VAL A 361 -10.62 -11.49 69.93
C VAL A 361 -10.13 -10.10 70.33
N ASP A 362 -8.83 -9.84 70.14
CA ASP A 362 -8.31 -8.46 70.28
C ASP A 362 -9.15 -7.51 69.42
N LEU A 363 -9.33 -7.86 68.15
CA LEU A 363 -10.08 -7.03 67.22
C LEU A 363 -11.53 -6.85 67.66
N LEU A 364 -12.17 -7.96 68.04
CA LEU A 364 -13.56 -7.94 68.50
C LEU A 364 -13.75 -6.99 69.68
N GLY A 365 -12.82 -7.05 70.62
CA GLY A 365 -12.81 -6.14 71.75
C GLY A 365 -12.68 -4.69 71.31
N GLN A 366 -11.74 -4.43 70.39
CA GLN A 366 -11.51 -3.08 69.89
C GLN A 366 -12.65 -2.54 69.04
N ALA A 367 -13.24 -3.41 68.22
CA ALA A 367 -14.34 -3.00 67.38
C ALA A 367 -15.56 -2.66 68.24
N GLY A 368 -15.74 -3.42 69.32
CA GLY A 368 -16.88 -3.26 70.22
C GLY A 368 -17.01 -1.90 70.86
N SER A 369 -15.89 -1.21 71.06
CA SER A 369 -15.91 0.09 71.75
C SER A 369 -15.69 1.25 70.78
N ALA A 370 -15.74 0.93 69.49
CA ALA A 370 -15.54 1.91 68.42
C ALA A 370 -16.83 2.67 68.16
N PRO A 371 -16.75 3.89 67.60
CA PRO A 371 -17.94 4.67 67.23
C PRO A 371 -18.89 3.93 66.28
N TRP A 372 -18.35 3.00 65.49
CA TRP A 372 -19.15 2.25 64.53
C TRP A 372 -19.46 0.84 65.01
N ALA A 373 -19.33 0.61 66.31
CA ALA A 373 -19.55 -0.73 66.88
C ALA A 373 -20.88 -1.37 66.43
N GLN A 374 -21.93 -0.57 66.37
CA GLN A 374 -23.28 -1.07 66.08
C GLN A 374 -23.51 -1.43 64.62
N THR A 375 -23.02 -0.62 63.69
CA THR A 375 -23.13 -0.94 62.27
C THR A 375 -22.28 -2.18 61.98
N TRP A 376 -21.11 -2.24 62.62
CA TRP A 376 -20.20 -3.38 62.55
C TRP A 376 -20.89 -4.63 63.08
N SER A 377 -21.48 -4.49 64.27
CA SER A 377 -22.19 -5.59 64.92
C SER A 377 -23.40 -6.05 64.11
N ALA A 378 -24.11 -5.10 63.51
CA ALA A 378 -25.32 -5.41 62.76
C ALA A 378 -25.02 -6.20 61.50
N SER A 379 -23.79 -6.06 60.99
CA SER A 379 -23.42 -6.72 59.74
C SER A 379 -23.18 -8.23 59.91
N LEU A 380 -22.96 -8.65 61.15
CA LEU A 380 -22.60 -10.03 61.45
C LEU A 380 -23.79 -10.99 61.36
N PRO A 381 -23.57 -12.18 60.79
CA PRO A 381 -24.58 -13.23 60.86
C PRO A 381 -25.02 -13.48 62.31
N VAL A 382 -26.33 -13.53 62.54
CA VAL A 382 -26.93 -13.87 63.83
C VAL A 382 -27.31 -15.35 63.79
N ALA A 383 -26.81 -16.13 64.74
CA ALA A 383 -27.07 -17.58 64.76
C ALA A 383 -28.54 -17.96 64.60
N GLY A 384 -28.81 -18.90 63.70
CA GLY A 384 -30.11 -19.54 63.60
C GLY A 384 -31.27 -18.73 63.05
N GLU A 385 -30.99 -17.50 62.59
CA GLU A 385 -32.04 -16.63 62.06
C GLU A 385 -32.40 -16.94 60.63
N SER A 386 -33.70 -17.14 60.39
CA SER A 386 -34.22 -17.62 59.11
C SER A 386 -34.04 -16.65 57.96
N ASP A 387 -34.32 -15.37 58.22
CA ASP A 387 -34.12 -14.29 57.27
C ASP A 387 -32.66 -14.27 56.85
N PRO A 388 -32.38 -14.57 55.57
CA PRO A 388 -30.98 -14.69 55.13
C PRO A 388 -30.19 -13.42 55.41
N PHE A 389 -30.84 -12.26 55.28
CA PHE A 389 -30.19 -10.97 55.53
C PHE A 389 -29.97 -10.70 57.01
N VAL A 390 -30.51 -11.55 57.87
CA VAL A 390 -30.23 -11.49 59.29
C VAL A 390 -29.31 -12.64 59.68
N GLY A 391 -29.65 -13.86 59.30
CA GLY A 391 -28.88 -15.04 59.69
C GLY A 391 -27.66 -15.31 58.83
N GLY A 392 -27.66 -14.79 57.60
CA GLY A 392 -26.53 -14.97 56.68
C GLY A 392 -26.02 -16.39 56.64
N THR A 393 -24.71 -16.55 56.78
CA THR A 393 -24.09 -17.88 56.73
C THR A 393 -24.33 -18.66 58.02
N LEU A 394 -25.01 -18.04 58.98
CA LEU A 394 -25.39 -18.72 60.21
C LEU A 394 -26.89 -19.00 60.27
N ALA A 395 -27.59 -18.75 59.17
CA ALA A 395 -29.05 -18.92 59.08
C ALA A 395 -29.51 -20.31 59.53
N ASN A 396 -28.80 -21.33 59.11
CA ASN A 396 -29.18 -22.71 59.43
C ASN A 396 -28.16 -23.41 60.31
N ARG A 397 -27.56 -22.65 61.23
CA ARG A 397 -26.76 -23.22 62.30
C ARG A 397 -27.28 -22.74 63.64
N MET A 398 -27.23 -23.62 64.65
CA MET A 398 -27.62 -23.31 66.03
C MET A 398 -29.10 -22.93 66.25
N ARG A 399 -29.95 -23.33 65.32
CA ARG A 399 -31.39 -23.19 65.52
C ARG A 399 -31.82 -24.03 66.72
N GLY A 400 -32.71 -23.49 67.54
CA GLY A 400 -33.22 -24.23 68.71
C GLY A 400 -32.15 -24.51 69.76
N THR A 401 -31.12 -23.66 69.80
CA THR A 401 -30.10 -23.76 70.82
C THR A 401 -30.09 -22.42 71.52
N ALA A 402 -29.36 -22.31 72.63
CA ALA A 402 -29.31 -21.05 73.39
C ALA A 402 -28.71 -19.91 72.55
N ALA A 403 -27.96 -20.29 71.52
CA ALA A 403 -27.28 -19.37 70.64
C ALA A 403 -28.23 -18.65 69.68
N GLU A 404 -29.38 -19.26 69.39
CA GLU A 404 -30.29 -18.70 68.39
C GLU A 404 -30.70 -17.27 68.75
N GLY A 405 -30.44 -16.34 67.85
CA GLY A 405 -30.88 -14.96 68.01
C GLY A 405 -29.94 -14.08 68.78
N VAL A 406 -28.90 -14.68 69.35
CA VAL A 406 -28.02 -13.98 70.29
C VAL A 406 -26.56 -13.89 69.82
N VAL A 407 -26.01 -15.02 69.42
CA VAL A 407 -24.62 -15.10 68.95
C VAL A 407 -24.53 -14.40 67.60
N GLU A 408 -23.67 -13.38 67.52
CA GLU A 408 -23.33 -12.71 66.26
C GLU A 408 -21.90 -13.05 65.89
N ALA A 409 -21.70 -13.74 64.78
CA ALA A 409 -20.37 -14.23 64.45
C ALA A 409 -20.12 -14.38 62.97
N LYS A 410 -18.87 -14.25 62.58
CA LYS A 410 -18.49 -14.46 61.21
C LYS A 410 -17.98 -15.88 61.04
N THR A 411 -18.48 -16.53 59.99
CA THR A 411 -18.08 -17.88 59.64
C THR A 411 -16.86 -17.81 58.75
N GLY A 412 -16.22 -18.94 58.55
CA GLY A 412 -15.10 -19.05 57.64
C GLY A 412 -14.91 -20.50 57.28
N THR A 413 -14.89 -20.81 56.00
CA THR A 413 -14.59 -22.17 55.62
C THR A 413 -13.93 -22.22 54.26
N MET A 414 -12.95 -23.11 54.17
CA MET A 414 -12.53 -23.71 52.91
C MET A 414 -11.86 -25.07 53.22
N SER A 415 -11.21 -25.71 52.24
CA SER A 415 -10.56 -27.00 52.50
C SER A 415 -9.68 -26.87 53.71
N GLY A 416 -9.91 -27.71 54.70
CA GLY A 416 -9.04 -27.76 55.88
C GLY A 416 -8.95 -26.48 56.69
N VAL A 417 -9.88 -25.56 56.49
CA VAL A 417 -9.93 -24.31 57.27
C VAL A 417 -11.35 -24.02 57.66
N SER A 418 -11.55 -23.74 58.95
CA SER A 418 -12.85 -23.35 59.44
C SER A 418 -12.67 -22.37 60.59
N ALA A 419 -13.58 -21.40 60.66
CA ALA A 419 -13.50 -20.35 61.66
C ALA A 419 -14.88 -19.85 62.05
N LEU A 420 -15.04 -19.55 63.33
CA LEU A 420 -16.22 -18.88 63.83
C LEU A 420 -15.80 -17.95 64.95
N SER A 421 -16.07 -16.66 64.77
CA SER A 421 -15.61 -15.62 65.67
C SER A 421 -16.66 -14.54 65.77
N GLY A 422 -17.02 -14.17 67.00
CA GLY A 422 -17.92 -13.04 67.19
C GLY A 422 -18.26 -12.78 68.64
N TYR A 423 -19.48 -12.30 68.86
CA TYR A 423 -19.93 -11.94 70.18
C TYR A 423 -21.03 -12.86 70.70
N VAL A 424 -20.99 -13.10 72.01
CA VAL A 424 -22.09 -13.73 72.72
C VAL A 424 -22.58 -12.68 73.73
N PRO A 425 -23.63 -11.92 73.36
CA PRO A 425 -24.20 -10.85 74.17
C PRO A 425 -24.75 -11.38 75.47
N GLY A 426 -24.15 -10.93 76.58
CA GLY A 426 -24.50 -11.46 77.88
C GLY A 426 -25.37 -10.52 78.72
N PRO A 427 -26.53 -11.03 79.17
CA PRO A 427 -27.19 -10.50 80.36
C PRO A 427 -26.23 -10.65 81.55
N GLU A 428 -25.10 -11.30 81.28
CA GLU A 428 -23.89 -11.18 82.09
C GLU A 428 -23.11 -9.99 81.51
N GLY A 429 -22.07 -10.29 80.73
CA GLY A 429 -21.35 -9.28 79.93
C GLY A 429 -21.22 -9.80 78.51
N GLU A 430 -20.99 -8.89 77.55
CA GLU A 430 -20.78 -9.28 76.15
C GLU A 430 -19.47 -10.05 75.99
N LEU A 431 -19.57 -11.31 75.62
CA LEU A 431 -18.43 -12.15 75.34
C LEU A 431 -17.94 -11.98 73.90
N ALA A 432 -16.63 -12.10 73.71
CA ALA A 432 -16.04 -12.19 72.37
C ALA A 432 -15.29 -13.50 72.30
N PHE A 433 -15.42 -14.19 71.17
CA PHE A 433 -14.75 -15.48 70.99
C PHE A 433 -14.19 -15.62 69.58
N SER A 434 -13.13 -16.41 69.44
CA SER A 434 -12.61 -16.78 68.14
C SER A 434 -12.24 -18.26 68.14
N ILE A 435 -12.82 -18.98 67.18
CA ILE A 435 -12.53 -20.40 66.99
C ILE A 435 -12.00 -20.54 65.57
N VAL A 436 -10.73 -20.91 65.45
CA VAL A 436 -10.10 -21.06 64.15
C VAL A 436 -9.47 -22.44 64.08
N ASN A 437 -9.90 -23.22 63.10
CA ASN A 437 -9.46 -24.58 62.89
C ASN A 437 -8.74 -24.75 61.56
N ASN A 438 -7.53 -25.30 61.61
CA ASN A 438 -6.76 -25.67 60.43
C ASN A 438 -6.36 -27.13 60.53
N GLY A 439 -6.49 -27.88 59.44
CA GLY A 439 -5.86 -29.21 59.34
C GLY A 439 -6.80 -30.39 59.23
N HIS A 440 -7.92 -30.33 59.95
CA HIS A 440 -8.93 -31.38 59.95
C HIS A 440 -9.13 -31.99 58.56
N SER A 441 -9.25 -33.31 58.54
CA SER A 441 -9.16 -34.09 57.30
C SER A 441 -10.53 -34.42 56.71
N GLY A 442 -11.59 -34.27 57.51
CA GLY A 442 -12.93 -34.65 57.09
C GLY A 442 -13.88 -33.47 57.09
N PRO A 443 -15.14 -33.70 57.49
CA PRO A 443 -16.11 -32.61 57.64
C PRO A 443 -15.53 -31.47 58.48
N ALA A 444 -15.77 -30.23 58.06
CA ALA A 444 -15.40 -29.06 58.86
C ALA A 444 -15.97 -29.22 60.27
N PRO A 445 -15.30 -28.64 61.29
CA PRO A 445 -15.80 -28.78 62.64
C PRO A 445 -16.86 -27.73 63.00
N LEU A 446 -17.96 -27.71 62.24
CA LEU A 446 -19.03 -26.73 62.47
C LEU A 446 -19.82 -27.04 63.75
N ALA A 447 -20.02 -28.33 64.02
CA ALA A 447 -20.68 -28.76 65.26
C ALA A 447 -19.82 -28.42 66.47
N VAL A 448 -18.51 -28.61 66.36
CA VAL A 448 -17.58 -28.17 67.41
C VAL A 448 -17.73 -26.66 67.67
N GLN A 449 -17.68 -25.89 66.58
CA GLN A 449 -17.85 -24.46 66.63
C GLN A 449 -19.19 -24.10 67.24
N ASP A 450 -20.24 -24.78 66.79
CA ASP A 450 -21.59 -24.54 67.30
C ASP A 450 -21.66 -24.92 68.76
N ALA A 451 -21.09 -26.07 69.10
CA ALA A 451 -21.05 -26.56 70.48
C ALA A 451 -20.42 -25.57 71.43
N ILE A 452 -19.27 -25.01 71.02
CA ILE A 452 -18.64 -23.96 71.82
C ILE A 452 -19.54 -22.73 71.89
N ALA A 453 -20.02 -22.26 70.74
CA ALA A 453 -20.82 -21.04 70.69
C ALA A 453 -22.12 -21.19 71.50
N VAL A 454 -22.69 -22.40 71.49
CA VAL A 454 -23.88 -22.72 72.27
C VAL A 454 -23.58 -22.73 73.77
N ARG A 455 -22.44 -23.32 74.15
CA ARG A 455 -21.98 -23.32 75.54
C ARG A 455 -21.72 -21.93 76.07
N LEU A 456 -21.19 -21.07 75.21
CA LEU A 456 -20.92 -19.68 75.59
C LEU A 456 -22.22 -18.93 75.81
N ALA A 457 -23.19 -19.21 74.96
CA ALA A 457 -24.52 -18.61 75.04
C ALA A 457 -25.23 -19.03 76.33
N GLU A 458 -25.18 -20.33 76.64
CA GLU A 458 -25.69 -20.86 77.91
C GLU A 458 -24.99 -20.20 79.12
N TYR A 459 -23.66 -20.15 79.05
CA TYR A 459 -22.86 -19.55 80.12
C TYR A 459 -23.23 -18.09 80.36
N ALA A 460 -23.49 -17.35 79.29
CA ALA A 460 -23.92 -15.96 79.38
C ALA A 460 -25.37 -15.81 79.86
N GLY A 461 -26.05 -16.94 80.06
CA GLY A 461 -27.36 -16.96 80.70
C GLY A 461 -28.50 -17.31 79.76
N HIS A 462 -28.16 -17.63 78.52
CA HIS A 462 -29.17 -17.85 77.51
C HIS A 462 -29.71 -19.26 77.47
N GLN A 463 -30.92 -19.38 76.95
CA GLN A 463 -31.63 -20.64 76.86
C GLN A 463 -32.21 -20.75 75.48
N ALA A 464 -32.25 -21.97 74.95
CA ALA A 464 -32.84 -22.26 73.65
C ALA A 464 -34.28 -21.74 73.53
N PRO A 465 -34.59 -21.00 72.44
CA PRO A 465 -35.98 -20.69 72.20
C PRO A 465 -36.77 -21.96 71.89
N GLU A 466 -37.95 -22.10 72.51
CA GLU A 466 -38.86 -23.21 72.20
C GLU A 466 -40.23 -22.65 71.80
N ARG B 1 10.92 20.43 -14.67
CA ARG B 1 9.75 19.51 -14.53
C ARG B 1 9.30 19.39 -13.07
N LEU B 2 8.87 18.19 -12.68
CA LEU B 2 8.45 17.93 -11.31
C LEU B 2 9.61 18.02 -10.32
N THR B 3 10.78 17.53 -10.74
CA THR B 3 11.96 17.55 -9.88
C THR B 3 12.79 18.83 -9.98
N GLU B 4 12.48 19.68 -10.97
CA GLU B 4 13.07 21.02 -11.00
C GLU B 4 12.42 21.89 -9.92
N LEU B 5 11.10 21.78 -9.78
CA LEU B 5 10.37 22.44 -8.70
C LEU B 5 10.92 22.00 -7.35
N ARG B 6 11.02 20.68 -7.16
CA ARG B 6 11.52 20.11 -5.91
C ARG B 6 12.95 20.56 -5.57
N GLU B 7 13.72 20.94 -6.58
CA GLU B 7 15.10 21.36 -6.37
C GLU B 7 15.16 22.84 -6.05
N ASP B 8 14.19 23.59 -6.59
CA ASP B 8 14.13 25.03 -6.40
C ASP B 8 13.66 25.38 -5.00
N ILE B 9 12.75 24.55 -4.47
CA ILE B 9 12.21 24.76 -3.14
C ILE B 9 13.26 24.35 -2.11
N ASP B 10 13.91 23.21 -2.34
CA ASP B 10 15.09 22.79 -1.56
C ASP B 10 16.08 23.95 -1.46
N ALA B 11 16.41 24.51 -2.63
CA ALA B 11 17.38 25.60 -2.75
C ALA B 11 16.94 26.84 -1.98
N ILE B 12 15.65 27.18 -2.09
CA ILE B 12 15.09 28.31 -1.34
C ILE B 12 15.18 28.04 0.16
N LEU B 13 14.76 26.84 0.57
CA LEU B 13 14.74 26.45 1.98
C LEU B 13 16.12 26.47 2.62
N GLU B 14 17.14 26.51 1.77
CA GLU B 14 18.52 26.63 2.20
C GLU B 14 18.90 28.12 2.40
N ASP B 15 17.92 28.95 2.73
CA ASP B 15 18.12 30.37 3.05
C ASP B 15 18.75 30.53 4.44
N PRO B 16 19.65 31.53 4.62
CA PRO B 16 20.24 31.77 5.94
C PRO B 16 19.24 32.05 7.06
N ALA B 17 18.12 32.69 6.74
CA ALA B 17 17.09 33.00 7.75
C ALA B 17 16.50 31.73 8.36
N LEU B 18 16.74 30.60 7.70
CA LEU B 18 16.23 29.30 8.14
C LEU B 18 17.30 28.40 8.78
N GLU B 19 18.48 28.96 9.04
CA GLU B 19 19.57 28.14 9.59
C GLU B 19 19.17 27.66 10.96
N GLY B 20 19.22 26.34 11.14
CA GLY B 20 18.87 25.73 12.44
C GLY B 20 17.39 25.58 12.74
N ALA B 21 16.56 25.82 11.72
CA ALA B 21 15.11 25.83 11.85
C ALA B 21 14.48 24.56 11.28
N VAL B 22 13.23 24.31 11.66
CA VAL B 22 12.41 23.25 11.08
C VAL B 22 11.28 23.87 10.28
N SER B 23 11.21 23.49 9.00
CA SER B 23 10.16 23.98 8.11
C SER B 23 9.35 22.83 7.50
N GLY B 24 8.08 22.74 7.88
CA GLY B 24 7.14 21.86 7.21
C GLY B 24 6.68 22.54 5.93
N VAL B 25 7.08 21.97 4.79
CA VAL B 25 6.68 22.51 3.49
C VAL B 25 6.02 21.40 2.66
N VAL B 26 4.71 21.55 2.40
CA VAL B 26 3.93 20.59 1.63
C VAL B 26 3.14 21.30 0.54
N VAL B 27 3.28 20.81 -0.69
CA VAL B 27 2.57 21.35 -1.85
C VAL B 27 1.79 20.22 -2.53
N VAL B 28 0.51 20.46 -2.81
CA VAL B 28 -0.34 19.47 -3.42
C VAL B 28 -1.14 20.10 -4.54
N ASP B 29 -1.16 19.42 -5.69
CA ASP B 29 -2.03 19.78 -6.79
C ASP B 29 -3.42 19.30 -6.39
N THR B 30 -4.35 20.27 -6.30
CA THR B 30 -5.73 20.06 -5.83
C THR B 30 -6.50 19.06 -6.69
N ALA B 31 -6.38 19.20 -8.02
CA ALA B 31 -7.15 18.41 -8.98
C ALA B 31 -6.64 16.97 -8.99
N THR B 32 -5.38 16.82 -9.38
CA THR B 32 -4.70 15.53 -9.44
C THR B 32 -4.66 14.82 -8.09
N GLY B 33 -4.63 15.61 -7.01
CA GLY B 33 -4.43 15.08 -5.67
C GLY B 33 -2.99 14.65 -5.46
N GLU B 34 -2.11 15.08 -6.37
CA GLU B 34 -0.71 14.69 -6.35
C GLU B 34 0.10 15.57 -5.39
N GLU B 35 1.08 14.95 -4.74
CA GLU B 35 2.00 15.63 -3.84
C GLU B 35 3.19 16.16 -4.63
N LEU B 36 3.19 17.46 -4.91
CA LEU B 36 4.26 18.09 -5.69
C LEU B 36 5.55 18.32 -4.91
N TYR B 37 5.43 18.67 -3.63
CA TYR B 37 6.57 18.86 -2.75
C TYR B 37 6.21 18.47 -1.31
N SER B 38 7.14 17.80 -0.64
CA SER B 38 6.95 17.42 0.76
C SER B 38 8.29 17.40 1.52
N ARG B 39 8.33 18.14 2.62
CA ARG B 39 9.47 18.17 3.52
C ARG B 39 8.94 18.40 4.93
N ASP B 40 9.19 17.43 5.81
CA ASP B 40 8.79 17.50 7.22
C ASP B 40 7.30 17.79 7.38
N GLY B 41 6.50 17.11 6.58
CA GLY B 41 5.07 17.35 6.55
C GLY B 41 4.35 16.81 7.77
N GLY B 42 4.97 15.84 8.44
CA GLY B 42 4.35 15.15 9.58
C GLY B 42 4.85 15.72 10.89
N GLU B 43 5.76 16.69 10.76
CA GLU B 43 6.34 17.39 11.89
C GLU B 43 5.30 18.34 12.53
N GLN B 44 5.09 18.17 13.83
CA GLN B 44 4.20 19.05 14.57
C GLN B 44 4.91 20.36 14.92
N LEU B 45 4.29 21.46 14.50
CA LEU B 45 4.88 22.78 14.58
C LEU B 45 3.82 23.78 15.03
N LEU B 46 4.27 24.84 15.71
CA LEU B 46 3.38 25.93 16.09
C LEU B 46 2.94 26.60 14.79
N PRO B 47 1.62 26.88 14.67
CA PRO B 47 1.09 27.43 13.43
C PRO B 47 0.97 28.95 13.42
N ALA B 48 1.12 29.60 14.58
CA ALA B 48 0.83 31.01 14.74
C ALA B 48 -0.52 31.22 14.08
N SER B 49 -0.68 32.32 13.36
CA SER B 49 -2.00 32.74 12.84
C SER B 49 -2.69 31.77 11.85
N ASN B 50 -1.93 30.81 11.32
CA ASN B 50 -2.49 29.77 10.43
C ASN B 50 -3.50 28.88 11.12
N MET B 51 -3.48 28.84 12.45
CA MET B 51 -4.55 28.17 13.19
C MET B 51 -5.95 28.64 12.75
N LYS B 52 -6.04 29.89 12.30
CA LYS B 52 -7.31 30.53 11.91
C LYS B 52 -7.97 29.89 10.69
N LEU B 53 -7.19 29.14 9.91
CA LEU B 53 -7.73 28.38 8.78
C LEU B 53 -8.58 27.26 9.32
N PHE B 54 -8.09 26.60 10.36
CA PHE B 54 -8.87 25.53 10.96
C PHE B 54 -10.13 26.10 11.59
N THR B 55 -9.98 27.20 12.30
CA THR B 55 -11.08 27.82 13.02
C THR B 55 -12.18 28.30 12.09
N ALA B 56 -11.80 28.95 10.98
CA ALA B 56 -12.76 29.44 10.00
C ALA B 56 -13.48 28.30 9.30
N ALA B 57 -12.74 27.27 8.92
CA ALA B 57 -13.32 26.07 8.34
C ALA B 57 -14.28 25.41 9.33
N ALA B 58 -13.85 25.28 10.58
CA ALA B 58 -14.72 24.71 11.59
C ALA B 58 -15.97 25.57 11.71
N ALA B 59 -15.79 26.90 11.69
CA ALA B 59 -16.91 27.82 11.86
C ALA B 59 -17.92 27.74 10.74
N LEU B 60 -17.45 27.63 9.50
CA LEU B 60 -18.33 27.55 8.35
C LEU B 60 -19.14 26.25 8.38
N GLU B 61 -18.46 25.19 8.80
CA GLU B 61 -19.05 23.86 8.92
C GLU B 61 -20.08 23.79 10.05
N VAL B 62 -19.72 24.32 11.21
CA VAL B 62 -20.59 24.24 12.38
C VAL B 62 -21.72 25.28 12.36
N LEU B 63 -21.39 26.51 11.97
CA LEU B 63 -22.32 27.64 12.01
C LEU B 63 -22.98 27.92 10.66
N GLY B 64 -22.28 27.65 9.57
CA GLY B 64 -22.81 27.93 8.24
C GLY B 64 -22.36 29.29 7.75
N ALA B 65 -22.23 29.43 6.44
CA ALA B 65 -21.79 30.68 5.82
C ALA B 65 -22.85 31.75 5.93
N ASP B 66 -24.10 31.32 6.06
CA ASP B 66 -25.24 32.23 6.23
C ASP B 66 -25.57 32.54 7.71
N HIS B 67 -24.71 32.11 8.63
CA HIS B 67 -24.95 32.34 10.05
C HIS B 67 -24.74 33.81 10.43
N SER B 68 -25.58 34.30 11.33
CA SER B 68 -25.51 35.69 11.77
C SER B 68 -25.51 35.74 13.29
N PHE B 69 -25.10 36.88 13.83
CA PHE B 69 -24.99 37.00 15.28
C PHE B 69 -25.86 38.09 15.86
N GLY B 70 -26.53 37.76 16.95
CA GLY B 70 -27.51 38.63 17.58
C GLY B 70 -26.99 39.37 18.79
N THR B 71 -27.48 40.59 18.92
CA THR B 71 -27.41 41.36 20.16
C THR B 71 -28.85 41.82 20.41
N GLU B 72 -29.22 41.94 21.68
CA GLU B 72 -30.55 42.40 22.01
C GLU B 72 -30.59 43.12 23.35
N VAL B 73 -31.69 43.81 23.59
CA VAL B 73 -31.86 44.56 24.80
C VAL B 73 -33.18 44.10 25.37
N ALA B 74 -33.12 43.48 26.55
CA ALA B 74 -34.28 42.93 27.22
C ALA B 74 -34.60 43.66 28.51
N ALA B 75 -35.90 43.75 28.80
CA ALA B 75 -36.40 44.18 30.10
C ALA B 75 -37.33 43.09 30.60
N GLU B 76 -37.66 43.09 31.89
CA GLU B 76 -38.57 42.06 32.41
C GLU B 76 -39.94 42.20 31.73
N SER B 77 -40.32 43.43 31.43
CA SER B 77 -41.61 43.72 30.85
C SER B 77 -41.51 44.91 29.90
N ALA B 78 -42.55 45.10 29.09
CA ALA B 78 -42.73 46.34 28.35
C ALA B 78 -42.62 47.51 29.33
N PRO B 79 -42.19 48.68 28.84
CA PRO B 79 -42.11 49.85 29.70
C PRO B 79 -43.48 50.19 30.30
N GLY B 80 -43.46 50.65 31.55
CA GLY B 80 -44.68 51.00 32.27
C GLY B 80 -45.36 52.27 31.79
N ARG B 81 -46.32 52.74 32.58
CA ARG B 81 -47.12 53.94 32.23
C ARG B 81 -46.27 55.20 32.04
N ARG B 82 -45.16 55.28 32.79
CA ARG B 82 -44.27 56.44 32.72
C ARG B 82 -43.09 56.21 31.76
N GLY B 83 -43.12 55.10 31.02
CA GLY B 83 -42.02 54.74 30.13
C GLY B 83 -40.81 54.27 30.93
N GLU B 84 -41.07 53.64 32.07
CA GLU B 84 -40.04 53.14 32.95
C GLU B 84 -39.89 51.63 32.82
N VAL B 85 -38.64 51.19 32.84
CA VAL B 85 -38.33 49.80 33.08
C VAL B 85 -37.51 49.83 34.35
N GLN B 86 -37.43 48.68 35.02
CA GLN B 86 -36.60 48.59 36.21
C GLN B 86 -35.14 48.35 35.79
N ASP B 87 -34.76 47.09 35.57
CA ASP B 87 -33.42 46.81 35.05
C ASP B 87 -33.48 46.61 33.56
N LEU B 88 -32.37 46.91 32.89
CA LEU B 88 -32.27 46.79 31.46
C LEU B 88 -31.04 45.95 31.15
N TYR B 89 -31.19 44.98 30.25
CA TYR B 89 -30.07 44.13 29.87
C TYR B 89 -29.68 44.30 28.42
N LEU B 90 -28.40 44.54 28.20
CA LEU B 90 -27.85 44.46 26.87
C LEU B 90 -27.20 43.08 26.74
N VAL B 91 -27.70 42.29 25.81
CA VAL B 91 -27.33 40.89 25.74
C VAL B 91 -26.58 40.64 24.47
N GLY B 92 -25.29 40.33 24.62
CA GLY B 92 -24.44 39.93 23.50
C GLY B 92 -24.46 38.43 23.26
N ARG B 93 -24.66 38.02 22.02
CA ARG B 93 -24.58 36.61 21.70
C ARG B 93 -23.55 36.33 20.63
N GLY B 94 -22.39 36.96 20.78
CA GLY B 94 -21.19 36.62 20.02
C GLY B 94 -20.96 37.36 18.73
N ASP B 95 -21.66 38.48 18.54
CA ASP B 95 -21.39 39.31 17.36
C ASP B 95 -19.99 39.91 17.41
N PRO B 96 -19.10 39.45 16.51
CA PRO B 96 -17.75 40.02 16.54
C PRO B 96 -17.68 41.34 15.76
N THR B 97 -18.83 41.90 15.38
CA THR B 97 -18.84 43.07 14.52
C THR B 97 -19.73 44.20 15.07
N LEU B 98 -20.05 44.15 16.35
CA LEU B 98 -20.96 45.09 17.00
C LEU B 98 -20.29 46.44 17.19
N SER B 99 -20.83 47.46 16.54
CA SER B 99 -20.22 48.79 16.58
C SER B 99 -20.94 49.71 17.55
N ALA B 100 -20.32 50.84 17.88
CA ALA B 100 -20.99 51.91 18.63
C ALA B 100 -22.27 52.33 17.90
N GLU B 101 -22.20 52.42 16.57
CA GLU B 101 -23.35 52.79 15.74
C GLU B 101 -24.49 51.80 15.90
N ASP B 102 -24.16 50.51 15.93
CA ASP B 102 -25.17 49.49 16.21
C ASP B 102 -25.78 49.74 17.59
N LEU B 103 -24.93 50.03 18.56
CA LEU B 103 -25.40 50.35 19.91
C LEU B 103 -26.36 51.54 19.88
N ASP B 104 -26.04 52.55 19.09
CA ASP B 104 -26.89 53.73 18.99
C ASP B 104 -28.25 53.38 18.40
N ALA B 105 -28.26 52.64 17.29
CA ALA B 105 -29.49 52.22 16.63
C ALA B 105 -30.39 51.43 17.57
N MET B 106 -29.78 50.56 18.39
CA MET B 106 -30.53 49.81 19.40
C MET B 106 -31.04 50.71 20.52
N ALA B 107 -30.23 51.69 20.91
CA ALA B 107 -30.65 52.67 21.90
C ALA B 107 -31.87 53.43 21.41
N ALA B 108 -31.85 53.85 20.14
CA ALA B 108 -32.98 54.51 19.50
C ALA B 108 -34.22 53.62 19.46
N GLU B 109 -34.02 52.33 19.17
CA GLU B 109 -35.12 51.35 19.22
C GLU B 109 -35.74 51.22 20.62
N VAL B 110 -34.91 51.32 21.65
CA VAL B 110 -35.38 51.25 23.03
C VAL B 110 -36.29 52.43 23.36
N ALA B 111 -35.85 53.65 22.99
CA ALA B 111 -36.65 54.86 23.16
C ALA B 111 -37.96 54.75 22.38
N ALA B 112 -37.87 54.32 21.12
CA ALA B 112 -39.03 54.12 20.25
C ALA B 112 -39.97 53.03 20.75
N SER B 113 -39.45 52.10 21.56
CA SER B 113 -40.28 51.07 22.18
C SER B 113 -41.12 51.63 23.32
N GLY B 114 -40.87 52.88 23.67
CA GLY B 114 -41.62 53.54 24.72
C GLY B 114 -40.86 53.68 26.01
N VAL B 115 -39.57 53.33 26.01
CA VAL B 115 -38.76 53.49 27.21
C VAL B 115 -38.22 54.91 27.32
N ARG B 116 -38.49 55.54 28.45
CA ARG B 116 -37.98 56.88 28.71
C ARG B 116 -36.93 56.81 29.81
N THR B 117 -37.11 55.86 30.73
CA THR B 117 -36.30 55.77 31.92
C THR B 117 -35.98 54.32 32.26
N VAL B 118 -34.73 54.09 32.66
CA VAL B 118 -34.33 52.85 33.29
C VAL B 118 -34.13 53.22 34.76
N ARG B 119 -35.07 52.82 35.61
CA ARG B 119 -35.03 53.24 37.01
C ARG B 119 -34.02 52.43 37.83
N GLY B 120 -33.74 51.20 37.39
CA GLY B 120 -32.73 50.37 38.04
C GLY B 120 -31.42 50.39 37.29
N ASP B 121 -30.75 49.25 37.25
CA ASP B 121 -29.40 49.17 36.67
C ASP B 121 -29.39 48.76 35.20
N LEU B 122 -28.35 49.18 34.49
CA LEU B 122 -28.06 48.68 33.14
C LEU B 122 -27.00 47.62 33.26
N TYR B 123 -27.38 46.42 32.84
CA TYR B 123 -26.50 45.27 32.91
C TYR B 123 -26.02 44.86 31.53
N ALA B 124 -24.73 44.66 31.41
CA ALA B 124 -24.13 44.16 30.20
C ALA B 124 -24.01 42.65 30.38
N ASP B 125 -24.75 41.91 29.55
CA ASP B 125 -24.90 40.47 29.66
C ASP B 125 -24.10 39.79 28.54
N ASP B 126 -22.96 39.20 28.92
CA ASP B 126 -22.18 38.44 27.96
C ASP B 126 -22.17 36.95 28.33
N THR B 127 -23.19 36.51 29.05
CA THR B 127 -23.21 35.14 29.62
C THR B 127 -23.41 34.07 28.56
N TRP B 128 -23.65 34.49 27.31
CA TRP B 128 -23.70 33.58 26.17
C TRP B 128 -22.36 32.84 26.05
N PHE B 129 -21.27 33.52 26.38
CA PHE B 129 -19.98 32.86 26.55
C PHE B 129 -19.63 32.85 28.02
N ASP B 130 -18.65 32.06 28.42
CA ASP B 130 -18.14 32.12 29.77
C ASP B 130 -17.32 33.38 30.00
N SER B 131 -16.95 33.66 31.25
CA SER B 131 -16.18 34.85 31.59
C SER B 131 -14.68 34.60 31.58
N GLU B 132 -14.25 33.56 30.85
CA GLU B 132 -12.81 33.34 30.70
C GLU B 132 -12.32 34.25 29.55
N ARG B 133 -11.57 35.29 29.90
CA ARG B 133 -11.24 36.35 28.95
C ARG B 133 -10.06 36.04 28.03
N LEU B 134 -9.17 35.17 28.51
CA LEU B 134 -7.87 34.98 27.90
C LEU B 134 -7.50 33.52 27.99
N VAL B 135 -6.86 32.99 26.97
CA VAL B 135 -6.34 31.63 27.07
C VAL B 135 -5.24 31.64 28.10
N ASP B 136 -5.15 30.56 28.87
CA ASP B 136 -4.20 30.48 29.97
C ASP B 136 -2.77 30.72 29.52
N ASP B 137 -2.35 30.03 28.47
CA ASP B 137 -0.96 30.16 28.04
C ASP B 137 -0.66 31.40 27.20
N TRP B 138 -1.63 32.29 27.04
CA TRP B 138 -1.31 33.58 26.43
C TRP B 138 -0.46 34.42 27.38
N TRP B 139 0.30 35.33 26.80
CA TRP B 139 1.20 36.15 27.58
C TRP B 139 0.52 37.40 28.12
N PRO B 140 0.58 37.58 29.46
CA PRO B 140 0.07 38.77 30.10
C PRO B 140 0.63 40.05 29.49
N GLU B 141 1.84 39.95 28.94
CA GLU B 141 2.52 41.10 28.35
C GLU B 141 1.85 41.59 27.07
N ASP B 142 1.11 40.69 26.42
CA ASP B 142 0.43 41.00 25.16
C ASP B 142 -0.92 41.67 25.38
N GLU B 143 -1.42 41.58 26.60
CA GLU B 143 -2.79 42.00 26.94
C GLU B 143 -3.16 43.43 26.57
N PRO B 144 -2.22 44.39 26.62
CA PRO B 144 -2.60 45.75 26.22
C PRO B 144 -3.02 45.93 24.76
N TYR B 145 -2.62 45.00 23.89
CA TYR B 145 -2.71 45.20 22.43
C TYR B 145 -3.90 44.48 21.78
N ALA B 146 -4.43 45.06 20.71
CA ALA B 146 -5.68 44.59 20.10
C ALA B 146 -5.74 43.08 19.85
N TYR B 147 -4.61 42.50 19.45
CA TYR B 147 -4.57 41.10 19.04
C TYR B 147 -4.76 40.19 20.26
N SER B 148 -4.64 40.74 21.45
CA SER B 148 -4.86 39.99 22.68
C SER B 148 -6.05 40.51 23.51
N ALA B 149 -7.05 41.09 22.84
CA ALA B 149 -8.24 41.57 23.55
C ALA B 149 -8.92 40.43 24.26
N GLN B 150 -9.50 40.76 25.42
CA GLN B 150 -10.31 39.85 26.19
C GLN B 150 -11.50 39.42 25.36
N ILE B 151 -11.88 38.16 25.56
CA ILE B 151 -12.94 37.54 24.82
C ILE B 151 -14.24 37.58 25.63
N SER B 152 -15.28 38.07 24.97
CA SER B 152 -16.57 38.25 25.60
C SER B 152 -17.64 38.03 24.53
N ALA B 153 -18.80 37.55 24.93
CA ALA B 153 -19.93 37.44 24.00
C ALA B 153 -20.47 38.85 23.68
N LEU B 154 -20.13 39.85 24.50
CA LEU B 154 -20.62 41.22 24.30
C LEU B 154 -19.43 42.15 24.21
N THR B 155 -19.14 42.61 23.01
CA THR B 155 -17.92 43.37 22.82
C THR B 155 -18.11 44.36 21.70
N VAL B 156 -17.57 45.55 21.86
CA VAL B 156 -17.69 46.55 20.82
C VAL B 156 -16.49 46.42 19.88
N ALA B 157 -16.80 46.30 18.60
CA ALA B 157 -15.82 46.19 17.53
C ALA B 157 -15.61 47.58 16.96
N HIS B 158 -14.34 47.90 16.79
CA HIS B 158 -13.92 49.21 16.41
C HIS B 158 -13.53 49.22 14.95
N GLY B 159 -13.98 50.25 14.23
CA GLY B 159 -13.53 50.47 12.85
C GLY B 159 -14.10 49.47 11.86
N GLU B 160 -13.71 49.60 10.60
CA GLU B 160 -14.20 48.73 9.55
C GLU B 160 -13.54 47.34 9.56
N ARG B 161 -12.44 47.20 10.29
CA ARG B 161 -11.80 45.89 10.49
C ARG B 161 -12.35 45.15 11.70
N PHE B 162 -13.21 45.84 12.45
CA PHE B 162 -13.92 45.23 13.58
C PHE B 162 -13.02 44.67 14.70
N ASP B 163 -12.06 45.47 15.17
CA ASP B 163 -11.24 45.07 16.29
C ASP B 163 -12.04 45.21 17.58
N THR B 164 -12.19 44.08 18.28
CA THR B 164 -13.08 44.01 19.43
C THR B 164 -12.31 44.23 20.72
N GLY B 165 -13.05 44.64 21.75
CA GLY B 165 -12.55 44.72 23.11
C GLY B 165 -11.52 45.79 23.30
N VAL B 166 -11.55 46.79 22.44
CA VAL B 166 -10.50 47.79 22.45
C VAL B 166 -11.07 49.19 22.48
N THR B 167 -10.23 50.14 22.86
CA THR B 167 -10.55 51.53 22.70
C THR B 167 -9.46 52.25 21.94
N GLU B 168 -9.81 53.29 21.22
CA GLU B 168 -8.82 54.09 20.51
C GLU B 168 -8.22 55.19 21.41
N VAL B 169 -6.94 55.04 21.75
CA VAL B 169 -6.20 56.06 22.50
C VAL B 169 -5.50 56.99 21.51
N SER B 170 -5.67 58.29 21.72
CA SER B 170 -4.97 59.29 20.94
C SER B 170 -4.22 60.22 21.87
N VAL B 171 -2.94 60.43 21.57
CA VAL B 171 -2.07 61.28 22.40
C VAL B 171 -1.55 62.34 21.48
N THR B 172 -1.69 63.59 21.90
CA THR B 172 -1.33 64.74 21.07
C THR B 172 -0.40 65.62 21.89
N PRO B 173 0.68 66.12 21.27
CA PRO B 173 1.61 66.89 22.06
C PRO B 173 1.00 68.25 22.40
N ALA B 174 1.25 68.72 23.62
CA ALA B 174 0.96 70.12 23.95
C ALA B 174 2.17 70.99 23.58
N ALA B 175 2.70 71.70 24.58
CA ALA B 175 3.91 72.49 24.45
C ALA B 175 5.02 71.78 25.20
N GLU B 176 6.26 72.05 24.80
CA GLU B 176 7.39 71.39 25.42
C GLU B 176 7.32 71.51 26.91
N GLY B 177 7.31 70.37 27.60
CA GLY B 177 7.34 70.36 29.05
C GLY B 177 6.05 69.97 29.74
N GLU B 178 4.89 70.37 29.18
CA GLU B 178 3.60 69.92 29.69
C GLU B 178 3.44 68.41 29.51
N PRO B 179 2.55 67.77 30.31
CA PRO B 179 2.12 66.44 29.94
C PRO B 179 1.38 66.52 28.61
N ALA B 180 1.46 65.44 27.83
CA ALA B 180 0.74 65.39 26.55
C ALA B 180 -0.76 65.24 26.79
N ASP B 181 -1.56 65.56 25.77
CA ASP B 181 -2.99 65.42 25.86
C ASP B 181 -3.45 64.02 25.43
N VAL B 182 -3.99 63.28 26.38
CA VAL B 182 -4.43 61.91 26.12
C VAL B 182 -5.95 61.83 26.08
N ASP B 183 -6.48 61.35 24.96
CA ASP B 183 -7.88 60.95 24.89
C ASP B 183 -7.99 59.42 24.86
N LEU B 184 -8.95 58.89 25.60
CA LEU B 184 -9.12 57.45 25.71
C LEU B 184 -10.15 56.83 24.75
N GLY B 185 -10.70 57.64 23.85
CA GLY B 185 -11.68 57.18 22.88
C GLY B 185 -12.96 56.72 23.56
N ALA B 186 -13.47 55.56 23.15
CA ALA B 186 -14.71 55.01 23.70
C ALA B 186 -14.63 54.74 25.19
N ALA B 187 -13.44 54.43 25.68
CA ALA B 187 -13.25 54.13 27.09
C ALA B 187 -13.09 55.34 28.03
N GLU B 188 -13.31 56.55 27.50
CA GLU B 188 -13.44 57.76 28.32
C GLU B 188 -14.59 57.52 29.28
N GLY B 189 -14.34 57.76 30.56
CA GLY B 189 -15.37 57.52 31.55
C GLY B 189 -15.44 56.07 31.97
N TYR B 190 -14.74 55.20 31.24
CA TYR B 190 -14.72 53.78 31.60
C TYR B 190 -13.40 53.35 32.22
N ALA B 191 -12.31 53.47 31.45
CA ALA B 191 -10.99 53.13 31.96
C ALA B 191 -10.37 54.32 32.69
N GLU B 192 -9.48 54.05 33.64
CA GLU B 192 -8.73 55.10 34.33
C GLU B 192 -7.54 55.56 33.50
N LEU B 193 -7.30 56.87 33.49
CA LEU B 193 -6.13 57.45 32.87
C LEU B 193 -5.02 57.66 33.89
N ASP B 194 -3.82 57.20 33.57
CA ASP B 194 -2.63 57.50 34.34
C ASP B 194 -1.63 58.16 33.40
N ASN B 195 -1.83 59.45 33.16
CA ASN B 195 -0.97 60.23 32.27
C ASN B 195 0.31 60.70 32.96
N ARG B 196 1.39 59.96 32.71
CA ARG B 196 2.73 60.31 33.18
C ARG B 196 3.65 60.57 31.98
N ALA B 197 3.06 61.05 30.88
CA ALA B 197 3.78 61.27 29.63
C ALA B 197 3.93 62.76 29.34
N VAL B 198 4.99 63.13 28.60
CA VAL B 198 5.38 64.53 28.36
C VAL B 198 5.44 64.92 26.90
N THR B 199 5.29 66.22 26.65
CA THR B 199 5.62 66.80 25.38
C THR B 199 7.12 67.01 25.38
N GLY B 200 7.79 66.39 24.43
CA GLY B 200 9.22 66.56 24.25
C GLY B 200 9.48 67.77 23.39
N ALA B 201 10.76 68.13 23.24
CA ALA B 201 11.14 69.23 22.39
C ALA B 201 10.81 68.82 20.99
N ALA B 202 10.51 69.81 20.14
CA ALA B 202 10.30 69.52 18.75
C ALA B 202 11.52 68.83 18.18
N GLY B 203 11.29 67.83 17.33
CA GLY B 203 12.39 67.12 16.66
C GLY B 203 13.12 66.13 17.55
N SER B 204 12.61 65.93 18.77
CA SER B 204 13.15 64.94 19.67
C SER B 204 12.57 63.55 19.36
N ALA B 205 13.17 62.52 19.95
CA ALA B 205 12.73 61.15 19.74
C ALA B 205 11.38 60.94 20.41
N ASN B 206 10.51 60.20 19.71
CA ASN B 206 9.27 59.78 20.27
C ASN B 206 9.45 58.50 21.08
N THR B 207 9.31 58.61 22.41
CA THR B 207 9.45 57.46 23.31
C THR B 207 8.14 57.13 24.01
N LEU B 208 7.05 57.65 23.45
CA LEU B 208 5.73 57.46 24.02
C LEU B 208 5.37 55.98 24.12
N VAL B 209 4.84 55.60 25.26
CA VAL B 209 4.39 54.26 25.50
C VAL B 209 2.96 54.31 26.05
N ILE B 210 2.07 53.59 25.39
CA ILE B 210 0.70 53.47 25.84
C ILE B 210 0.48 52.03 26.31
N ASP B 211 0.17 51.89 27.59
CA ASP B 211 0.15 50.62 28.26
C ASP B 211 -1.19 50.42 28.98
N ARG B 212 -1.51 49.16 29.26
CA ARG B 212 -2.50 48.84 30.27
C ARG B 212 -1.85 47.89 31.25
N PRO B 213 -1.46 48.40 32.43
CA PRO B 213 -0.81 47.51 33.38
C PRO B 213 -1.67 46.28 33.61
N VAL B 214 -1.03 45.13 33.70
CA VAL B 214 -1.71 43.85 33.81
C VAL B 214 -2.72 43.83 34.97
N GLY B 215 -3.94 43.41 34.68
CA GLY B 215 -4.99 43.28 35.69
C GLY B 215 -5.65 44.57 36.13
N THR B 216 -5.33 45.68 35.47
CA THR B 216 -5.97 46.95 35.75
C THR B 216 -6.88 47.30 34.59
N ASN B 217 -7.78 48.26 34.81
CA ASN B 217 -8.48 48.89 33.70
C ASN B 217 -7.94 50.30 33.52
N THR B 218 -6.63 50.44 33.68
CA THR B 218 -5.96 51.73 33.60
C THR B 218 -5.11 51.82 32.34
N ILE B 219 -5.31 52.89 31.58
CA ILE B 219 -4.42 53.23 30.48
C ILE B 219 -3.30 54.12 31.03
N ALA B 220 -2.08 53.57 31.04
CA ALA B 220 -0.90 54.27 31.50
C ALA B 220 -0.10 54.79 30.30
N VAL B 221 0.03 56.10 30.22
CA VAL B 221 0.80 56.70 29.14
C VAL B 221 2.06 57.25 29.76
N THR B 222 3.21 56.77 29.29
CA THR B 222 4.51 57.23 29.76
C THR B 222 5.34 57.70 28.57
N GLY B 223 6.51 58.27 28.85
CA GLY B 223 7.45 58.63 27.81
C GLY B 223 7.13 59.98 27.25
N SER B 224 7.69 60.25 26.07
CA SER B 224 7.76 61.60 25.54
C SER B 224 7.33 61.66 24.09
N LEU B 225 6.46 62.59 23.79
CA LEU B 225 5.96 62.82 22.44
C LEU B 225 6.47 64.18 22.03
N PRO B 226 7.18 64.27 20.89
CA PRO B 226 7.74 65.54 20.46
C PRO B 226 6.67 66.58 20.13
N ALA B 227 6.96 67.83 20.50
CA ALA B 227 6.04 68.94 20.28
C ALA B 227 5.59 69.02 18.82
N ASP B 228 6.43 68.57 17.90
CA ASP B 228 6.16 68.67 16.46
C ASP B 228 5.68 67.35 15.82
N ALA B 229 5.25 66.40 16.65
CA ALA B 229 4.74 65.13 16.16
C ALA B 229 3.27 65.20 15.78
N ALA B 230 2.88 64.37 14.80
CA ALA B 230 1.47 64.07 14.56
C ALA B 230 0.85 63.47 15.84
N PRO B 231 -0.49 63.47 15.95
CA PRO B 231 -1.06 62.71 17.06
C PRO B 231 -0.67 61.24 16.98
N VAL B 232 -0.56 60.59 18.14
CA VAL B 232 -0.38 59.13 18.17
C VAL B 232 -1.72 58.47 18.42
N THR B 233 -2.13 57.61 17.50
CA THR B 233 -3.41 56.92 17.60
C THR B 233 -3.17 55.44 17.68
N ALA B 234 -3.66 54.82 18.75
CA ALA B 234 -3.40 53.41 19.00
C ALA B 234 -4.57 52.72 19.68
N LEU B 235 -4.89 51.53 19.19
CA LEU B 235 -5.89 50.69 19.85
C LEU B 235 -5.26 49.99 21.00
N ARG B 236 -5.96 50.02 22.13
CA ARG B 236 -5.55 49.32 23.33
C ARG B 236 -6.77 48.66 23.91
N THR B 237 -6.55 47.49 24.51
CA THR B 237 -7.59 46.71 25.12
C THR B 237 -8.11 47.36 26.40
N VAL B 238 -9.35 47.06 26.76
CA VAL B 238 -9.87 47.42 28.06
C VAL B 238 -10.16 46.14 28.83
N ASP B 239 -10.25 46.26 30.15
CA ASP B 239 -10.73 45.16 30.98
C ASP B 239 -12.24 45.08 30.78
N GLU B 240 -12.76 43.86 30.66
CA GLU B 240 -14.21 43.61 30.50
C GLU B 240 -14.84 44.34 29.29
N PRO B 241 -14.61 43.81 28.07
CA PRO B 241 -15.23 44.40 26.89
C PRO B 241 -16.73 44.65 27.07
N ALA B 242 -17.43 43.71 27.74
CA ALA B 242 -18.87 43.80 27.94
C ALA B 242 -19.28 45.00 28.76
N ALA B 243 -18.47 45.35 29.76
CA ALA B 243 -18.74 46.51 30.58
C ALA B 243 -18.47 47.79 29.82
N LEU B 244 -17.49 47.76 28.90
CA LEU B 244 -17.30 48.90 27.99
C LEU B 244 -18.55 49.05 27.15
N ALA B 245 -19.04 47.94 26.60
CA ALA B 245 -20.28 47.96 25.80
C ALA B 245 -21.40 48.54 26.62
N GLY B 246 -21.51 48.11 27.89
CA GLY B 246 -22.49 48.67 28.81
C GLY B 246 -22.34 50.18 28.92
N HIS B 247 -21.13 50.63 29.29
CA HIS B 247 -20.81 52.06 29.36
C HIS B 247 -21.16 52.80 28.06
N LEU B 248 -20.84 52.19 26.92
CA LEU B 248 -21.19 52.82 25.66
C LEU B 248 -22.70 52.85 25.39
N PHE B 249 -23.40 51.80 25.80
CA PHE B 249 -24.84 51.73 25.60
C PHE B 249 -25.59 52.70 26.49
N GLU B 250 -25.11 52.86 27.74
CA GLU B 250 -25.63 53.89 28.63
C GLU B 250 -25.62 55.24 27.93
N GLU B 251 -24.46 55.65 27.44
CA GLU B 251 -24.31 56.92 26.74
C GLU B 251 -25.21 56.98 25.52
N ALA B 252 -25.35 55.86 24.81
CA ALA B 252 -26.21 55.81 23.64
C ALA B 252 -27.66 56.01 24.06
N LEU B 253 -28.07 55.33 25.12
CA LEU B 253 -29.41 55.48 25.65
C LEU B 253 -29.67 56.94 25.99
N GLU B 254 -28.71 57.56 26.68
CA GLU B 254 -28.80 58.97 27.05
C GLU B 254 -28.94 59.89 25.85
N SER B 255 -28.18 59.61 24.79
CA SER B 255 -28.23 60.41 23.56
C SER B 255 -29.56 60.26 22.87
N ASN B 256 -30.21 59.12 23.09
CA ASN B 256 -31.50 58.85 22.49
C ASN B 256 -32.66 59.11 23.44
N GLY B 257 -32.40 59.88 24.49
CA GLY B 257 -33.46 60.34 25.42
C GLY B 257 -33.93 59.37 26.49
N VAL B 258 -33.10 58.37 26.80
CA VAL B 258 -33.43 57.42 27.86
C VAL B 258 -32.53 57.69 29.05
N THR B 259 -33.13 57.98 30.20
CA THR B 259 -32.37 58.25 31.42
C THR B 259 -32.13 56.98 32.22
N VAL B 260 -30.86 56.69 32.49
CA VAL B 260 -30.46 55.52 33.27
C VAL B 260 -30.14 55.99 34.69
N LYS B 261 -30.94 55.54 35.66
CA LYS B 261 -30.81 56.00 37.03
C LYS B 261 -29.72 55.24 37.79
N GLY B 262 -29.71 53.92 37.62
CA GLY B 262 -28.80 53.06 38.36
C GLY B 262 -27.38 53.02 37.84
N ASP B 263 -26.75 51.88 38.04
CA ASP B 263 -25.34 51.68 37.72
C ASP B 263 -25.21 50.81 36.49
N VAL B 264 -24.06 50.91 35.84
CA VAL B 264 -23.74 50.05 34.72
C VAL B 264 -22.79 48.96 35.17
N GLY B 265 -23.16 47.71 34.88
CA GLY B 265 -22.33 46.60 35.29
C GLY B 265 -22.61 45.37 34.48
N LEU B 266 -22.05 44.27 34.95
CA LEU B 266 -22.16 42.98 34.31
C LEU B 266 -23.19 42.16 35.05
N GLY B 267 -24.01 41.45 34.30
CA GLY B 267 -25.00 40.57 34.88
C GLY B 267 -25.79 39.92 33.77
N GLY B 268 -26.28 38.72 34.03
CA GLY B 268 -27.06 38.00 33.05
C GLY B 268 -28.55 38.19 33.29
N VAL B 269 -29.32 38.20 32.21
CA VAL B 269 -30.78 38.23 32.29
C VAL B 269 -31.22 37.14 33.28
N PRO B 270 -32.03 37.51 34.30
CA PRO B 270 -32.48 36.56 35.33
C PRO B 270 -33.15 35.31 34.75
N ALA B 271 -32.78 34.15 35.30
CA ALA B 271 -33.34 32.88 34.84
C ALA B 271 -34.85 32.82 35.11
N ASP B 272 -35.28 33.49 36.18
CA ASP B 272 -36.68 33.51 36.59
C ASP B 272 -37.57 34.42 35.74
N TRP B 273 -36.97 35.24 34.87
CA TRP B 273 -37.73 36.02 33.90
C TRP B 273 -38.43 35.11 32.91
N GLN B 274 -39.71 35.40 32.67
CA GLN B 274 -40.65 34.43 32.10
C GLN B 274 -41.04 34.83 30.68
N ASP B 275 -41.38 36.10 30.50
CA ASP B 275 -41.61 36.63 29.17
C ASP B 275 -40.91 37.97 29.02
N ALA B 276 -39.57 37.91 28.99
CA ALA B 276 -38.73 39.08 28.83
C ALA B 276 -39.21 39.89 27.65
N GLU B 277 -39.14 41.21 27.78
CA GLU B 277 -39.50 42.09 26.70
C GLU B 277 -38.24 42.46 25.93
N VAL B 278 -38.16 42.00 24.67
CA VAL B 278 -37.06 42.39 23.82
C VAL B 278 -37.37 43.75 23.22
N LEU B 279 -36.66 44.76 23.71
CA LEU B 279 -36.93 46.16 23.41
C LEU B 279 -36.20 46.66 22.17
N ALA B 280 -35.12 45.97 21.82
CA ALA B 280 -34.32 46.32 20.66
C ALA B 280 -33.41 45.15 20.37
N ASP B 281 -33.00 45.04 19.11
CA ASP B 281 -32.03 44.03 18.74
C ASP B 281 -31.23 44.45 17.52
N HIS B 282 -30.30 43.59 17.15
CA HIS B 282 -29.44 43.81 16.02
C HIS B 282 -28.91 42.47 15.55
N THR B 283 -28.73 42.36 14.23
CA THR B 283 -28.29 41.15 13.59
C THR B 283 -27.06 41.52 12.76
N SER B 284 -25.97 40.76 12.94
CA SER B 284 -24.71 41.04 12.22
C SER B 284 -24.83 40.66 10.75
N ALA B 285 -23.82 41.02 9.95
CA ALA B 285 -23.67 40.42 8.63
C ALA B 285 -23.48 38.92 8.80
N GLU B 286 -23.72 38.15 7.74
CA GLU B 286 -23.56 36.71 7.80
C GLU B 286 -22.08 36.33 7.89
N LEU B 287 -21.80 35.13 8.41
CA LEU B 287 -20.43 34.65 8.61
C LEU B 287 -19.55 34.84 7.36
N SER B 288 -20.13 34.56 6.19
CA SER B 288 -19.47 34.69 4.90
C SER B 288 -18.83 36.07 4.76
N GLU B 289 -19.58 37.10 5.13
CA GLU B 289 -19.05 38.47 5.05
C GLU B 289 -18.09 38.79 6.18
N ILE B 290 -18.36 38.23 7.36
CA ILE B 290 -17.49 38.42 8.52
C ILE B 290 -16.12 37.79 8.28
N LEU B 291 -16.09 36.67 7.57
CA LEU B 291 -14.82 35.99 7.25
C LEU B 291 -13.77 36.90 6.65
N VAL B 292 -14.22 37.88 5.87
CA VAL B 292 -13.29 38.80 5.21
C VAL B 292 -12.43 39.58 6.23
N PRO B 293 -13.04 40.48 7.03
CA PRO B 293 -12.18 41.21 7.96
C PRO B 293 -11.42 40.31 8.96
N PHE B 294 -11.95 39.11 9.19
CA PHE B 294 -11.37 38.13 10.10
C PHE B 294 -10.09 37.52 9.52
N MET B 295 -10.17 37.02 8.29
CA MET B 295 -9.02 36.36 7.65
C MET B 295 -8.05 37.30 6.94
N LYS B 296 -8.55 38.37 6.34
CA LYS B 296 -7.66 39.36 5.70
C LYS B 296 -6.70 39.96 6.70
N PHE B 297 -7.23 40.42 7.83
CA PHE B 297 -6.43 41.14 8.82
C PHE B 297 -6.01 40.25 9.98
N SER B 298 -6.55 39.04 10.02
CA SER B 298 -6.18 38.04 11.03
C SER B 298 -6.59 38.49 12.42
N ASN B 299 -7.88 38.57 12.63
CA ASN B 299 -8.47 39.10 13.86
C ASN B 299 -8.56 38.01 14.91
N ASN B 300 -7.70 38.11 15.93
CA ASN B 300 -7.64 37.10 16.97
C ASN B 300 -8.97 36.98 17.73
N GLY B 301 -9.55 38.13 18.09
CA GLY B 301 -10.79 38.14 18.86
C GLY B 301 -11.90 37.45 18.09
N HIS B 302 -11.93 37.67 16.77
CA HIS B 302 -12.92 37.02 15.91
C HIS B 302 -12.78 35.52 16.04
N ALA B 303 -11.55 35.03 15.91
CA ALA B 303 -11.27 33.60 15.97
C ALA B 303 -11.78 32.95 17.26
N GLU B 304 -11.49 33.57 18.41
CA GLU B 304 -11.87 33.01 19.70
C GLU B 304 -13.37 33.09 19.91
N MET B 305 -13.96 34.20 19.47
CA MET B 305 -15.41 34.32 19.51
C MET B 305 -16.07 33.20 18.69
N LEU B 306 -15.53 32.91 17.52
CA LEU B 306 -16.07 31.82 16.72
C LEU B 306 -15.95 30.50 17.46
N VAL B 307 -14.84 30.29 18.16
CA VAL B 307 -14.62 29.06 18.90
C VAL B 307 -15.68 28.89 19.95
N LYS B 308 -15.92 29.93 20.74
CA LYS B 308 -16.97 29.86 21.74
C LYS B 308 -18.39 29.75 21.14
N SER B 309 -18.57 30.33 19.96
CA SER B 309 -19.82 30.15 19.19
C SER B 309 -20.00 28.68 18.79
N ILE B 310 -18.91 28.08 18.33
CA ILE B 310 -18.87 26.66 18.02
C ILE B 310 -19.19 25.86 19.30
N GLY B 311 -18.62 26.27 20.43
CA GLY B 311 -18.99 25.68 21.72
C GLY B 311 -20.48 25.76 22.03
N GLN B 312 -21.09 26.91 21.79
CA GLN B 312 -22.53 27.06 22.01
C GLN B 312 -23.33 26.15 21.09
N GLU B 313 -22.95 26.12 19.81
CA GLU B 313 -23.68 25.35 18.82
C GLU B 313 -23.50 23.84 19.02
N THR B 314 -22.31 23.42 19.39
CA THR B 314 -22.03 22.00 19.46
C THR B 314 -22.25 21.41 20.85
N ALA B 315 -22.27 22.26 21.87
CA ALA B 315 -22.34 21.79 23.24
C ALA B 315 -23.25 22.63 24.15
N GLY B 316 -23.78 23.73 23.64
CA GLY B 316 -24.52 24.69 24.49
C GLY B 316 -23.62 25.29 25.56
N ALA B 317 -22.33 25.37 25.25
CA ALA B 317 -21.35 25.89 26.20
C ALA B 317 -20.36 26.82 25.50
N GLY B 318 -20.55 28.12 25.66
CA GLY B 318 -19.69 29.12 25.01
C GLY B 318 -18.30 29.18 25.62
N THR B 319 -17.51 28.12 25.43
CA THR B 319 -16.24 27.98 26.15
C THR B 319 -15.13 27.51 25.24
N TRP B 320 -13.89 27.74 25.64
CA TRP B 320 -12.77 27.19 24.86
C TRP B 320 -12.76 25.67 24.85
N ASP B 321 -12.90 25.06 26.04
CA ASP B 321 -12.85 23.60 26.15
C ASP B 321 -13.89 22.95 25.24
N ALA B 322 -15.11 23.44 25.29
CA ALA B 322 -16.19 22.94 24.43
C ALA B 322 -16.06 23.37 22.98
N GLY B 323 -15.58 24.58 22.74
CA GLY B 323 -15.42 25.06 21.38
C GLY B 323 -14.32 24.34 20.61
N LEU B 324 -13.18 24.12 21.28
CA LEU B 324 -12.06 23.45 20.62
C LEU B 324 -12.40 21.98 20.32
N VAL B 325 -13.11 21.32 21.22
CA VAL B 325 -13.70 20.01 20.94
C VAL B 325 -14.60 20.09 19.70
N GLY B 326 -15.47 21.11 19.65
CA GLY B 326 -16.31 21.34 18.49
C GLY B 326 -15.50 21.56 17.22
N VAL B 327 -14.45 22.37 17.30
CA VAL B 327 -13.62 22.65 16.13
C VAL B 327 -12.99 21.35 15.59
N GLU B 328 -12.38 20.57 16.48
CA GLU B 328 -11.70 19.33 16.10
C GLU B 328 -12.68 18.35 15.46
N GLU B 329 -13.86 18.24 16.06
CA GLU B 329 -14.88 17.31 15.59
C GLU B 329 -15.45 17.75 14.24
N ALA B 330 -15.54 19.06 14.03
CA ALA B 330 -16.03 19.62 12.77
C ALA B 330 -15.02 19.40 11.65
N LEU B 331 -13.75 19.44 11.99
CA LEU B 331 -12.68 19.25 11.02
C LEU B 331 -12.61 17.80 10.53
N SER B 332 -12.75 16.86 11.46
CA SER B 332 -12.73 15.44 11.07
C SER B 332 -13.99 15.09 10.28
N GLY B 333 -15.11 15.69 10.69
CA GLY B 333 -16.37 15.60 9.94
C GLY B 333 -16.19 16.08 8.51
N LEU B 334 -15.24 16.98 8.32
CA LEU B 334 -14.98 17.59 7.03
C LEU B 334 -13.99 16.74 6.20
N GLY B 335 -13.45 15.69 6.81
CA GLY B 335 -12.51 14.80 6.13
C GLY B 335 -11.04 15.01 6.43
N VAL B 336 -10.75 15.95 7.33
CA VAL B 336 -9.38 16.19 7.79
C VAL B 336 -8.99 15.18 8.87
N ASP B 337 -7.81 14.60 8.71
CA ASP B 337 -7.20 13.78 9.75
C ASP B 337 -6.58 14.75 10.75
N THR B 338 -7.08 14.73 11.98
CA THR B 338 -6.72 15.70 13.02
C THR B 338 -5.71 15.15 14.02
N ALA B 339 -5.13 13.99 13.70
CA ALA B 339 -4.20 13.29 14.58
C ALA B 339 -3.01 14.16 15.01
N GLY B 340 -2.49 14.96 14.10
CA GLY B 340 -1.37 15.84 14.39
C GLY B 340 -1.74 17.25 14.84
N LEU B 341 -3.05 17.50 15.01
CA LEU B 341 -3.54 18.77 15.53
C LEU B 341 -3.58 18.78 17.05
N VAL B 342 -3.09 19.86 17.65
CA VAL B 342 -3.37 20.13 19.06
C VAL B 342 -4.00 21.50 19.10
N LEU B 343 -5.21 21.59 19.60
CA LEU B 343 -5.92 22.86 19.55
C LEU B 343 -5.96 23.47 20.94
N ASN B 344 -5.31 24.61 21.10
CA ASN B 344 -5.36 25.32 22.35
C ASN B 344 -6.11 26.64 22.26
N ASP B 345 -6.20 27.21 21.05
CA ASP B 345 -7.12 28.31 20.82
C ASP B 345 -7.54 28.37 19.36
N GLY B 346 -8.35 29.37 19.01
CA GLY B 346 -8.81 29.51 17.65
C GLY B 346 -7.93 30.40 16.82
N SER B 347 -7.20 31.29 17.48
CA SER B 347 -6.47 32.33 16.74
C SER B 347 -5.05 31.92 16.33
N GLY B 348 -4.45 31.00 17.07
CA GLY B 348 -3.05 30.63 16.85
C GLY B 348 -2.12 31.45 17.69
N LEU B 349 -2.68 32.28 18.57
CA LEU B 349 -1.86 33.10 19.45
C LEU B 349 -1.18 32.20 20.48
N SER B 350 -1.93 31.21 20.97
CA SER B 350 -1.41 30.28 21.96
C SER B 350 -0.26 29.52 21.34
N ARG B 351 0.83 29.42 22.11
CA ARG B 351 1.96 28.56 21.71
C ARG B 351 1.70 27.10 22.11
N GLY B 352 0.48 26.82 22.57
CA GLY B 352 0.07 25.47 22.90
C GLY B 352 -0.63 24.79 21.74
N ASN B 353 -0.61 25.47 20.59
CA ASN B 353 -1.21 24.98 19.36
C ASN B 353 -0.19 24.19 18.55
N LEU B 354 -0.64 23.13 17.89
CA LEU B 354 0.26 22.38 17.01
C LEU B 354 -0.50 21.96 15.79
N VAL B 355 0.11 22.18 14.64
CA VAL B 355 -0.35 21.64 13.36
C VAL B 355 0.79 20.81 12.76
N THR B 356 0.51 20.18 11.63
CA THR B 356 1.56 19.70 10.75
C THR B 356 1.27 20.33 9.40
N ALA B 357 2.28 20.46 8.55
CA ALA B 357 2.08 20.96 7.18
C ALA B 357 1.14 20.08 6.36
N ASP B 358 1.23 18.76 6.56
CA ASP B 358 0.32 17.84 5.89
C ASP B 358 -1.13 18.12 6.31
N THR B 359 -1.36 18.33 7.60
CA THR B 359 -2.69 18.66 8.11
C THR B 359 -3.25 19.92 7.47
N VAL B 360 -2.44 20.96 7.37
CA VAL B 360 -2.91 22.21 6.78
C VAL B 360 -3.32 22.00 5.31
N VAL B 361 -2.47 21.32 4.55
CA VAL B 361 -2.74 21.07 3.13
C VAL B 361 -3.94 20.12 2.97
N ASP B 362 -4.06 19.14 3.87
CA ASP B 362 -5.26 18.33 3.96
C ASP B 362 -6.51 19.19 4.15
N LEU B 363 -6.53 20.02 5.20
CA LEU B 363 -7.63 20.98 5.43
C LEU B 363 -7.92 21.79 4.18
N LEU B 364 -6.86 22.31 3.56
CA LEU B 364 -7.02 23.16 2.39
C LEU B 364 -7.62 22.38 1.23
N GLY B 365 -7.34 21.08 1.17
CA GLY B 365 -7.96 20.20 0.20
C GLY B 365 -9.45 20.14 0.43
N GLN B 366 -9.82 19.62 1.60
CA GLN B 366 -11.22 19.47 2.01
C GLN B 366 -12.02 20.76 1.86
N ALA B 367 -11.41 21.87 2.29
CA ALA B 367 -12.04 23.19 2.22
C ALA B 367 -12.30 23.62 0.78
N GLY B 368 -11.42 23.21 -0.13
CA GLY B 368 -11.58 23.50 -1.56
C GLY B 368 -12.83 22.90 -2.19
N SER B 369 -13.24 21.73 -1.67
CA SER B 369 -14.39 21.00 -2.20
C SER B 369 -15.67 21.16 -1.35
N ALA B 370 -15.61 21.96 -0.29
CA ALA B 370 -16.77 22.23 0.55
C ALA B 370 -17.78 23.13 -0.16
N PRO B 371 -19.04 23.18 0.32
CA PRO B 371 -20.01 24.05 -0.36
C PRO B 371 -19.62 25.51 -0.18
N TRP B 372 -19.01 25.83 0.96
CA TRP B 372 -18.69 27.20 1.33
C TRP B 372 -17.32 27.62 0.83
N ALA B 373 -16.78 26.85 -0.11
CA ALA B 373 -15.42 27.01 -0.61
C ALA B 373 -15.10 28.41 -1.12
N GLN B 374 -16.08 29.07 -1.74
CA GLN B 374 -15.83 30.33 -2.41
C GLN B 374 -15.69 31.53 -1.47
N THR B 375 -16.49 31.57 -0.41
CA THR B 375 -16.34 32.62 0.60
C THR B 375 -15.06 32.39 1.39
N TRP B 376 -14.81 31.11 1.69
CA TRP B 376 -13.59 30.65 2.33
C TRP B 376 -12.37 31.19 1.60
N SER B 377 -12.30 30.95 0.30
CA SER B 377 -11.21 31.43 -0.55
C SER B 377 -11.15 32.94 -0.62
N ALA B 378 -12.31 33.58 -0.75
CA ALA B 378 -12.39 35.02 -0.87
C ALA B 378 -11.85 35.71 0.38
N SER B 379 -11.94 35.04 1.53
CA SER B 379 -11.50 35.63 2.78
C SER B 379 -9.98 35.58 2.93
N LEU B 380 -9.31 34.66 2.24
CA LEU B 380 -7.85 34.55 2.35
C LEU B 380 -7.19 35.75 1.72
N PRO B 381 -6.18 36.31 2.41
CA PRO B 381 -5.41 37.42 1.85
C PRO B 381 -4.84 37.07 0.46
N VAL B 382 -4.82 38.06 -0.43
CA VAL B 382 -4.30 37.87 -1.79
C VAL B 382 -2.96 38.56 -1.95
N ALA B 383 -1.93 37.77 -2.25
CA ALA B 383 -0.57 38.27 -2.42
C ALA B 383 -0.48 39.54 -3.26
N GLY B 384 0.09 40.59 -2.68
CA GLY B 384 0.46 41.78 -3.42
C GLY B 384 -0.60 42.81 -3.76
N GLU B 385 -1.83 42.61 -3.27
CA GLU B 385 -2.91 43.58 -3.51
C GLU B 385 -2.87 44.72 -2.48
N SER B 386 -2.70 45.96 -2.96
CA SER B 386 -2.49 47.08 -2.03
C SER B 386 -3.78 47.58 -1.38
N ASP B 387 -4.91 47.04 -1.81
CA ASP B 387 -6.20 47.30 -1.17
C ASP B 387 -6.34 46.38 0.07
N PRO B 388 -6.24 46.97 1.28
CA PRO B 388 -6.21 46.19 2.53
C PRO B 388 -7.23 45.07 2.55
N PHE B 389 -8.47 45.37 2.16
CA PHE B 389 -9.56 44.39 2.18
C PHE B 389 -9.41 43.29 1.15
N VAL B 390 -8.43 43.43 0.26
CA VAL B 390 -8.13 42.36 -0.71
C VAL B 390 -6.78 41.75 -0.37
N GLY B 391 -5.78 42.61 -0.18
CA GLY B 391 -4.42 42.19 0.13
C GLY B 391 -4.25 41.66 1.54
N GLY B 392 -4.91 42.31 2.49
CA GLY B 392 -4.77 41.97 3.91
C GLY B 392 -3.32 41.96 4.35
N THR B 393 -2.95 40.91 5.07
CA THR B 393 -1.61 40.77 5.62
C THR B 393 -0.54 40.45 4.56
N LEU B 394 -0.99 40.19 3.33
CA LEU B 394 -0.11 39.93 2.20
C LEU B 394 -0.02 41.12 1.25
N ALA B 395 -0.65 42.23 1.63
CA ALA B 395 -0.70 43.44 0.81
C ALA B 395 0.68 43.91 0.33
N ASN B 396 1.66 43.88 1.22
CA ASN B 396 3.00 44.37 0.90
C ASN B 396 3.98 43.30 0.45
N ARG B 397 3.47 42.09 0.19
CA ARG B 397 4.32 40.95 -0.15
C ARG B 397 4.03 40.39 -1.54
N MET B 398 5.08 39.95 -2.23
CA MET B 398 5.00 39.31 -3.55
C MET B 398 4.49 40.23 -4.68
N ARG B 399 4.54 41.55 -4.44
CA ARG B 399 4.23 42.53 -5.47
C ARG B 399 5.26 42.45 -6.57
N GLY B 400 4.76 42.37 -7.81
CA GLY B 400 5.62 42.38 -8.99
C GLY B 400 6.17 41.01 -9.24
N THR B 401 5.50 40.01 -8.68
CA THR B 401 5.87 38.62 -8.86
C THR B 401 4.71 37.88 -9.50
N ALA B 402 5.01 36.69 -10.02
CA ALA B 402 4.02 35.75 -10.53
C ALA B 402 2.87 35.55 -9.54
N ALA B 403 3.17 35.69 -8.25
CA ALA B 403 2.19 35.43 -7.19
C ALA B 403 1.20 36.59 -6.98
N GLU B 404 1.57 37.78 -7.44
CA GLU B 404 0.73 38.97 -7.27
C GLU B 404 -0.66 38.73 -7.85
N GLY B 405 -1.69 39.05 -7.06
CA GLY B 405 -3.08 38.82 -7.44
C GLY B 405 -3.47 37.36 -7.63
N VAL B 406 -2.60 36.44 -7.27
CA VAL B 406 -2.84 35.02 -7.50
C VAL B 406 -2.90 34.28 -6.16
N VAL B 407 -1.82 34.33 -5.40
CA VAL B 407 -1.73 33.53 -4.18
C VAL B 407 -2.71 34.03 -3.15
N GLU B 408 -3.51 33.10 -2.64
CA GLU B 408 -4.41 33.35 -1.54
C GLU B 408 -3.89 32.57 -0.34
N ALA B 409 -3.43 33.29 0.69
CA ALA B 409 -2.78 32.63 1.82
C ALA B 409 -2.91 33.36 3.16
N LYS B 410 -3.01 32.55 4.22
CA LYS B 410 -3.04 33.04 5.58
C LYS B 410 -1.59 33.13 6.07
N THR B 411 -1.25 34.29 6.61
CA THR B 411 0.06 34.55 7.16
C THR B 411 0.07 34.18 8.63
N GLY B 412 1.17 34.44 9.32
CA GLY B 412 1.23 34.14 10.74
C GLY B 412 2.65 34.20 11.22
N THR B 413 2.91 35.09 12.18
CA THR B 413 4.24 35.28 12.71
C THR B 413 4.19 35.66 14.18
N MET B 414 4.99 34.96 14.97
CA MET B 414 5.40 35.41 16.31
C MET B 414 6.84 34.93 16.50
N SER B 415 7.45 35.13 17.66
CA SER B 415 8.88 34.87 17.76
C SER B 415 9.19 33.39 17.49
N GLY B 416 10.09 33.14 16.55
CA GLY B 416 10.45 31.78 16.19
C GLY B 416 9.35 30.96 15.54
N VAL B 417 8.28 31.61 15.07
CA VAL B 417 7.18 30.89 14.42
C VAL B 417 6.63 31.72 13.26
N SER B 418 6.64 31.16 12.06
CA SER B 418 6.05 31.86 10.93
C SER B 418 5.48 30.90 9.93
N ALA B 419 4.43 31.32 9.23
CA ALA B 419 3.73 30.40 8.37
C ALA B 419 3.02 31.11 7.23
N LEU B 420 2.99 30.42 6.08
CA LEU B 420 2.23 30.85 4.92
C LEU B 420 1.59 29.62 4.30
N SER B 421 0.27 29.58 4.35
CA SER B 421 -0.48 28.45 3.84
C SER B 421 -1.66 28.95 3.07
N GLY B 422 -1.90 28.32 1.91
CA GLY B 422 -2.96 28.79 1.02
C GLY B 422 -3.10 28.05 -0.28
N TYR B 423 -3.58 28.78 -1.29
CA TYR B 423 -3.84 28.23 -2.60
C TYR B 423 -3.09 29.00 -3.66
N VAL B 424 -2.70 28.27 -4.70
CA VAL B 424 -2.24 28.88 -5.92
C VAL B 424 -3.21 28.44 -7.03
N PRO B 425 -4.22 29.29 -7.32
CA PRO B 425 -5.16 28.98 -8.40
C PRO B 425 -4.41 28.81 -9.71
N GLY B 426 -4.85 27.84 -10.51
CA GLY B 426 -4.24 27.60 -11.82
C GLY B 426 -5.27 27.59 -12.93
N PRO B 427 -4.83 27.82 -14.18
CA PRO B 427 -5.69 27.65 -15.35
C PRO B 427 -6.10 26.19 -15.47
N GLU B 428 -5.11 25.31 -15.27
CA GLU B 428 -5.26 23.87 -15.43
C GLU B 428 -5.38 23.10 -14.10
N GLY B 429 -5.07 23.78 -12.98
CA GLY B 429 -5.06 23.13 -11.67
C GLY B 429 -4.63 24.02 -10.50
N GLU B 430 -5.39 23.95 -9.41
CA GLU B 430 -5.10 24.72 -8.20
C GLU B 430 -4.06 24.00 -7.36
N LEU B 431 -3.14 24.76 -6.77
CA LEU B 431 -2.20 24.22 -5.79
C LEU B 431 -2.61 24.60 -4.39
N ALA B 432 -2.59 23.62 -3.49
CA ALA B 432 -2.67 23.90 -2.07
C ALA B 432 -1.26 23.79 -1.50
N PHE B 433 -0.93 24.67 -0.55
CA PHE B 433 0.40 24.65 0.04
C PHE B 433 0.42 25.09 1.50
N SER B 434 1.35 24.51 2.26
CA SER B 434 1.59 24.94 3.62
C SER B 434 3.08 25.02 3.89
N ILE B 435 3.50 26.20 4.35
CA ILE B 435 4.86 26.49 4.74
C ILE B 435 4.82 26.89 6.21
N VAL B 436 5.35 26.05 7.10
CA VAL B 436 5.39 26.37 8.53
C VAL B 436 6.82 26.30 9.05
N ASN B 437 7.36 27.46 9.45
CA ASN B 437 8.72 27.57 9.94
C ASN B 437 8.71 27.72 11.47
N ASN B 438 9.44 26.84 12.15
CA ASN B 438 9.63 26.93 13.60
C ASN B 438 11.12 26.92 13.86
N GLY B 439 11.53 27.53 14.97
CA GLY B 439 12.89 27.37 15.45
C GLY B 439 13.94 28.25 14.80
N HIS B 440 13.56 29.03 13.79
CA HIS B 440 14.50 30.02 13.26
C HIS B 440 14.79 31.03 14.36
N SER B 441 16.02 31.53 14.36
CA SER B 441 16.57 32.30 15.46
C SER B 441 16.48 33.84 15.27
N GLY B 442 16.21 34.29 14.05
CA GLY B 442 16.14 35.72 13.77
C GLY B 442 14.74 36.17 13.37
N PRO B 443 14.65 37.15 12.44
CA PRO B 443 13.34 37.60 11.98
C PRO B 443 12.63 36.52 11.16
N ALA B 444 11.33 36.70 10.99
CA ALA B 444 10.50 35.75 10.26
C ALA B 444 11.02 35.58 8.84
N PRO B 445 11.03 34.33 8.34
CA PRO B 445 11.57 34.12 7.01
C PRO B 445 10.51 34.41 5.95
N LEU B 446 9.98 35.63 5.94
CA LEU B 446 8.89 36.00 5.05
C LEU B 446 9.35 35.93 3.59
N ALA B 447 10.55 36.44 3.33
CA ALA B 447 11.18 36.39 2.01
C ALA B 447 11.20 34.97 1.45
N VAL B 448 11.58 33.99 2.28
CA VAL B 448 11.58 32.58 1.88
C VAL B 448 10.20 32.10 1.46
N GLN B 449 9.21 32.33 2.31
CA GLN B 449 7.81 31.96 2.05
C GLN B 449 7.32 32.53 0.73
N ASP B 450 7.70 33.77 0.48
CA ASP B 450 7.38 34.47 -0.76
C ASP B 450 8.01 33.74 -1.93
N ALA B 451 9.34 33.58 -1.90
CA ALA B 451 10.06 32.82 -2.92
C ALA B 451 9.32 31.52 -3.23
N ILE B 452 9.01 30.74 -2.20
CA ILE B 452 8.30 29.50 -2.40
C ILE B 452 6.93 29.70 -3.07
N ALA B 453 6.21 30.73 -2.67
CA ALA B 453 4.87 30.95 -3.21
C ALA B 453 4.98 31.44 -4.64
N VAL B 454 5.95 32.30 -4.89
CA VAL B 454 6.20 32.83 -6.23
C VAL B 454 6.48 31.67 -7.19
N ARG B 455 7.37 30.76 -6.77
CA ARG B 455 7.77 29.60 -7.57
C ARG B 455 6.59 28.69 -7.84
N LEU B 456 5.68 28.58 -6.88
CA LEU B 456 4.46 27.81 -7.07
C LEU B 456 3.56 28.46 -8.11
N ALA B 457 3.42 29.78 -8.03
CA ALA B 457 2.64 30.54 -9.04
C ALA B 457 3.22 30.33 -10.45
N GLU B 458 4.54 30.35 -10.57
CA GLU B 458 5.21 30.10 -11.85
C GLU B 458 4.87 28.70 -12.37
N TYR B 459 4.99 27.70 -11.50
CA TYR B 459 4.62 26.33 -11.81
C TYR B 459 3.16 26.20 -12.22
N ALA B 460 2.37 27.21 -11.88
CA ALA B 460 0.94 27.24 -12.19
C ALA B 460 0.65 28.12 -13.40
N GLY B 461 1.71 28.49 -14.12
CA GLY B 461 1.56 29.17 -15.41
C GLY B 461 1.43 30.67 -15.29
N HIS B 462 1.83 31.20 -14.14
CA HIS B 462 1.79 32.65 -13.91
C HIS B 462 3.16 33.29 -14.09
N GLN B 463 3.15 34.49 -14.66
CA GLN B 463 4.33 35.30 -14.79
C GLN B 463 4.02 36.65 -14.15
N ALA B 464 5.08 37.40 -13.86
CA ALA B 464 4.94 38.75 -13.33
C ALA B 464 4.12 39.63 -14.28
N PRO B 465 3.07 40.31 -13.76
CA PRO B 465 2.32 41.32 -14.52
C PRO B 465 3.17 42.57 -14.86
N GLU B 466 2.75 43.45 -15.61
N ARG C 1 36.82 -41.24 -55.04
CA ARG C 1 35.31 -41.23 -54.93
C ARG C 1 34.90 -41.20 -53.46
N LEU C 2 35.59 -41.98 -52.64
CA LEU C 2 35.26 -42.23 -51.25
C LEU C 2 36.50 -42.75 -50.52
N THR C 3 37.35 -43.48 -51.25
CA THR C 3 38.67 -43.87 -50.76
C THR C 3 39.51 -42.61 -50.58
N GLU C 4 39.17 -41.58 -51.37
CA GLU C 4 39.81 -40.27 -51.30
C GLU C 4 39.38 -39.50 -50.06
N LEU C 5 38.08 -39.52 -49.74
CA LEU C 5 37.56 -38.93 -48.51
C LEU C 5 38.25 -39.55 -47.29
N ARG C 6 38.45 -40.86 -47.35
CA ARG C 6 39.10 -41.61 -46.28
C ARG C 6 40.56 -41.21 -46.08
N GLU C 7 41.31 -41.11 -47.18
CA GLU C 7 42.70 -40.64 -47.13
C GLU C 7 42.76 -39.24 -46.52
N ASP C 8 41.84 -38.38 -46.97
CA ASP C 8 41.75 -37.00 -46.53
C ASP C 8 41.50 -36.89 -45.03
N ILE C 9 40.52 -37.64 -44.52
CA ILE C 9 40.25 -37.63 -43.09
C ILE C 9 41.41 -38.24 -42.31
N ASP C 10 41.99 -39.34 -42.83
CA ASP C 10 43.23 -39.92 -42.25
C ASP C 10 44.29 -38.85 -42.06
N ALA C 11 44.56 -38.11 -43.13
CA ALA C 11 45.61 -37.09 -43.15
C ALA C 11 45.32 -35.93 -42.19
N ILE C 12 44.07 -35.49 -42.16
CA ILE C 12 43.64 -34.47 -41.24
C ILE C 12 43.90 -34.91 -39.80
N LEU C 13 43.62 -36.18 -39.49
CA LEU C 13 43.86 -36.76 -38.15
C LEU C 13 45.34 -36.93 -37.78
N GLU C 14 46.24 -36.86 -38.76
CA GLU C 14 47.68 -36.80 -38.46
C GLU C 14 48.02 -35.33 -38.27
N ASP C 15 47.62 -34.83 -37.12
CA ASP C 15 47.77 -33.42 -36.83
C ASP C 15 48.53 -33.31 -35.53
N PRO C 16 49.46 -32.34 -35.44
CA PRO C 16 50.18 -32.07 -34.21
C PRO C 16 49.28 -32.00 -32.97
N ALA C 17 48.07 -31.46 -33.12
CA ALA C 17 47.17 -31.30 -31.98
C ALA C 17 46.72 -32.65 -31.40
N LEU C 18 46.75 -33.70 -32.21
CA LEU C 18 46.25 -35.02 -31.79
C LEU C 18 47.37 -36.00 -31.42
N GLU C 19 48.56 -35.46 -31.29
CA GLU C 19 49.72 -36.24 -30.89
C GLU C 19 49.41 -36.96 -29.58
N GLY C 20 49.43 -38.29 -29.63
CA GLY C 20 49.26 -39.11 -28.43
C GLY C 20 47.85 -39.21 -27.90
N ALA C 21 46.90 -38.79 -28.73
CA ALA C 21 45.48 -38.72 -28.38
C ALA C 21 44.71 -39.85 -29.04
N VAL C 22 43.49 -40.09 -28.57
CA VAL C 22 42.56 -41.05 -29.19
C VAL C 22 41.46 -40.23 -29.81
N SER C 23 41.08 -40.57 -31.04
CA SER C 23 40.01 -39.89 -31.72
C SER C 23 39.01 -40.89 -32.28
N GLY C 24 37.81 -40.92 -31.71
CA GLY C 24 36.71 -41.69 -32.27
C GLY C 24 36.06 -40.85 -33.35
N VAL C 25 36.15 -41.31 -34.59
CA VAL C 25 35.62 -40.56 -35.74
C VAL C 25 34.77 -41.46 -36.61
N VAL C 26 33.48 -41.13 -36.70
CA VAL C 26 32.57 -41.92 -37.48
C VAL C 26 31.72 -41.03 -38.37
N VAL C 27 31.73 -41.32 -39.67
CA VAL C 27 30.88 -40.63 -40.63
C VAL C 27 29.95 -41.63 -41.34
N VAL C 28 28.68 -41.27 -41.42
CA VAL C 28 27.66 -42.13 -42.00
C VAL C 28 26.78 -41.29 -42.92
N ASP C 29 26.53 -41.80 -44.13
CA ASP C 29 25.50 -41.24 -44.98
C ASP C 29 24.18 -41.80 -44.48
N THR C 30 23.37 -40.98 -43.82
CA THR C 30 22.18 -41.50 -43.18
C THR C 30 21.03 -41.84 -44.14
N ALA C 31 21.19 -41.49 -45.42
CA ALA C 31 20.18 -41.78 -46.43
C ALA C 31 20.34 -43.20 -46.96
N THR C 32 21.53 -43.75 -46.83
CA THR C 32 21.83 -45.11 -47.28
C THR C 32 22.33 -46.00 -46.16
N GLY C 33 22.79 -45.36 -45.08
CA GLY C 33 23.38 -46.07 -43.96
C GLY C 33 24.84 -46.45 -44.22
N GLU C 34 25.37 -46.03 -45.37
CA GLU C 34 26.77 -46.28 -45.68
C GLU C 34 27.70 -45.53 -44.73
N GLU C 35 28.61 -46.28 -44.13
CA GLU C 35 29.64 -45.79 -43.25
C GLU C 35 30.80 -45.25 -44.08
N LEU C 36 30.88 -43.93 -44.21
CA LEU C 36 31.91 -43.30 -45.04
C LEU C 36 33.29 -43.31 -44.38
N TYR C 37 33.33 -43.32 -43.06
CA TYR C 37 34.60 -43.32 -42.33
C TYR C 37 34.40 -43.89 -40.95
N SER C 38 35.39 -44.64 -40.47
CA SER C 38 35.30 -45.24 -39.15
C SER C 38 36.68 -45.46 -38.54
N ARG C 39 36.95 -44.79 -37.43
CA ARG C 39 38.20 -44.96 -36.71
C ARG C 39 37.92 -44.91 -35.22
N ASP C 40 38.23 -46.01 -34.54
CA ASP C 40 38.02 -46.13 -33.09
C ASP C 40 36.61 -45.76 -32.68
N GLY C 41 35.65 -46.13 -33.54
CA GLY C 41 34.26 -45.84 -33.33
C GLY C 41 33.66 -46.52 -32.12
N GLY C 42 34.26 -47.62 -31.70
CA GLY C 42 33.80 -48.37 -30.54
C GLY C 42 34.56 -48.05 -29.26
N GLU C 43 35.44 -47.05 -29.32
CA GLU C 43 36.21 -46.64 -28.17
C GLU C 43 35.36 -45.77 -27.23
N GLN C 44 35.33 -46.14 -25.95
CA GLN C 44 34.64 -45.32 -24.98
C GLN C 44 35.48 -44.12 -24.65
N LEU C 45 34.89 -42.94 -24.85
CA LEU C 45 35.59 -41.67 -24.67
C LEU C 45 34.67 -40.73 -23.90
N LEU C 46 35.27 -39.77 -23.19
CA LEU C 46 34.50 -38.71 -22.57
C LEU C 46 33.92 -37.84 -23.69
N PRO C 47 32.63 -37.47 -23.59
CA PRO C 47 31.99 -36.67 -24.65
C PRO C 47 32.02 -35.17 -24.40
N ALA C 48 32.33 -34.73 -23.17
CA ALA C 48 32.14 -33.32 -22.80
C ALA C 48 30.70 -32.91 -23.18
N SER C 49 30.53 -31.73 -23.76
CA SER C 49 29.20 -31.18 -23.99
C SER C 49 28.37 -31.99 -24.99
N ASN C 50 29.02 -32.84 -25.78
CA ASN C 50 28.29 -33.75 -26.66
C ASN C 50 27.30 -34.68 -25.97
N MET C 51 27.51 -34.93 -24.68
CA MET C 51 26.52 -35.63 -23.87
C MET C 51 25.14 -35.01 -24.01
N LYS C 52 25.08 -33.68 -24.15
CA LYS C 52 23.80 -32.99 -24.35
C LYS C 52 23.03 -33.53 -25.54
N LEU C 53 23.71 -34.10 -26.52
CA LEU C 53 23.01 -34.74 -27.64
C LEU C 53 22.03 -35.81 -27.16
N PHE C 54 22.55 -36.71 -26.35
CA PHE C 54 21.72 -37.75 -25.72
C PHE C 54 20.60 -37.18 -24.85
N THR C 55 20.94 -36.16 -24.06
CA THR C 55 19.99 -35.63 -23.12
C THR C 55 18.83 -34.96 -23.84
N ALA C 56 19.14 -34.15 -24.85
CA ALA C 56 18.12 -33.45 -25.61
C ALA C 56 17.19 -34.46 -26.32
N ALA C 57 17.79 -35.45 -26.97
CA ALA C 57 17.01 -36.54 -27.59
C ALA C 57 16.07 -37.22 -26.60
N ALA C 58 16.62 -37.65 -25.46
CA ALA C 58 15.84 -38.25 -24.39
C ALA C 58 14.70 -37.33 -23.95
N ALA C 59 15.03 -36.06 -23.73
CA ALA C 59 14.06 -35.07 -23.27
C ALA C 59 12.90 -34.93 -24.24
N LEU C 60 13.20 -34.89 -25.53
CA LEU C 60 12.16 -34.76 -26.54
C LEU C 60 11.30 -36.02 -26.56
N GLU C 61 11.94 -37.17 -26.45
CA GLU C 61 11.24 -38.44 -26.37
C GLU C 61 10.32 -38.53 -25.15
N VAL C 62 10.84 -38.12 -23.99
CA VAL C 62 10.13 -38.38 -22.74
C VAL C 62 9.10 -37.30 -22.46
N LEU C 63 9.48 -36.04 -22.65
CA LEU C 63 8.64 -34.90 -22.29
C LEU C 63 7.82 -34.41 -23.46
N GLY C 64 8.38 -34.51 -24.67
CA GLY C 64 7.73 -34.05 -25.89
C GLY C 64 8.17 -32.65 -26.27
N ALA C 65 8.23 -32.38 -27.57
CA ALA C 65 8.58 -31.08 -28.09
C ALA C 65 7.63 -29.96 -27.65
N ASP C 66 6.45 -30.33 -27.18
CA ASP C 66 5.48 -29.35 -26.70
C ASP C 66 5.43 -29.24 -25.17
N HIS C 67 6.31 -29.94 -24.46
CA HIS C 67 6.28 -29.87 -23.00
C HIS C 67 6.58 -28.45 -22.54
N SER C 68 5.88 -28.02 -21.50
CA SER C 68 6.09 -26.71 -20.93
C SER C 68 6.28 -26.89 -19.43
N PHE C 69 6.97 -25.94 -18.81
CA PHE C 69 7.30 -26.03 -17.39
C PHE C 69 6.57 -24.98 -16.56
N GLY C 70 6.04 -25.40 -15.42
CA GLY C 70 5.21 -24.54 -14.59
C GLY C 70 5.90 -24.06 -13.33
N THR C 71 5.46 -22.90 -12.85
CA THR C 71 5.89 -22.32 -11.59
C THR C 71 4.62 -21.71 -11.05
N GLU C 72 4.39 -21.88 -9.75
CA GLU C 72 3.12 -21.50 -9.12
C GLU C 72 3.44 -20.73 -7.87
N VAL C 73 2.46 -19.94 -7.41
CA VAL C 73 2.54 -19.30 -6.13
C VAL C 73 1.29 -19.71 -5.37
N ALA C 74 1.48 -20.26 -4.17
CA ALA C 74 0.37 -20.86 -3.44
C ALA C 74 0.29 -20.37 -2.01
N ALA C 75 -0.94 -20.20 -1.53
CA ALA C 75 -1.23 -19.90 -0.13
C ALA C 75 -2.27 -20.90 0.37
N GLU C 76 -2.42 -21.04 1.70
CA GLU C 76 -3.35 -22.04 2.24
C GLU C 76 -4.79 -21.80 1.79
N SER C 77 -5.14 -20.52 1.68
CA SER C 77 -6.40 -20.11 1.06
C SER C 77 -6.28 -18.69 0.54
N ALA C 78 -7.30 -18.24 -0.17
CA ALA C 78 -7.37 -16.88 -0.71
C ALA C 78 -7.21 -15.82 0.40
N PRO C 79 -6.75 -14.60 0.06
CA PRO C 79 -6.50 -13.55 1.04
C PRO C 79 -7.73 -13.19 1.89
N GLY C 80 -7.52 -13.05 3.21
CA GLY C 80 -8.59 -12.88 4.18
C GLY C 80 -9.10 -11.46 4.38
N ARG C 81 -10.05 -11.07 3.52
CA ARG C 81 -10.81 -9.81 3.65
C ARG C 81 -9.96 -8.52 3.67
N ARG C 82 -9.06 -8.40 4.64
CA ARG C 82 -8.06 -7.32 4.67
C ARG C 82 -6.88 -7.62 3.74
N GLY C 83 -7.08 -8.58 2.83
CA GLY C 83 -6.04 -9.00 1.88
C GLY C 83 -4.87 -9.73 2.51
N GLU C 84 -5.11 -10.42 3.62
CA GLU C 84 -4.05 -11.10 4.33
C GLU C 84 -3.94 -12.58 3.97
N VAL C 85 -2.70 -13.02 3.83
CA VAL C 85 -2.36 -14.42 3.66
C VAL C 85 -1.30 -14.73 4.71
N GLN C 86 -1.20 -15.99 5.14
CA GLN C 86 -0.21 -16.36 6.16
C GLN C 86 1.18 -16.63 5.57
N ASP C 87 1.46 -17.90 5.25
CA ASP C 87 2.69 -18.26 4.55
C ASP C 87 2.41 -18.24 3.07
N LEU C 88 3.45 -18.02 2.27
CA LEU C 88 3.35 -18.03 0.83
C LEU C 88 4.44 -18.91 0.24
N TYR C 89 4.09 -19.71 -0.74
CA TYR C 89 5.03 -20.63 -1.38
C TYR C 89 5.20 -20.33 -2.87
N LEU C 90 6.41 -19.95 -3.25
CA LEU C 90 6.81 -19.95 -4.65
C LEU C 90 7.29 -21.35 -5.01
N VAL C 91 6.66 -21.96 -6.01
CA VAL C 91 6.82 -23.38 -6.26
C VAL C 91 7.38 -23.60 -7.65
N GLY C 92 8.61 -24.10 -7.73
CA GLY C 92 9.25 -24.36 -9.00
C GLY C 92 9.03 -25.79 -9.44
N ARG C 93 8.82 -25.99 -10.73
CA ARG C 93 8.69 -27.33 -11.25
C ARG C 93 9.55 -27.54 -12.48
N GLY C 94 10.79 -27.08 -12.39
CA GLY C 94 11.80 -27.38 -13.40
C GLY C 94 11.83 -26.45 -14.60
N ASP C 95 11.28 -25.24 -14.47
CA ASP C 95 11.39 -24.26 -15.56
C ASP C 95 12.81 -23.73 -15.61
N PRO C 96 13.55 -24.06 -16.69
CA PRO C 96 14.92 -23.62 -16.84
C PRO C 96 14.99 -22.25 -17.50
N THR C 97 13.86 -21.56 -17.61
CA THR C 97 13.78 -20.28 -18.31
C THR C 97 12.96 -19.28 -17.51
N LEU C 98 12.95 -19.44 -16.21
CA LEU C 98 12.12 -18.60 -15.35
C LEU C 98 12.88 -17.33 -15.03
N SER C 99 12.43 -16.21 -15.59
CA SER C 99 13.14 -14.94 -15.48
C SER C 99 12.65 -14.16 -14.27
N ALA C 100 13.44 -13.14 -13.92
CA ALA C 100 13.10 -12.19 -12.87
C ALA C 100 11.81 -11.46 -13.24
N GLU C 101 11.66 -11.12 -14.52
CA GLU C 101 10.43 -10.50 -15.00
C GLU C 101 9.22 -11.43 -14.81
N ASP C 102 9.41 -12.72 -15.11
CA ASP C 102 8.41 -13.75 -14.77
C ASP C 102 8.06 -13.68 -13.28
N LEU C 103 9.05 -13.53 -12.43
CA LEU C 103 8.79 -13.41 -10.99
C LEU C 103 7.95 -12.16 -10.69
N ASP C 104 8.22 -11.10 -11.43
CA ASP C 104 7.50 -9.85 -11.27
C ASP C 104 6.04 -10.00 -11.69
N ALA C 105 5.81 -10.60 -12.85
CA ALA C 105 4.45 -10.83 -13.34
C ALA C 105 3.64 -11.63 -12.33
N MET C 106 4.27 -12.65 -11.76
CA MET C 106 3.60 -13.48 -10.77
C MET C 106 3.32 -12.68 -9.51
N ALA C 107 4.26 -11.81 -9.15
CA ALA C 107 4.08 -10.91 -8.01
C ALA C 107 2.86 -10.02 -8.25
N ALA C 108 2.77 -9.49 -9.47
CA ALA C 108 1.61 -8.72 -9.89
C ALA C 108 0.31 -9.54 -9.81
N GLU C 109 0.36 -10.81 -10.20
CA GLU C 109 -0.81 -11.69 -10.04
C GLU C 109 -1.20 -11.86 -8.57
N VAL C 110 -0.21 -11.94 -7.69
CA VAL C 110 -0.47 -12.12 -6.26
C VAL C 110 -1.11 -10.87 -5.65
N ALA C 111 -0.65 -9.69 -6.04
CA ALA C 111 -1.25 -8.44 -5.59
C ALA C 111 -2.65 -8.29 -6.17
N ALA C 112 -2.78 -8.58 -7.46
CA ALA C 112 -4.07 -8.45 -8.17
C ALA C 112 -5.15 -9.36 -7.62
N SER C 113 -4.74 -10.47 -7.02
CA SER C 113 -5.67 -11.44 -6.43
C SER C 113 -6.09 -11.02 -5.02
N GLY C 114 -5.57 -9.88 -4.57
CA GLY C 114 -6.04 -9.26 -3.34
C GLY C 114 -5.07 -9.21 -2.19
N VAL C 115 -3.89 -9.79 -2.38
CA VAL C 115 -2.92 -9.90 -1.30
C VAL C 115 -2.27 -8.54 -1.03
N ARG C 116 -2.35 -8.11 0.23
CA ARG C 116 -1.72 -6.87 0.69
C ARG C 116 -0.57 -7.23 1.62
N THR C 117 -0.79 -8.27 2.43
CA THR C 117 0.23 -8.69 3.38
C THR C 117 0.44 -10.20 3.39
N VAL C 118 1.71 -10.60 3.35
CA VAL C 118 2.10 -11.93 3.74
C VAL C 118 2.51 -11.79 5.18
N ARG C 119 1.67 -12.32 6.06
CA ARG C 119 1.85 -12.21 7.51
C ARG C 119 2.93 -13.17 7.99
N GLY C 120 2.95 -14.36 7.40
CA GLY C 120 3.92 -15.38 7.76
C GLY C 120 5.17 -15.26 6.93
N ASP C 121 5.64 -16.38 6.39
CA ASP C 121 6.93 -16.44 5.72
C ASP C 121 6.77 -16.69 4.24
N LEU C 122 7.80 -16.37 3.48
CA LEU C 122 7.83 -16.71 2.08
C LEU C 122 8.78 -17.88 1.88
N TYR C 123 8.24 -18.97 1.37
CA TYR C 123 9.04 -20.14 1.14
C TYR C 123 9.28 -20.37 -0.34
N ALA C 124 10.52 -20.75 -0.66
CA ALA C 124 10.88 -21.20 -1.99
C ALA C 124 10.82 -22.71 -2.00
N ASP C 125 9.93 -23.24 -2.81
CA ASP C 125 9.67 -24.67 -2.90
C ASP C 125 10.30 -25.26 -4.16
N ASP C 126 11.42 -25.94 -3.98
CA ASP C 126 12.08 -26.60 -5.09
C ASP C 126 12.06 -28.10 -4.91
N THR C 127 11.11 -28.58 -4.11
CA THR C 127 11.03 -30.01 -3.77
C THR C 127 10.63 -30.92 -4.94
N TRP C 128 10.17 -30.36 -6.06
CA TRP C 128 9.91 -31.13 -7.29
C TRP C 128 11.15 -31.89 -7.79
N PHE C 129 12.34 -31.33 -7.60
CA PHE C 129 13.59 -32.08 -7.78
C PHE C 129 14.16 -32.30 -6.39
N ASP C 130 15.16 -33.18 -6.25
CA ASP C 130 15.84 -33.32 -4.96
C ASP C 130 16.76 -32.12 -4.69
N SER C 131 17.36 -32.11 -3.51
CA SER C 131 18.26 -31.03 -3.13
C SER C 131 19.74 -31.36 -3.45
N GLU C 132 19.98 -32.33 -4.32
CA GLU C 132 21.36 -32.60 -4.74
C GLU C 132 21.73 -31.57 -5.83
N ARG C 133 22.62 -30.66 -5.48
CA ARG C 133 22.83 -29.46 -6.28
C ARG C 133 23.86 -29.68 -7.36
N LEU C 134 24.77 -30.61 -7.11
CA LEU C 134 25.94 -30.79 -7.95
C LEU C 134 26.18 -32.28 -8.15
N VAL C 135 26.68 -32.66 -9.32
CA VAL C 135 27.07 -34.04 -9.53
C VAL C 135 28.31 -34.27 -8.67
N ASP C 136 28.37 -35.43 -8.02
CA ASP C 136 29.49 -35.73 -7.11
C ASP C 136 30.86 -35.48 -7.72
N ASP C 137 31.09 -35.98 -8.92
CA ASP C 137 32.41 -35.85 -9.53
C ASP C 137 32.68 -34.53 -10.28
N TRP C 138 31.74 -33.59 -10.25
CA TRP C 138 32.02 -32.23 -10.73
C TRP C 138 33.09 -31.62 -9.87
N TRP C 139 33.85 -30.68 -10.42
CA TRP C 139 34.92 -30.05 -9.65
C TRP C 139 34.46 -28.87 -8.83
N PRO C 140 34.72 -28.91 -7.51
CA PRO C 140 34.43 -27.76 -6.63
C PRO C 140 34.96 -26.44 -7.21
N GLU C 141 36.09 -26.49 -7.92
CA GLU C 141 36.72 -25.25 -8.42
C GLU C 141 35.90 -24.56 -9.49
N ASP C 142 35.01 -25.33 -10.13
CA ASP C 142 34.14 -24.83 -11.21
C ASP C 142 32.90 -24.15 -10.68
N GLU C 143 32.61 -24.36 -9.40
CA GLU C 143 31.35 -23.97 -8.81
C GLU C 143 31.01 -22.46 -8.87
N PRO C 144 32.02 -21.57 -8.90
CA PRO C 144 31.64 -20.16 -9.06
C PRO C 144 31.02 -19.82 -10.42
N TYR C 145 31.31 -20.61 -11.44
CA TYR C 145 31.00 -20.27 -12.84
C TYR C 145 29.65 -20.80 -13.33
N ALA C 146 29.05 -20.03 -14.22
CA ALA C 146 27.69 -20.29 -14.75
C ALA C 146 27.48 -21.73 -15.15
N TYR C 147 28.49 -22.31 -15.81
CA TYR C 147 28.40 -23.65 -16.35
C TYR C 147 28.29 -24.72 -15.25
N SER C 148 28.62 -24.35 -14.02
CA SER C 148 28.51 -25.27 -12.91
C SER C 148 27.47 -24.87 -11.87
N ALA C 149 26.49 -24.10 -12.31
CA ALA C 149 25.39 -23.68 -11.42
C ALA C 149 24.75 -24.86 -10.71
N GLN C 150 24.29 -24.64 -9.49
CA GLN C 150 23.57 -25.63 -8.71
C GLN C 150 22.24 -25.98 -9.36
N ILE C 151 21.85 -27.24 -9.25
CA ILE C 151 20.62 -27.72 -9.85
C ILE C 151 19.46 -27.67 -8.87
N SER C 152 18.38 -27.05 -9.32
CA SER C 152 17.19 -26.89 -8.51
C SER C 152 15.96 -26.84 -9.41
N ALA C 153 14.84 -27.26 -8.86
CA ALA C 153 13.58 -27.18 -9.59
C ALA C 153 13.07 -25.73 -9.58
N LEU C 154 13.60 -24.92 -8.65
CA LEU C 154 13.27 -23.49 -8.64
C LEU C 154 14.53 -22.68 -8.82
N THR C 155 14.70 -22.17 -10.03
CA THR C 155 15.88 -21.40 -10.32
C THR C 155 15.57 -20.22 -11.23
N VAL C 156 16.21 -19.08 -10.96
CA VAL C 156 16.05 -17.90 -11.82
C VAL C 156 17.03 -17.99 -12.97
N ALA C 157 16.48 -17.88 -14.18
CA ALA C 157 17.27 -17.90 -15.39
C ALA C 157 17.63 -16.48 -15.78
N HIS C 158 18.91 -16.31 -16.10
CA HIS C 158 19.40 -15.00 -16.42
C HIS C 158 19.56 -14.79 -17.91
N GLY C 159 19.00 -13.68 -18.41
CA GLY C 159 19.20 -13.23 -19.78
C GLY C 159 18.41 -14.05 -20.77
N GLU C 160 18.53 -13.70 -22.04
CA GLU C 160 17.86 -14.45 -23.12
C GLU C 160 18.53 -15.81 -23.39
N ARG C 161 19.68 -16.07 -22.77
CA ARG C 161 20.31 -17.39 -22.86
C ARG C 161 19.88 -18.30 -21.70
N PHE C 162 19.21 -17.71 -20.73
CA PHE C 162 18.62 -18.46 -19.63
C PHE C 162 19.69 -19.26 -18.87
N ASP C 163 20.71 -18.56 -18.40
CA ASP C 163 21.70 -19.15 -17.51
C ASP C 163 21.13 -19.17 -16.10
N THR C 164 21.00 -20.37 -15.57
CA THR C 164 20.30 -20.56 -14.29
C THR C 164 21.26 -20.50 -13.12
N GLY C 165 20.71 -20.17 -11.95
CA GLY C 165 21.39 -20.25 -10.67
C GLY C 165 22.55 -19.30 -10.53
N VAL C 166 22.48 -18.20 -11.28
CA VAL C 166 23.54 -17.21 -11.28
C VAL C 166 23.02 -15.81 -10.98
N THR C 167 23.94 -14.97 -10.54
CA THR C 167 23.70 -13.56 -10.41
C THR C 167 24.76 -12.84 -11.25
N GLU C 168 24.43 -11.63 -11.71
CA GLU C 168 25.39 -10.82 -12.42
C GLU C 168 26.18 -9.91 -11.51
N VAL C 169 27.48 -10.13 -11.44
CA VAL C 169 28.36 -9.24 -10.70
C VAL C 169 28.90 -8.22 -11.66
N SER C 170 28.74 -6.94 -11.33
CA SER C 170 29.36 -5.90 -12.13
C SER C 170 30.32 -5.10 -11.27
N VAL C 171 31.56 -5.03 -11.70
CA VAL C 171 32.58 -4.32 -10.96
C VAL C 171 32.98 -3.12 -11.79
N THR C 172 32.90 -1.95 -11.16
CA THR C 172 33.18 -0.70 -11.83
C THR C 172 34.32 0.02 -11.12
N PRO C 173 35.22 0.61 -11.91
CA PRO C 173 36.34 1.27 -11.26
C PRO C 173 35.88 2.56 -10.57
N ALA C 174 36.42 2.82 -9.38
CA ALA C 174 36.28 4.11 -8.69
C ALA C 174 37.47 4.99 -9.06
N ALA C 175 37.95 5.77 -8.09
CA ALA C 175 39.15 6.55 -8.28
C ALA C 175 40.36 5.66 -8.02
N GLU C 176 41.47 5.99 -8.68
CA GLU C 176 42.70 5.22 -8.57
C GLU C 176 43.13 4.98 -7.12
N GLY C 177 43.32 3.71 -6.78
CA GLY C 177 43.68 3.33 -5.42
C GLY C 177 42.50 3.26 -4.46
N GLU C 178 41.33 3.74 -4.87
CA GLU C 178 40.10 3.49 -4.11
C GLU C 178 39.58 2.08 -4.39
N PRO C 179 38.81 1.49 -3.44
CA PRO C 179 38.17 0.20 -3.72
C PRO C 179 37.31 0.25 -4.99
N ALA C 180 37.25 -0.86 -5.72
CA ALA C 180 36.30 -0.98 -6.83
C ALA C 180 34.87 -1.00 -6.29
N ASP C 181 33.92 -0.52 -7.09
CA ASP C 181 32.51 -0.60 -6.73
C ASP C 181 31.91 -1.90 -7.30
N VAL C 182 31.32 -2.70 -6.42
CA VAL C 182 30.76 -4.01 -6.80
C VAL C 182 29.25 -4.07 -6.61
N ASP C 183 28.55 -4.45 -7.66
CA ASP C 183 27.13 -4.72 -7.56
C ASP C 183 26.94 -6.21 -7.81
N LEU C 184 26.28 -6.89 -6.87
CA LEU C 184 26.03 -8.33 -7.01
C LEU C 184 24.82 -8.69 -7.88
N GLY C 185 24.15 -7.69 -8.44
CA GLY C 185 23.01 -7.94 -9.31
C GLY C 185 21.85 -8.50 -8.51
N ALA C 186 21.21 -9.54 -9.04
CA ALA C 186 20.04 -10.15 -8.43
C ALA C 186 20.28 -10.58 -6.98
N ALA C 187 21.50 -11.01 -6.70
CA ALA C 187 21.85 -11.50 -5.37
C ALA C 187 22.30 -10.42 -4.37
N GLU C 188 22.13 -9.16 -4.73
CA GLU C 188 22.33 -8.06 -3.75
C GLU C 188 21.31 -8.26 -2.66
N GLY C 189 21.79 -8.37 -1.43
CA GLY C 189 20.92 -8.65 -0.28
C GLY C 189 20.78 -10.14 0.00
N TYR C 190 21.29 -10.97 -0.90
CA TYR C 190 21.25 -12.40 -0.69
C TYR C 190 22.64 -12.98 -0.45
N ALA C 191 23.55 -12.82 -1.41
CA ALA C 191 24.95 -13.21 -1.23
C ALA C 191 25.67 -12.15 -0.43
N GLU C 192 26.65 -12.56 0.38
CA GLU C 192 27.50 -11.59 1.02
C GLU C 192 28.59 -11.08 0.06
N LEU C 193 29.00 -9.83 0.24
CA LEU C 193 30.08 -9.25 -0.55
C LEU C 193 31.39 -9.21 0.23
N ASP C 194 32.44 -9.81 -0.33
CA ASP C 194 33.76 -9.70 0.25
C ASP C 194 34.61 -8.97 -0.78
N ASN C 195 34.55 -7.64 -0.73
CA ASN C 195 35.16 -6.82 -1.74
C ASN C 195 36.52 -6.33 -1.29
N ARG C 196 37.56 -7.03 -1.73
CA ARG C 196 38.93 -6.61 -1.49
C ARG C 196 39.58 -6.17 -2.82
N ALA C 197 38.75 -5.76 -3.77
CA ALA C 197 39.23 -5.27 -5.06
C ALA C 197 39.59 -3.80 -5.00
N VAL C 198 40.63 -3.45 -5.73
CA VAL C 198 41.09 -2.07 -5.79
C VAL C 198 41.00 -1.54 -7.23
N THR C 199 40.90 -0.22 -7.35
CA THR C 199 41.03 0.44 -8.65
C THR C 199 42.49 0.72 -8.93
N GLY C 200 42.99 0.15 -10.02
CA GLY C 200 44.36 0.44 -10.45
C GLY C 200 44.43 1.72 -11.28
N ALA C 201 45.65 2.11 -11.60
CA ALA C 201 45.91 3.28 -12.46
C ALA C 201 45.38 3.04 -13.86
N ALA C 202 44.91 4.10 -14.49
CA ALA C 202 44.51 4.02 -15.88
C ALA C 202 45.63 3.33 -16.66
N GLY C 203 45.28 2.39 -17.53
CA GLY C 203 46.27 1.73 -18.37
C GLY C 203 47.01 0.55 -17.73
N SER C 204 46.67 0.21 -16.48
CA SER C 204 47.33 -0.91 -15.79
C SER C 204 46.69 -2.26 -16.14
N ALA C 205 47.37 -3.35 -15.84
CA ALA C 205 46.78 -4.68 -15.99
C ALA C 205 45.47 -4.82 -15.20
N ASN C 206 44.49 -5.47 -15.83
CA ASN C 206 43.30 -5.89 -15.14
C ASN C 206 43.57 -7.24 -14.48
N THR C 207 43.65 -7.26 -13.15
CA THR C 207 43.83 -8.53 -12.43
C THR C 207 42.59 -8.91 -11.61
N LEU C 208 41.44 -8.41 -12.03
CA LEU C 208 40.21 -8.65 -11.28
C LEU C 208 39.81 -10.12 -11.24
N VAL C 209 39.46 -10.59 -10.06
CA VAL C 209 39.02 -11.96 -9.85
C VAL C 209 37.71 -11.93 -9.08
N ILE C 210 36.67 -12.49 -9.70
CA ILE C 210 35.37 -12.61 -9.07
C ILE C 210 35.10 -14.09 -8.74
N ASP C 211 34.98 -14.35 -7.46
CA ASP C 211 34.98 -15.71 -6.95
C ASP C 211 33.81 -15.89 -5.99
N ARG C 212 33.40 -17.13 -5.80
CA ARG C 212 32.57 -17.50 -4.68
C ARG C 212 33.34 -18.61 -3.99
N PRO C 213 33.98 -18.31 -2.85
CA PRO C 213 34.75 -19.34 -2.16
C PRO C 213 33.87 -20.53 -1.87
N VAL C 214 34.45 -21.73 -2.02
CA VAL C 214 33.70 -22.98 -1.99
C VAL C 214 32.90 -23.11 -0.70
N GLY C 215 31.67 -23.60 -0.82
CA GLY C 215 30.81 -23.83 0.32
C GLY C 215 30.28 -22.55 0.95
N THR C 216 30.57 -21.41 0.34
CA THR C 216 30.04 -20.14 0.86
C THR C 216 29.02 -19.54 -0.09
N ASN C 217 28.33 -18.51 0.39
CA ASN C 217 27.45 -17.73 -0.44
C ASN C 217 27.97 -16.30 -0.47
N THR C 218 29.29 -16.20 -0.57
CA THR C 218 29.97 -14.94 -0.62
C THR C 218 30.57 -14.70 -2.01
N ILE C 219 30.37 -13.51 -2.54
CA ILE C 219 31.10 -13.12 -3.72
C ILE C 219 32.34 -12.39 -3.24
N ALA C 220 33.50 -12.96 -3.56
CA ALA C 220 34.78 -12.43 -3.15
C ALA C 220 35.46 -11.79 -4.35
N VAL C 221 35.57 -10.46 -4.31
CA VAL C 221 36.19 -9.74 -5.40
C VAL C 221 37.58 -9.28 -4.99
N THR C 222 38.57 -9.68 -5.78
CA THR C 222 39.97 -9.33 -5.52
C THR C 222 40.63 -8.80 -6.79
N GLY C 223 41.83 -8.26 -6.62
CA GLY C 223 42.62 -7.79 -7.74
C GLY C 223 42.33 -6.35 -8.08
N SER C 224 42.81 -5.94 -9.24
CA SER C 224 42.79 -4.54 -9.62
C SER C 224 42.14 -4.34 -10.98
N LEU C 225 41.21 -3.42 -11.00
CA LEU C 225 40.53 -3.00 -12.20
C LEU C 225 41.09 -1.62 -12.53
N PRO C 226 41.52 -1.39 -13.80
CA PRO C 226 42.07 -0.08 -14.13
C PRO C 226 41.04 1.01 -14.08
N ALA C 227 41.47 2.18 -13.63
CA ALA C 227 40.58 3.34 -13.43
C ALA C 227 39.82 3.66 -14.71
N ASP C 228 40.49 3.47 -15.85
CA ASP C 228 39.92 3.76 -17.17
C ASP C 228 39.25 2.56 -17.87
N ALA C 229 39.01 1.47 -17.14
CA ALA C 229 38.45 0.27 -17.76
C ALA C 229 36.93 0.31 -17.77
N ALA C 230 36.36 -0.28 -18.80
CA ALA C 230 34.92 -0.56 -18.87
C ALA C 230 34.54 -1.43 -17.68
N PRO C 231 33.30 -1.31 -17.18
CA PRO C 231 32.87 -2.19 -16.10
C PRO C 231 33.12 -3.64 -16.44
N VAL C 232 33.45 -4.43 -15.43
CA VAL C 232 33.58 -5.86 -15.61
C VAL C 232 32.28 -6.51 -15.19
N THR C 233 31.71 -7.29 -16.09
CA THR C 233 30.42 -7.91 -15.86
C THR C 233 30.53 -9.41 -16.01
N ALA C 234 30.15 -10.15 -14.96
CA ALA C 234 30.35 -11.58 -14.96
C ALA C 234 29.23 -12.31 -14.26
N LEU C 235 28.85 -13.45 -14.82
CA LEU C 235 27.86 -14.31 -14.20
C LEU C 235 28.54 -15.16 -13.17
N ARG C 236 28.03 -15.10 -11.95
CA ARG C 236 28.50 -16.02 -10.91
C ARG C 236 27.37 -16.73 -10.23
N THR C 237 27.63 -17.97 -9.85
CA THR C 237 26.63 -18.80 -9.19
C THR C 237 26.43 -18.34 -7.76
N VAL C 238 25.24 -18.67 -7.24
CA VAL C 238 24.93 -18.49 -5.84
C VAL C 238 24.66 -19.86 -5.22
N ASP C 239 24.79 -19.93 -3.91
CA ASP C 239 24.36 -21.10 -3.18
C ASP C 239 22.83 -21.07 -3.17
N GLU C 240 22.22 -22.23 -3.37
CA GLU C 240 20.76 -22.38 -3.27
C GLU C 240 20.02 -21.44 -4.23
N PRO C 241 19.90 -21.85 -5.51
CA PRO C 241 19.17 -21.07 -6.51
C PRO C 241 17.76 -20.72 -6.10
N ALA C 242 17.06 -21.66 -5.46
CA ALA C 242 15.66 -21.47 -5.03
C ALA C 242 15.51 -20.35 -4.03
N ALA C 243 16.49 -20.24 -3.15
CA ALA C 243 16.51 -19.21 -2.13
C ALA C 243 16.77 -17.84 -2.79
N LEU C 244 17.61 -17.81 -3.82
CA LEU C 244 17.76 -16.58 -4.61
C LEU C 244 16.44 -16.25 -5.31
N ALA C 245 15.76 -17.28 -5.81
CA ALA C 245 14.44 -17.10 -6.38
C ALA C 245 13.49 -16.52 -5.32
N GLY C 246 13.45 -17.13 -4.13
CA GLY C 246 12.64 -16.64 -3.03
C GLY C 246 12.98 -15.21 -2.67
N HIS C 247 14.27 -14.90 -2.59
CA HIS C 247 14.74 -13.55 -2.33
C HIS C 247 14.24 -12.55 -3.38
N LEU C 248 14.37 -12.93 -4.64
CA LEU C 248 13.93 -12.08 -5.75
C LEU C 248 12.42 -11.92 -5.80
N PHE C 249 11.70 -12.98 -5.43
CA PHE C 249 10.25 -12.92 -5.46
C PHE C 249 9.70 -12.09 -4.32
N GLU C 250 10.45 -12.03 -3.21
CA GLU C 250 10.11 -11.13 -2.13
C GLU C 250 10.24 -9.67 -2.56
N GLU C 251 11.33 -9.37 -3.27
CA GLU C 251 11.52 -8.01 -3.78
C GLU C 251 10.44 -7.69 -4.79
N ALA C 252 10.10 -8.69 -5.61
CA ALA C 252 9.02 -8.54 -6.56
C ALA C 252 7.71 -8.26 -5.85
N LEU C 253 7.44 -9.00 -4.77
CA LEU C 253 6.21 -8.81 -4.00
C LEU C 253 6.12 -7.41 -3.42
N GLU C 254 7.16 -6.97 -2.72
CA GLU C 254 7.16 -5.63 -2.13
C GLU C 254 7.16 -4.50 -3.15
N SER C 255 7.86 -4.71 -4.26
CA SER C 255 7.82 -3.80 -5.38
C SER C 255 6.43 -3.78 -6.01
N ASN C 256 5.62 -4.79 -5.70
CA ASN C 256 4.24 -4.87 -6.22
C ASN C 256 3.13 -4.61 -5.20
N GLY C 257 3.49 -3.97 -4.08
CA GLY C 257 2.52 -3.60 -3.06
C GLY C 257 2.27 -4.63 -1.96
N VAL C 258 2.97 -5.76 -2.03
CA VAL C 258 2.75 -6.86 -1.08
C VAL C 258 3.86 -6.93 -0.03
N THR C 259 3.48 -6.65 1.20
CA THR C 259 4.42 -6.66 2.31
C THR C 259 4.60 -8.09 2.79
N VAL C 260 5.86 -8.49 2.95
CA VAL C 260 6.16 -9.79 3.49
C VAL C 260 6.74 -9.52 4.85
N LYS C 261 5.99 -9.92 5.87
CA LYS C 261 6.35 -9.66 7.26
C LYS C 261 7.44 -10.60 7.75
N GLY C 262 7.36 -11.87 7.33
CA GLY C 262 8.25 -12.91 7.84
C GLY C 262 9.54 -13.09 7.06
N ASP C 263 10.18 -14.23 7.25
CA ASP C 263 11.46 -14.52 6.61
C ASP C 263 11.27 -15.17 5.25
N VAL C 264 12.32 -15.13 4.44
CA VAL C 264 12.37 -15.86 3.18
C VAL C 264 13.23 -17.09 3.42
N GLY C 265 12.77 -18.23 2.96
CA GLY C 265 13.54 -19.44 3.13
C GLY C 265 13.06 -20.53 2.23
N LEU C 266 13.68 -21.70 2.36
CA LEU C 266 13.30 -22.87 1.60
C LEU C 266 12.24 -23.63 2.36
N GLY C 267 11.29 -24.18 1.64
CA GLY C 267 10.20 -24.94 2.24
C GLY C 267 9.27 -25.53 1.19
N GLY C 268 8.81 -26.74 1.45
CA GLY C 268 7.83 -27.39 0.59
C GLY C 268 6.43 -27.09 1.09
N VAL C 269 5.51 -26.97 0.15
CA VAL C 269 4.10 -26.72 0.45
C VAL C 269 3.59 -27.82 1.37
N PRO C 270 3.01 -27.42 2.53
CA PRO C 270 2.54 -28.40 3.52
C PRO C 270 1.55 -29.38 2.91
N ALA C 271 1.73 -30.67 3.23
CA ALA C 271 0.74 -31.69 2.90
C ALA C 271 -0.56 -31.42 3.66
N ASP C 272 -0.45 -30.67 4.77
CA ASP C 272 -1.59 -30.20 5.59
C ASP C 272 -2.63 -29.41 4.79
N TRP C 273 -2.18 -28.79 3.69
CA TRP C 273 -3.03 -27.88 2.93
C TRP C 273 -4.07 -28.65 2.17
N GLN C 274 -5.31 -28.46 2.59
CA GLN C 274 -6.42 -29.25 2.07
C GLN C 274 -6.81 -28.83 0.67
N ASP C 275 -6.66 -27.54 0.38
CA ASP C 275 -7.04 -27.02 -0.93
C ASP C 275 -6.30 -25.71 -1.19
N ALA C 276 -5.06 -25.85 -1.66
CA ALA C 276 -4.17 -24.72 -1.91
C ALA C 276 -4.81 -23.72 -2.85
N GLU C 277 -4.77 -22.45 -2.48
CA GLU C 277 -5.15 -21.40 -3.40
C GLU C 277 -3.91 -20.97 -4.20
N VAL C 278 -3.90 -21.34 -5.48
CA VAL C 278 -2.88 -20.90 -6.40
C VAL C 278 -3.18 -19.46 -6.77
N LEU C 279 -2.32 -18.54 -6.35
CA LEU C 279 -2.54 -17.10 -6.51
C LEU C 279 -1.83 -16.50 -7.71
N ALA C 280 -0.76 -17.16 -8.17
CA ALA C 280 -0.06 -16.75 -9.38
C ALA C 280 0.57 -17.98 -10.00
N ASP C 281 0.75 -17.94 -11.31
CA ASP C 281 1.40 -19.05 -12.00
C ASP C 281 2.03 -18.56 -13.28
N HIS C 282 2.97 -19.32 -13.80
CA HIS C 282 3.60 -19.01 -15.07
C HIS C 282 3.95 -20.29 -15.80
N THR C 283 3.77 -20.29 -17.11
CA THR C 283 4.09 -21.42 -17.96
C THR C 283 5.24 -21.01 -18.88
N SER C 284 6.28 -21.82 -18.92
CA SER C 284 7.42 -21.53 -19.79
C SER C 284 7.03 -21.68 -21.26
N ALA C 285 7.88 -21.22 -22.15
CA ALA C 285 7.79 -21.63 -23.56
C ALA C 285 7.93 -23.16 -23.63
N GLU C 286 7.61 -23.72 -24.77
CA GLU C 286 7.59 -25.17 -24.94
C GLU C 286 9.00 -25.72 -25.13
N LEU C 287 9.16 -27.01 -24.90
CA LEU C 287 10.49 -27.62 -24.94
C LEU C 287 11.21 -27.35 -26.26
N SER C 288 10.49 -27.48 -27.37
CA SER C 288 11.07 -27.28 -28.72
C SER C 288 11.79 -25.96 -28.85
N GLU C 289 11.30 -24.97 -28.11
CA GLU C 289 11.83 -23.63 -28.16
C GLU C 289 13.00 -23.49 -27.18
N ILE C 290 12.80 -23.99 -25.95
CA ILE C 290 13.85 -24.05 -24.94
C ILE C 290 15.13 -24.73 -25.47
N LEU C 291 14.96 -25.71 -26.36
CA LEU C 291 16.11 -26.44 -26.95
C LEU C 291 17.11 -25.53 -27.66
N VAL C 292 16.61 -24.42 -28.21
CA VAL C 292 17.47 -23.49 -28.94
C VAL C 292 18.57 -22.89 -28.03
N PRO C 293 18.19 -22.11 -26.98
CA PRO C 293 19.25 -21.62 -26.09
C PRO C 293 20.00 -22.72 -25.36
N PHE C 294 19.34 -23.86 -25.12
CA PHE C 294 19.98 -25.00 -24.52
C PHE C 294 21.13 -25.53 -25.39
N MET C 295 20.86 -25.82 -26.65
CA MET C 295 21.86 -26.48 -27.49
C MET C 295 22.80 -25.52 -28.21
N LYS C 296 22.29 -24.34 -28.61
CA LYS C 296 23.15 -23.31 -29.25
C LYS C 296 24.32 -22.90 -28.34
N PHE C 297 24.02 -22.62 -27.07
CA PHE C 297 25.04 -22.11 -26.15
C PHE C 297 25.56 -23.16 -25.15
N SER C 298 24.95 -24.36 -25.17
CA SER C 298 25.39 -25.51 -24.38
C SER C 298 25.16 -25.22 -22.91
N ASN C 299 23.89 -25.08 -22.54
CA ASN C 299 23.50 -24.74 -21.19
C ASN C 299 23.52 -25.97 -20.28
N ASN C 300 24.47 -25.99 -19.34
CA ASN C 300 24.62 -27.16 -18.47
C ASN C 300 23.47 -27.34 -17.51
N GLY C 301 23.00 -26.24 -16.94
CA GLY C 301 21.88 -26.26 -16.02
C GLY C 301 20.65 -26.80 -16.73
N HIS C 302 20.44 -26.39 -17.99
CA HIS C 302 19.28 -26.90 -18.73
C HIS C 302 19.34 -28.41 -18.79
N ALA C 303 20.53 -28.95 -19.09
CA ALA C 303 20.69 -30.38 -19.33
C ALA C 303 20.36 -31.16 -18.07
N GLU C 304 20.88 -30.71 -16.93
CA GLU C 304 20.65 -31.39 -15.65
C GLU C 304 19.20 -31.27 -15.16
N MET C 305 18.60 -30.10 -15.31
CA MET C 305 17.18 -29.91 -15.01
C MET C 305 16.32 -30.83 -15.86
N LEU C 306 16.64 -30.90 -17.15
CA LEU C 306 15.97 -31.84 -18.04
C LEU C 306 16.09 -33.30 -17.59
N VAL C 307 17.29 -33.72 -17.20
CA VAL C 307 17.49 -35.08 -16.69
C VAL C 307 16.57 -35.34 -15.51
N LYS C 308 16.49 -34.38 -14.59
CA LYS C 308 15.65 -34.55 -13.42
C LYS C 308 14.18 -34.45 -13.75
N SER C 309 13.86 -33.71 -14.80
CA SER C 309 12.49 -33.65 -15.29
C SER C 309 12.18 -35.02 -15.88
N ILE C 310 13.11 -35.58 -16.63
CA ILE C 310 12.94 -36.92 -17.17
C ILE C 310 12.70 -37.86 -15.98
N GLY C 311 13.45 -37.67 -14.90
CA GLY C 311 13.23 -38.44 -13.69
C GLY C 311 11.80 -38.35 -13.19
N GLN C 312 11.27 -37.14 -13.10
CA GLN C 312 9.90 -36.93 -12.64
C GLN C 312 8.86 -37.60 -13.54
N GLU C 313 9.02 -37.41 -14.85
CA GLU C 313 8.04 -37.88 -15.82
C GLU C 313 8.08 -39.39 -15.90
N THR C 314 9.26 -39.93 -15.70
CA THR C 314 9.53 -41.30 -15.96
C THR C 314 9.29 -42.15 -14.71
N ALA C 315 9.65 -41.62 -13.54
CA ALA C 315 9.64 -42.40 -12.33
C ALA C 315 9.03 -41.71 -11.12
N GLY C 316 8.64 -40.46 -11.24
CA GLY C 316 8.15 -39.71 -10.08
C GLY C 316 9.26 -39.28 -9.15
N ALA C 317 10.48 -39.22 -9.69
CA ALA C 317 11.66 -38.93 -8.89
C ALA C 317 12.54 -37.93 -9.63
N GLY C 318 12.61 -36.71 -9.10
CA GLY C 318 13.40 -35.66 -9.74
C GLY C 318 14.84 -35.74 -9.26
N THR C 319 15.53 -36.79 -9.70
CA THR C 319 16.84 -37.10 -9.18
C THR C 319 17.72 -37.48 -10.36
N TRP C 320 19.03 -37.42 -10.16
CA TRP C 320 19.94 -37.90 -11.19
C TRP C 320 19.80 -39.36 -11.50
N ASP C 321 19.70 -40.21 -10.46
CA ASP C 321 19.63 -41.66 -10.68
C ASP C 321 18.43 -42.04 -11.53
N ALA C 322 17.27 -41.48 -11.22
CA ALA C 322 16.07 -41.78 -12.00
C ALA C 322 16.08 -41.16 -13.41
N GLY C 323 16.45 -39.89 -13.51
CA GLY C 323 16.52 -39.23 -14.83
C GLY C 323 17.48 -39.90 -15.81
N LEU C 324 18.66 -40.23 -15.31
CA LEU C 324 19.68 -40.88 -16.13
C LEU C 324 19.23 -42.27 -16.60
N VAL C 325 18.57 -43.01 -15.71
CA VAL C 325 17.91 -44.26 -16.11
C VAL C 325 16.90 -43.94 -17.21
N GLY C 326 16.04 -42.97 -16.93
CA GLY C 326 15.07 -42.50 -17.92
C GLY C 326 15.70 -42.14 -19.26
N VAL C 327 16.83 -41.41 -19.20
CA VAL C 327 17.56 -41.01 -20.43
C VAL C 327 17.94 -42.25 -21.25
N GLU C 328 18.56 -43.22 -20.60
CA GLU C 328 19.00 -44.46 -21.23
C GLU C 328 17.85 -45.17 -21.90
N GLU C 329 16.73 -45.30 -21.19
CA GLU C 329 15.58 -46.05 -21.70
C GLU C 329 14.94 -45.35 -22.90
N ALA C 330 14.74 -44.04 -22.79
CA ALA C 330 14.31 -43.22 -23.92
C ALA C 330 15.20 -43.46 -25.16
N LEU C 331 16.52 -43.46 -24.95
CA LEU C 331 17.46 -43.72 -26.04
C LEU C 331 17.32 -45.13 -26.62
N SER C 332 17.18 -46.13 -25.75
CA SER C 332 16.89 -47.50 -26.19
C SER C 332 15.57 -47.54 -26.98
N GLY C 333 14.54 -46.94 -26.41
CA GLY C 333 13.22 -46.88 -27.04
C GLY C 333 13.28 -46.20 -28.39
N LEU C 334 14.20 -45.25 -28.52
CA LEU C 334 14.43 -44.54 -29.78
C LEU C 334 15.18 -45.40 -30.83
N GLY C 335 15.68 -46.56 -30.41
CA GLY C 335 16.41 -47.47 -31.31
C GLY C 335 17.92 -47.44 -31.14
N VAL C 336 18.42 -46.54 -30.28
CA VAL C 336 19.85 -46.43 -30.04
C VAL C 336 20.34 -47.59 -29.18
N ASP C 337 21.47 -48.17 -29.59
CA ASP C 337 22.14 -49.16 -28.78
C ASP C 337 23.03 -48.38 -27.80
N THR C 338 22.69 -48.48 -26.52
CA THR C 338 23.39 -47.77 -25.45
C THR C 338 24.40 -48.63 -24.71
N ALA C 339 24.78 -49.75 -25.29
CA ALA C 339 25.79 -50.62 -24.68
C ALA C 339 27.04 -49.86 -24.24
N GLY C 340 27.54 -48.98 -25.12
CA GLY C 340 28.79 -48.26 -24.83
C GLY C 340 28.62 -46.94 -24.08
N LEU C 341 27.40 -46.64 -23.69
CA LEU C 341 27.10 -45.40 -22.98
C LEU C 341 27.23 -45.57 -21.47
N VAL C 342 27.93 -44.63 -20.85
CA VAL C 342 27.95 -44.51 -19.39
C VAL C 342 27.47 -43.11 -19.06
N LEU C 343 26.36 -43.04 -18.32
CA LEU C 343 25.68 -41.79 -18.10
C LEU C 343 25.88 -41.30 -16.68
N ASN C 344 26.58 -40.19 -16.52
CA ASN C 344 26.82 -39.67 -15.19
C ASN C 344 26.15 -38.33 -14.92
N ASP C 345 25.86 -37.59 -16.00
CA ASP C 345 25.04 -36.41 -15.88
C ASP C 345 24.43 -36.06 -17.22
N GLY C 346 23.64 -35.00 -17.29
CA GLY C 346 23.01 -34.65 -18.55
C GLY C 346 23.84 -33.73 -19.41
N SER C 347 24.69 -32.93 -18.77
CA SER C 347 25.39 -31.84 -19.44
C SER C 347 26.65 -32.28 -20.14
N GLY C 348 27.27 -33.33 -19.59
CA GLY C 348 28.58 -33.75 -20.09
C GLY C 348 29.71 -33.07 -19.36
N LEU C 349 29.38 -32.24 -18.37
CA LEU C 349 30.41 -31.63 -17.53
C LEU C 349 31.20 -32.71 -16.80
N SER C 350 30.48 -33.72 -16.30
CA SER C 350 31.09 -34.75 -15.50
C SER C 350 32.07 -35.58 -16.31
N ARG C 351 33.21 -35.86 -15.70
CA ARG C 351 34.21 -36.70 -16.33
C ARG C 351 33.89 -38.19 -16.24
N GLY C 352 32.77 -38.51 -15.61
CA GLY C 352 32.34 -39.89 -15.47
C GLY C 352 31.38 -40.34 -16.55
N ASN C 353 31.15 -39.49 -17.56
CA ASN C 353 30.37 -39.87 -18.73
C ASN C 353 31.24 -40.60 -19.75
N LEU C 354 30.70 -41.61 -20.43
CA LEU C 354 31.36 -42.21 -21.58
C LEU C 354 30.41 -42.37 -22.75
N VAL C 355 30.92 -42.14 -23.96
CA VAL C 355 30.17 -42.42 -25.18
C VAL C 355 31.16 -43.16 -26.06
N THR C 356 30.69 -43.63 -27.21
CA THR C 356 31.57 -43.95 -28.30
C THR C 356 31.08 -43.14 -29.49
N ALA C 357 31.95 -42.91 -30.46
CA ALA C 357 31.55 -42.24 -31.69
C ALA C 357 30.48 -43.00 -32.46
N ASP C 358 30.51 -44.34 -32.43
CA ASP C 358 29.44 -45.12 -33.07
C ASP C 358 28.09 -44.80 -32.47
N THR C 359 28.04 -44.74 -31.13
CA THR C 359 26.82 -44.43 -30.39
C THR C 359 26.26 -43.06 -30.74
N VAL C 360 27.13 -42.06 -30.81
CA VAL C 360 26.69 -40.73 -31.15
C VAL C 360 26.09 -40.69 -32.56
N VAL C 361 26.76 -41.34 -33.50
CA VAL C 361 26.27 -41.37 -34.88
C VAL C 361 24.98 -42.22 -35.02
N ASP C 362 24.87 -43.27 -34.20
CA ASP C 362 23.62 -44.00 -34.02
C ASP C 362 22.50 -43.04 -33.63
N LEU C 363 22.72 -42.27 -32.57
CA LEU C 363 21.73 -41.33 -32.07
C LEU C 363 21.37 -40.28 -33.12
N LEU C 364 22.39 -39.77 -33.80
CA LEU C 364 22.21 -38.81 -34.88
C LEU C 364 21.27 -39.35 -35.97
N GLY C 365 21.47 -40.62 -36.31
CA GLY C 365 20.66 -41.29 -37.32
C GLY C 365 19.23 -41.45 -36.86
N GLN C 366 19.05 -42.02 -35.68
CA GLN C 366 17.73 -42.25 -35.13
C GLN C 366 17.03 -40.94 -34.90
N ALA C 367 17.73 -39.96 -34.34
CA ALA C 367 17.12 -38.66 -34.05
C ALA C 367 16.67 -37.96 -35.32
N GLY C 368 17.47 -38.11 -36.37
CA GLY C 368 17.20 -37.44 -37.66
C GLY C 368 15.92 -37.89 -38.33
N SER C 369 15.40 -39.04 -37.91
CA SER C 369 14.18 -39.59 -38.47
C SER C 369 13.04 -39.65 -37.45
N ALA C 370 13.27 -39.11 -36.25
CA ALA C 370 12.23 -39.04 -35.22
C ALA C 370 11.22 -37.94 -35.55
N PRO C 371 10.00 -38.04 -34.99
CA PRO C 371 8.99 -37.01 -35.28
C PRO C 371 9.46 -35.58 -34.97
N TRP C 372 10.32 -35.45 -33.96
CA TRP C 372 10.84 -34.15 -33.53
C TRP C 372 12.19 -33.80 -34.17
N ALA C 373 12.49 -34.44 -35.30
CA ALA C 373 13.79 -34.26 -35.98
C ALA C 373 14.15 -32.82 -36.30
N GLN C 374 13.18 -32.07 -36.79
CA GLN C 374 13.41 -30.69 -37.23
C GLN C 374 13.69 -29.70 -36.08
N THR C 375 13.02 -29.85 -34.94
CA THR C 375 13.28 -28.96 -33.82
C THR C 375 14.60 -29.32 -33.15
N TRP C 376 14.88 -30.61 -33.06
CA TRP C 376 16.17 -31.12 -32.61
C TRP C 376 17.28 -30.54 -33.46
N SER C 377 17.15 -30.71 -34.78
CA SER C 377 18.12 -30.24 -35.75
C SER C 377 18.32 -28.71 -35.70
N ALA C 378 17.22 -27.97 -35.56
CA ALA C 378 17.25 -26.51 -35.48
C ALA C 378 17.98 -25.99 -34.22
N SER C 379 18.01 -26.82 -33.19
CA SER C 379 18.64 -26.44 -31.93
C SER C 379 20.16 -26.47 -32.03
N LEU C 380 20.69 -27.20 -33.01
CA LEU C 380 22.12 -27.42 -33.12
C LEU C 380 22.85 -26.20 -33.68
N PRO C 381 24.04 -25.89 -33.12
CA PRO C 381 24.81 -24.80 -33.66
C PRO C 381 25.04 -24.97 -35.15
N VAL C 382 24.99 -23.86 -35.88
CA VAL C 382 25.26 -23.88 -37.32
C VAL C 382 26.62 -23.27 -37.59
N ALA C 383 27.48 -24.05 -38.25
CA ALA C 383 28.83 -23.65 -38.53
C ALA C 383 28.92 -22.28 -39.17
N GLY C 384 29.77 -21.44 -38.59
CA GLY C 384 30.12 -20.16 -39.19
C GLY C 384 29.06 -19.09 -39.17
N GLU C 385 27.98 -19.28 -38.41
CA GLU C 385 26.92 -18.27 -38.39
C GLU C 385 27.12 -17.26 -37.28
N SER C 386 27.35 -16.01 -37.65
CA SER C 386 27.75 -14.98 -36.68
C SER C 386 26.66 -14.57 -35.70
N ASP C 387 25.39 -14.76 -36.06
CA ASP C 387 24.28 -14.46 -35.16
C ASP C 387 24.30 -15.54 -34.05
N PRO C 388 24.48 -15.11 -32.78
CA PRO C 388 24.72 -16.10 -31.73
C PRO C 388 23.68 -17.21 -31.66
N PHE C 389 22.40 -16.84 -31.80
CA PHE C 389 21.31 -17.80 -31.73
C PHE C 389 21.24 -18.77 -32.91
N VAL C 390 22.07 -18.57 -33.92
CA VAL C 390 22.14 -19.48 -35.06
C VAL C 390 23.46 -20.28 -34.97
N GLY C 391 24.56 -19.55 -34.92
CA GLY C 391 25.90 -20.10 -34.80
C GLY C 391 26.22 -20.79 -33.48
N GLY C 392 25.69 -20.24 -32.40
CA GLY C 392 25.99 -20.72 -31.06
C GLY C 392 27.49 -20.84 -30.88
N THR C 393 27.91 -22.02 -30.42
CA THR C 393 29.31 -22.28 -30.07
C THR C 393 30.13 -22.55 -31.31
N LEU C 394 29.48 -22.56 -32.47
CA LEU C 394 30.14 -22.74 -33.76
C LEU C 394 30.22 -21.43 -34.53
N ALA C 395 29.78 -20.34 -33.90
CA ALA C 395 29.64 -19.03 -34.52
C ALA C 395 30.92 -18.55 -35.14
N ASN C 396 32.04 -18.83 -34.47
CA ASN C 396 33.34 -18.38 -34.94
C ASN C 396 34.12 -19.45 -35.70
N ARG C 397 33.46 -20.55 -36.03
CA ARG C 397 34.20 -21.63 -36.63
C ARG C 397 33.80 -21.85 -38.07
N MET C 398 34.79 -22.20 -38.89
CA MET C 398 34.54 -22.59 -40.27
C MET C 398 33.87 -21.51 -41.15
N ARG C 399 33.99 -20.24 -40.77
CA ARG C 399 33.54 -19.15 -41.67
C ARG C 399 34.35 -19.18 -42.96
N GLY C 400 33.67 -19.01 -44.09
CA GLY C 400 34.35 -18.98 -45.40
C GLY C 400 34.75 -20.36 -45.91
N THR C 401 34.13 -21.40 -45.37
CA THR C 401 34.37 -22.78 -45.80
C THR C 401 33.06 -23.33 -46.31
N ALA C 402 33.12 -24.46 -46.99
CA ALA C 402 31.93 -25.18 -47.43
C ALA C 402 30.99 -25.55 -46.28
N ALA C 403 31.51 -25.55 -45.05
CA ALA C 403 30.66 -25.92 -43.91
C ALA C 403 29.85 -24.74 -43.39
N GLU C 404 30.15 -23.53 -43.84
CA GLU C 404 29.47 -22.34 -43.35
C GLU C 404 28.00 -22.39 -43.70
N GLY C 405 27.15 -22.26 -42.68
CA GLY C 405 25.70 -22.27 -42.83
C GLY C 405 25.15 -23.65 -43.16
N VAL C 406 26.05 -24.64 -43.20
CA VAL C 406 25.69 -26.02 -43.58
C VAL C 406 25.75 -26.97 -42.39
N VAL C 407 26.91 -27.04 -41.74
CA VAL C 407 27.16 -28.05 -40.70
C VAL C 407 26.39 -27.65 -39.44
N GLU C 408 25.68 -28.63 -38.88
CA GLU C 408 24.86 -28.45 -37.68
C GLU C 408 25.46 -29.42 -36.67
N ALA C 409 26.02 -28.92 -35.58
CA ALA C 409 26.77 -29.78 -34.69
C ALA C 409 26.94 -29.25 -33.28
N LYS C 410 26.91 -30.19 -32.33
CA LYS C 410 27.18 -29.91 -30.93
C LYS C 410 28.68 -29.93 -30.72
N THR C 411 29.19 -28.89 -30.05
CA THR C 411 30.57 -28.77 -29.67
C THR C 411 30.74 -29.29 -28.25
N GLY C 412 31.97 -29.21 -27.73
CA GLY C 412 32.24 -29.63 -26.36
C GLY C 412 33.73 -29.73 -26.13
N THR C 413 34.21 -29.01 -25.12
CA THR C 413 35.62 -28.93 -24.82
C THR C 413 35.82 -28.75 -23.32
N MET C 414 36.63 -29.65 -22.76
CA MET C 414 37.28 -29.48 -21.46
C MET C 414 38.72 -30.02 -21.59
N SER C 415 39.54 -29.86 -20.57
CA SER C 415 40.93 -30.31 -20.69
C SER C 415 40.96 -31.78 -21.09
N GLY C 416 41.75 -32.09 -22.12
CA GLY C 416 41.96 -33.46 -22.61
C GLY C 416 40.79 -34.06 -23.38
N VAL C 417 39.76 -33.25 -23.63
CA VAL C 417 38.50 -33.73 -24.20
C VAL C 417 37.90 -32.69 -25.13
N SER C 418 37.58 -33.09 -26.35
CA SER C 418 36.89 -32.20 -27.27
C SER C 418 36.10 -33.04 -28.24
N ALA C 419 34.95 -32.51 -28.66
CA ALA C 419 34.05 -33.23 -29.53
C ALA C 419 33.32 -32.30 -30.49
N LEU C 420 33.05 -32.82 -31.67
CA LEU C 420 32.16 -32.17 -32.62
C LEU C 420 31.38 -33.26 -33.33
N SER C 421 30.07 -33.27 -33.12
CA SER C 421 29.19 -34.26 -33.73
C SER C 421 27.91 -33.58 -34.21
N GLY C 422 27.41 -34.06 -35.35
CA GLY C 422 26.14 -33.58 -35.89
C GLY C 422 25.95 -33.97 -37.35
N TYR C 423 25.37 -33.05 -38.12
CA TYR C 423 24.95 -33.34 -39.50
C TYR C 423 25.59 -32.44 -40.52
N VAL C 424 25.79 -33.01 -41.71
CA VAL C 424 26.16 -32.28 -42.89
C VAL C 424 25.03 -32.51 -43.88
N PRO C 425 24.04 -31.60 -43.92
CA PRO C 425 23.00 -31.68 -44.95
C PRO C 425 23.57 -31.39 -46.33
N GLY C 426 22.94 -31.95 -47.35
CA GLY C 426 23.32 -31.65 -48.72
C GLY C 426 22.47 -32.40 -49.72
N PRO C 427 22.49 -31.96 -50.98
CA PRO C 427 21.72 -32.65 -52.02
C PRO C 427 22.09 -34.14 -52.09
N GLU C 428 23.39 -34.42 -52.09
CA GLU C 428 23.93 -35.78 -52.25
C GLU C 428 23.50 -36.75 -51.14
N GLY C 429 23.22 -36.20 -49.95
CA GLY C 429 22.73 -37.01 -48.82
C GLY C 429 23.19 -36.43 -47.48
N GLU C 430 22.29 -36.41 -46.50
CA GLU C 430 22.63 -35.88 -45.18
C GLU C 430 23.62 -36.80 -44.46
N LEU C 431 24.81 -36.27 -44.17
CA LEU C 431 25.81 -36.99 -43.41
C LEU C 431 25.57 -36.83 -41.91
N ALA C 432 25.76 -37.90 -41.17
CA ALA C 432 25.91 -37.85 -39.71
C ALA C 432 27.37 -38.15 -39.38
N PHE C 433 27.92 -37.43 -38.41
CA PHE C 433 29.33 -37.63 -38.02
C PHE C 433 29.51 -37.36 -36.54
N SER C 434 30.55 -37.96 -35.97
CA SER C 434 30.93 -37.69 -34.59
C SER C 434 32.43 -37.74 -34.55
N ILE C 435 33.01 -36.74 -33.91
CA ILE C 435 34.46 -36.63 -33.76
C ILE C 435 34.66 -36.41 -32.28
N VAL C 436 35.17 -37.42 -31.59
CA VAL C 436 35.42 -37.29 -30.16
C VAL C 436 36.91 -37.49 -29.96
N ASN C 437 37.59 -36.44 -29.51
CA ASN C 437 39.01 -36.47 -29.23
C ASN C 437 39.21 -36.56 -27.71
N ASN C 438 40.06 -37.49 -27.28
CA ASN C 438 40.43 -37.61 -25.86
C ASN C 438 41.96 -37.67 -25.71
N GLY C 439 42.48 -37.08 -24.65
CA GLY C 439 43.87 -37.31 -24.27
C GLY C 439 44.92 -36.57 -25.07
N HIS C 440 44.48 -35.65 -25.93
CA HIS C 440 45.39 -34.68 -26.52
C HIS C 440 45.95 -33.87 -25.36
N SER C 441 47.14 -33.32 -25.54
CA SER C 441 47.87 -32.68 -24.43
C SER C 441 47.80 -31.16 -24.43
N GLY C 442 47.34 -30.57 -25.53
CA GLY C 442 47.25 -29.13 -25.59
C GLY C 442 45.82 -28.63 -25.69
N PRO C 443 45.65 -27.46 -26.34
CA PRO C 443 44.34 -26.91 -26.61
C PRO C 443 43.52 -27.88 -27.45
N ALA C 444 42.21 -27.85 -27.24
CA ALA C 444 41.26 -28.57 -28.06
C ALA C 444 41.67 -28.55 -29.53
N PRO C 445 41.60 -29.72 -30.18
CA PRO C 445 41.90 -29.78 -31.61
C PRO C 445 40.68 -29.30 -32.42
N LEU C 446 40.29 -28.05 -32.21
CA LEU C 446 39.15 -27.45 -32.91
C LEU C 446 39.41 -27.39 -34.42
N ALA C 447 40.60 -26.95 -34.81
CA ALA C 447 40.94 -26.83 -36.23
C ALA C 447 40.82 -28.18 -36.96
N VAL C 448 41.19 -29.26 -36.28
CA VAL C 448 41.06 -30.61 -36.85
C VAL C 448 39.60 -30.95 -37.06
N GLN C 449 38.78 -30.70 -36.05
CA GLN C 449 37.35 -30.93 -36.16
C GLN C 449 36.75 -30.13 -37.31
N ASP C 450 37.14 -28.87 -37.41
CA ASP C 450 36.68 -28.01 -38.49
C ASP C 450 37.09 -28.62 -39.83
N ALA C 451 38.35 -29.02 -39.95
CA ALA C 451 38.88 -29.55 -41.20
C ALA C 451 38.08 -30.77 -41.69
N ILE C 452 37.75 -31.66 -40.76
CA ILE C 452 36.93 -32.85 -41.08
C ILE C 452 35.52 -32.44 -41.50
N ALA C 453 34.95 -31.48 -40.77
CA ALA C 453 33.57 -31.07 -41.00
C ALA C 453 33.47 -30.33 -42.32
N VAL C 454 34.54 -29.66 -42.70
CA VAL C 454 34.62 -28.94 -43.97
C VAL C 454 34.79 -29.96 -45.11
N ARG C 455 35.59 -30.99 -44.88
CA ARG C 455 35.79 -32.03 -45.88
C ARG C 455 34.49 -32.78 -46.16
N LEU C 456 33.76 -33.09 -45.10
CA LEU C 456 32.45 -33.70 -45.23
C LEU C 456 31.50 -32.77 -45.99
N ALA C 457 31.59 -31.48 -45.72
CA ALA C 457 30.74 -30.51 -46.42
C ALA C 457 31.00 -30.51 -47.92
N GLU C 458 32.27 -30.69 -48.30
CA GLU C 458 32.66 -30.79 -49.71
C GLU C 458 32.10 -32.07 -50.28
N TYR C 459 32.26 -33.16 -49.54
CA TYR C 459 31.71 -34.45 -49.95
C TYR C 459 30.19 -34.37 -50.23
N ALA C 460 29.46 -33.74 -49.32
CA ALA C 460 28.01 -33.60 -49.45
C ALA C 460 27.65 -32.65 -50.61
N GLY C 461 28.67 -32.11 -51.25
CA GLY C 461 28.49 -31.31 -52.46
C GLY C 461 28.36 -29.81 -52.24
N HIS C 462 28.94 -29.30 -51.16
CA HIS C 462 28.99 -27.86 -50.93
C HIS C 462 30.35 -27.30 -51.28
N GLN C 463 30.34 -26.04 -51.70
CA GLN C 463 31.56 -25.26 -51.81
C GLN C 463 31.43 -24.04 -50.91
N ALA C 464 32.57 -23.46 -50.53
CA ALA C 464 32.59 -22.25 -49.73
C ALA C 464 31.79 -21.13 -50.39
N PRO C 465 30.99 -20.40 -49.60
CA PRO C 465 30.32 -19.22 -50.13
C PRO C 465 31.37 -18.25 -50.66
N GLU C 466 31.14 -17.50 -51.61
N ARG D 6 5.91 26.73 -22.90
CA ARG D 6 5.32 26.05 -24.10
C ARG D 6 4.49 27.01 -24.95
N GLU D 7 4.90 28.27 -24.91
CA GLU D 7 4.42 29.28 -25.84
C GLU D 7 5.16 29.07 -27.16
N ASP D 8 6.33 28.44 -27.08
CA ASP D 8 7.08 27.95 -28.24
C ASP D 8 6.21 27.07 -29.11
N ILE D 9 5.59 26.06 -28.49
CA ILE D 9 4.68 25.14 -29.18
C ILE D 9 3.41 25.86 -29.67
N ASP D 10 2.86 26.74 -28.82
CA ASP D 10 1.75 27.61 -29.21
C ASP D 10 2.10 28.35 -30.50
N ALA D 11 3.32 28.89 -30.56
CA ALA D 11 3.81 29.64 -31.72
C ALA D 11 3.97 28.81 -32.99
N ILE D 12 4.63 27.66 -32.89
CA ILE D 12 4.87 26.76 -34.03
C ILE D 12 3.57 26.34 -34.72
N LEU D 13 2.50 26.23 -33.94
CA LEU D 13 1.21 25.77 -34.47
C LEU D 13 0.31 26.88 -35.04
N GLU D 14 0.91 28.03 -35.37
CA GLU D 14 0.20 29.08 -36.10
C GLU D 14 0.92 29.42 -37.42
N ASP D 15 1.79 28.50 -37.85
CA ASP D 15 2.47 28.56 -39.14
C ASP D 15 1.46 28.62 -40.29
N PRO D 16 1.81 29.31 -41.40
CA PRO D 16 0.95 29.33 -42.59
C PRO D 16 0.59 27.94 -43.15
N ALA D 17 1.46 26.96 -42.94
CA ALA D 17 1.22 25.58 -43.43
C ALA D 17 -0.06 24.96 -42.84
N LEU D 18 -0.48 25.44 -41.67
CA LEU D 18 -1.66 24.93 -40.96
C LEU D 18 -2.90 25.82 -41.11
N GLU D 19 -2.94 26.59 -42.19
CA GLU D 19 -4.12 27.35 -42.58
C GLU D 19 -5.29 26.42 -42.83
N GLY D 20 -6.40 26.66 -42.13
CA GLY D 20 -7.61 25.84 -42.29
C GLY D 20 -7.39 24.37 -41.95
N ALA D 21 -6.40 24.10 -41.09
CA ALA D 21 -6.04 22.74 -40.71
C ALA D 21 -6.24 22.49 -39.22
N VAL D 22 -6.77 21.31 -38.91
CA VAL D 22 -6.93 20.87 -37.53
C VAL D 22 -5.64 20.20 -37.07
N SER D 23 -5.17 20.56 -35.88
CA SER D 23 -3.97 19.95 -35.33
C SER D 23 -4.15 19.59 -33.86
N GLY D 24 -4.55 18.34 -33.64
CA GLY D 24 -4.64 17.81 -32.30
C GLY D 24 -3.24 17.45 -31.86
N VAL D 25 -2.71 18.16 -30.86
CA VAL D 25 -1.36 17.87 -30.35
C VAL D 25 -1.37 17.63 -28.84
N VAL D 26 -0.68 16.56 -28.42
CA VAL D 26 -0.56 16.20 -27.02
C VAL D 26 0.87 15.81 -26.67
N VAL D 27 1.38 16.38 -25.59
CA VAL D 27 2.66 15.94 -25.00
C VAL D 27 2.41 15.54 -23.55
N VAL D 28 3.04 14.44 -23.11
CA VAL D 28 2.81 13.88 -21.79
C VAL D 28 4.10 13.29 -21.24
N ASP D 29 4.34 13.52 -19.95
CA ASP D 29 5.48 12.93 -19.26
C ASP D 29 5.20 11.48 -18.91
N THR D 30 6.07 10.56 -19.36
CA THR D 30 5.97 9.14 -19.02
C THR D 30 6.07 8.93 -17.51
N ALA D 31 7.18 9.38 -16.92
CA ALA D 31 7.43 9.21 -15.48
C ALA D 31 6.30 9.77 -14.63
N THR D 32 5.98 11.06 -14.78
CA THR D 32 4.94 11.68 -13.97
C THR D 32 3.54 11.30 -14.46
N GLY D 33 3.21 11.69 -15.69
CA GLY D 33 1.88 11.45 -16.24
C GLY D 33 1.14 12.73 -16.56
N GLU D 34 1.78 13.87 -16.28
CA GLU D 34 1.17 15.18 -16.49
C GLU D 34 0.97 15.48 -17.98
N GLU D 35 -0.15 16.12 -18.29
CA GLU D 35 -0.45 16.58 -19.64
C GLU D 35 0.25 17.91 -19.89
N LEU D 36 1.51 17.84 -20.30
CA LEU D 36 2.37 19.02 -20.54
C LEU D 36 1.83 19.98 -21.60
N TYR D 37 1.48 19.46 -22.78
CA TYR D 37 0.77 20.25 -23.78
C TYR D 37 -0.44 19.48 -24.31
N SER D 38 -1.52 20.22 -24.59
CA SER D 38 -2.73 19.63 -25.13
C SER D 38 -3.61 20.59 -25.92
N ARG D 39 -3.47 20.53 -27.23
CA ARG D 39 -4.37 21.24 -28.14
C ARG D 39 -5.15 20.20 -28.94
N ASP D 40 -6.47 20.32 -28.92
CA ASP D 40 -7.38 19.41 -29.62
C ASP D 40 -7.02 17.92 -29.52
N GLY D 41 -6.76 17.47 -28.29
CA GLY D 41 -6.32 16.10 -28.03
C GLY D 41 -7.34 15.03 -28.39
N GLY D 42 -8.62 15.39 -28.30
CA GLY D 42 -9.72 14.45 -28.55
C GLY D 42 -10.49 14.73 -29.82
N GLU D 43 -9.78 15.29 -30.81
CA GLU D 43 -10.33 15.50 -32.15
C GLU D 43 -10.14 14.24 -32.98
N GLN D 44 -11.20 13.80 -33.65
CA GLN D 44 -11.11 12.62 -34.51
C GLN D 44 -10.43 12.95 -35.83
N LEU D 45 -9.24 12.39 -36.02
CA LEU D 45 -8.41 12.71 -37.18
C LEU D 45 -7.84 11.49 -37.86
N LEU D 46 -7.64 11.61 -39.17
CA LEU D 46 -6.96 10.60 -39.95
C LEU D 46 -5.52 10.46 -39.44
N PRO D 47 -5.09 9.22 -39.15
CA PRO D 47 -3.74 9.04 -38.62
C PRO D 47 -2.66 8.78 -39.68
N ALA D 48 -3.05 8.53 -40.93
CA ALA D 48 -2.12 8.02 -41.95
C ALA D 48 -1.28 6.87 -41.35
N SER D 49 0.02 6.87 -41.59
CA SER D 49 0.91 5.79 -41.13
C SER D 49 1.05 5.62 -39.60
N ASN D 50 0.47 6.53 -38.82
CA ASN D 50 0.53 6.42 -37.34
C ASN D 50 -0.32 5.26 -36.83
N MET D 51 -1.32 4.89 -37.63
CA MET D 51 -2.15 3.71 -37.41
C MET D 51 -1.28 2.50 -37.11
N LYS D 52 -0.12 2.41 -37.78
CA LYS D 52 0.83 1.32 -37.53
C LYS D 52 1.32 1.20 -36.07
N LEU D 53 1.18 2.26 -35.29
CA LEU D 53 1.52 2.22 -33.86
C LEU D 53 0.56 1.30 -33.11
N PHE D 54 -0.72 1.49 -33.36
CA PHE D 54 -1.78 0.63 -32.83
C PHE D 54 -1.61 -0.82 -33.27
N THR D 55 -1.26 -1.00 -34.54
CA THR D 55 -1.12 -2.30 -35.14
C THR D 55 0.06 -3.06 -34.56
N ALA D 56 1.17 -2.35 -34.36
CA ALA D 56 2.38 -2.95 -33.78
C ALA D 56 2.18 -3.32 -32.32
N ALA D 57 1.65 -2.39 -31.52
CA ALA D 57 1.33 -2.66 -30.12
C ALA D 57 0.38 -3.86 -30.03
N ALA D 58 -0.66 -3.84 -30.87
CA ALA D 58 -1.63 -4.93 -30.88
C ALA D 58 -0.92 -6.21 -31.28
N ALA D 59 -0.11 -6.16 -32.32
CA ALA D 59 0.63 -7.34 -32.76
C ALA D 59 1.57 -7.87 -31.67
N LEU D 60 2.15 -6.96 -30.90
CA LEU D 60 3.04 -7.34 -29.82
C LEU D 60 2.27 -8.04 -28.71
N GLU D 61 1.13 -7.47 -28.34
CA GLU D 61 0.22 -8.05 -27.36
C GLU D 61 -0.31 -9.42 -27.75
N VAL D 62 -0.70 -9.55 -29.01
CA VAL D 62 -1.45 -10.73 -29.43
C VAL D 62 -0.50 -11.83 -29.84
N LEU D 63 0.53 -11.44 -30.58
CA LEU D 63 1.42 -12.42 -31.16
C LEU D 63 2.60 -12.71 -30.25
N GLY D 64 3.11 -11.69 -29.57
CA GLY D 64 4.30 -11.84 -28.74
C GLY D 64 5.56 -11.45 -29.51
N ALA D 65 6.50 -10.82 -28.79
CA ALA D 65 7.78 -10.38 -29.37
C ALA D 65 8.59 -11.51 -30.01
N ASP D 66 8.34 -12.75 -29.60
CA ASP D 66 9.08 -13.88 -30.15
C ASP D 66 8.27 -14.67 -31.16
N HIS D 67 7.14 -14.11 -31.59
CA HIS D 67 6.32 -14.77 -32.59
C HIS D 67 7.08 -14.89 -33.91
N SER D 68 7.04 -16.08 -34.49
CA SER D 68 7.66 -16.33 -35.77
C SER D 68 6.60 -16.83 -36.75
N PHE D 69 6.80 -16.50 -38.02
CA PHE D 69 5.89 -16.92 -39.07
C PHE D 69 6.57 -17.97 -39.91
N GLY D 70 5.83 -19.01 -40.25
CA GLY D 70 6.39 -20.12 -40.95
C GLY D 70 5.90 -20.26 -42.37
N THR D 71 6.72 -20.95 -43.16
CA THR D 71 6.39 -21.35 -44.52
C THR D 71 6.87 -22.78 -44.65
N GLU D 72 6.15 -23.59 -45.43
CA GLU D 72 6.53 -24.98 -45.66
C GLU D 72 5.98 -25.52 -46.96
N VAL D 73 6.43 -26.72 -47.33
CA VAL D 73 6.09 -27.36 -48.60
C VAL D 73 5.51 -28.75 -48.30
N ALA D 74 4.53 -29.21 -49.08
CA ALA D 74 3.81 -30.43 -48.71
C ALA D 74 3.37 -31.31 -49.88
N ALA D 75 3.52 -32.63 -49.70
CA ALA D 75 2.97 -33.62 -50.63
C ALA D 75 2.03 -34.59 -49.90
N GLU D 76 1.12 -35.24 -50.65
CA GLU D 76 0.15 -36.17 -50.07
C GLU D 76 0.82 -37.25 -49.26
N SER D 77 2.07 -37.56 -49.65
CA SER D 77 2.91 -38.52 -48.94
C SER D 77 4.38 -38.31 -49.34
N ALA D 78 5.30 -38.85 -48.53
CA ALA D 78 6.73 -38.87 -48.85
C ALA D 78 6.95 -39.50 -50.21
N PRO D 79 7.96 -39.04 -50.97
CA PRO D 79 8.14 -39.58 -52.32
C PRO D 79 8.64 -41.03 -52.27
N GLY D 80 8.41 -41.80 -53.34
CA GLY D 80 8.92 -43.17 -53.43
C GLY D 80 10.43 -43.18 -53.62
N ARG D 81 10.98 -44.37 -53.85
CA ARG D 81 12.41 -44.51 -54.17
C ARG D 81 12.72 -43.83 -55.51
N ARG D 82 11.80 -43.96 -56.46
CA ARG D 82 11.87 -43.29 -57.76
C ARG D 82 11.86 -41.75 -57.59
N GLY D 83 11.40 -41.28 -56.44
CA GLY D 83 11.45 -39.87 -56.07
C GLY D 83 10.41 -39.01 -56.74
N GLU D 84 9.21 -39.57 -56.93
CA GLU D 84 8.12 -38.89 -57.60
C GLU D 84 7.01 -38.50 -56.63
N VAL D 85 6.55 -37.25 -56.75
CA VAL D 85 5.32 -36.78 -56.12
C VAL D 85 4.40 -36.31 -57.23
N GLN D 86 3.08 -36.35 -57.02
CA GLN D 86 2.18 -35.82 -58.03
C GLN D 86 2.11 -34.30 -57.86
N ASP D 87 1.17 -33.83 -57.05
CA ASP D 87 0.99 -32.40 -56.76
C ASP D 87 1.90 -31.93 -55.61
N LEU D 88 2.24 -30.64 -55.63
CA LEU D 88 3.10 -30.07 -54.59
C LEU D 88 2.55 -28.72 -54.14
N TYR D 89 2.76 -28.38 -52.87
CA TYR D 89 2.18 -27.17 -52.27
C TYR D 89 3.18 -26.33 -51.53
N LEU D 90 3.30 -25.06 -51.95
CA LEU D 90 4.03 -24.09 -51.16
C LEU D 90 3.00 -23.38 -50.27
N VAL D 91 3.19 -23.51 -48.97
CA VAL D 91 2.19 -23.04 -48.00
C VAL D 91 2.76 -21.89 -47.17
N GLY D 92 2.17 -20.70 -47.33
CA GLY D 92 2.58 -19.54 -46.54
C GLY D 92 1.66 -19.29 -45.36
N ARG D 93 2.23 -18.98 -44.21
CA ARG D 93 1.42 -18.59 -43.07
C ARG D 93 1.84 -17.24 -42.53
N GLY D 94 1.91 -16.26 -43.43
CA GLY D 94 1.93 -14.87 -43.03
C GLY D 94 3.29 -14.26 -42.76
N ASP D 95 4.33 -14.89 -43.33
CA ASP D 95 5.68 -14.38 -43.20
C ASP D 95 5.81 -13.15 -44.10
N PRO D 96 6.02 -11.98 -43.48
CA PRO D 96 6.18 -10.74 -44.21
C PRO D 96 7.62 -10.49 -44.61
N THR D 97 8.47 -11.51 -44.43
CA THR D 97 9.90 -11.42 -44.70
C THR D 97 10.37 -12.67 -45.44
N LEU D 98 9.48 -13.29 -46.19
CA LEU D 98 9.81 -14.47 -46.95
C LEU D 98 10.58 -14.05 -48.20
N SER D 99 11.89 -14.34 -48.21
CA SER D 99 12.77 -13.94 -49.31
C SER D 99 12.81 -14.98 -50.42
N ALA D 100 13.29 -14.55 -51.58
CA ALA D 100 13.60 -15.48 -52.67
C ALA D 100 14.68 -16.47 -52.26
N GLU D 101 15.68 -16.02 -51.52
CA GLU D 101 16.70 -16.91 -50.94
C GLU D 101 16.06 -17.97 -50.03
N ASP D 102 15.14 -17.54 -49.16
CA ASP D 102 14.40 -18.47 -48.29
C ASP D 102 13.72 -19.57 -49.10
N LEU D 103 13.22 -19.21 -50.28
CA LEU D 103 12.58 -20.17 -51.19
C LEU D 103 13.60 -21.16 -51.74
N ASP D 104 14.81 -20.69 -51.98
CA ASP D 104 15.88 -21.54 -52.50
C ASP D 104 16.24 -22.62 -51.47
N ALA D 105 16.43 -22.21 -50.22
CA ALA D 105 16.68 -23.13 -49.11
C ALA D 105 15.63 -24.23 -49.00
N MET D 106 14.36 -23.86 -49.13
CA MET D 106 13.25 -24.80 -49.07
C MET D 106 13.22 -25.73 -50.29
N ALA D 107 13.60 -25.19 -51.45
CA ALA D 107 13.74 -25.99 -52.67
C ALA D 107 14.84 -27.03 -52.50
N ALA D 108 15.94 -26.65 -51.87
CA ALA D 108 17.00 -27.60 -51.54
C ALA D 108 16.43 -28.73 -50.70
N GLU D 109 15.79 -28.38 -49.59
CA GLU D 109 15.17 -29.34 -48.69
C GLU D 109 14.23 -30.29 -49.44
N VAL D 110 13.46 -29.75 -50.39
CA VAL D 110 12.54 -30.56 -51.20
C VAL D 110 13.29 -31.68 -51.94
N ALA D 111 14.44 -31.35 -52.51
CA ALA D 111 15.29 -32.34 -53.15
C ALA D 111 15.90 -33.27 -52.10
N ALA D 112 16.47 -32.69 -51.05
CA ALA D 112 17.04 -33.46 -49.93
C ALA D 112 16.11 -34.56 -49.43
N SER D 113 14.82 -34.26 -49.29
CA SER D 113 13.84 -35.24 -48.84
C SER D 113 13.40 -36.25 -49.93
N GLY D 114 14.25 -36.41 -50.96
CA GLY D 114 14.12 -37.49 -51.92
C GLY D 114 13.37 -37.19 -53.21
N VAL D 115 12.79 -36.00 -53.31
CA VAL D 115 12.05 -35.61 -54.51
C VAL D 115 13.01 -35.13 -55.61
N ARG D 116 12.76 -35.59 -56.84
CA ARG D 116 13.43 -35.05 -58.01
C ARG D 116 12.45 -34.77 -59.16
N THR D 117 11.22 -35.21 -59.00
CA THR D 117 10.16 -34.91 -59.98
C THR D 117 8.80 -34.59 -59.33
N VAL D 118 8.18 -33.52 -59.80
CA VAL D 118 6.83 -33.19 -59.42
C VAL D 118 5.99 -33.48 -60.66
N ARG D 119 5.30 -34.63 -60.67
CA ARG D 119 4.56 -35.06 -61.85
C ARG D 119 3.34 -34.18 -62.15
N GLY D 120 2.63 -33.78 -61.10
CA GLY D 120 1.47 -32.90 -61.25
C GLY D 120 1.86 -31.43 -61.12
N ASP D 121 0.90 -30.61 -60.71
CA ASP D 121 1.12 -29.16 -60.61
C ASP D 121 1.79 -28.76 -59.29
N LEU D 122 2.40 -27.58 -59.27
CA LEU D 122 2.84 -26.94 -58.02
C LEU D 122 1.82 -25.85 -57.66
N TYR D 123 1.36 -25.90 -56.41
CA TYR D 123 0.33 -24.99 -55.95
C TYR D 123 0.87 -24.06 -54.88
N ALA D 124 0.48 -22.79 -54.97
CA ALA D 124 0.82 -21.79 -53.97
C ALA D 124 -0.36 -21.58 -53.03
N ASP D 125 -0.13 -21.76 -51.75
CA ASP D 125 -1.22 -21.78 -50.76
C ASP D 125 -1.08 -20.60 -49.81
N ASP D 126 -1.96 -19.63 -49.96
CA ASP D 126 -1.99 -18.48 -49.06
C ASP D 126 -3.30 -18.41 -48.26
N THR D 127 -3.88 -19.58 -48.00
CA THR D 127 -5.22 -19.69 -47.42
C THR D 127 -5.18 -19.47 -45.92
N TRP D 128 -3.99 -19.33 -45.35
CA TRP D 128 -3.86 -18.89 -43.98
C TRP D 128 -4.61 -17.58 -43.77
N PHE D 129 -4.57 -16.71 -44.79
CA PHE D 129 -5.33 -15.47 -44.82
C PHE D 129 -6.38 -15.64 -45.89
N ASP D 130 -7.43 -14.83 -45.83
CA ASP D 130 -8.43 -14.83 -46.87
C ASP D 130 -7.79 -14.25 -48.13
N SER D 131 -8.57 -14.13 -49.20
CA SER D 131 -8.03 -13.62 -50.43
C SER D 131 -8.46 -12.19 -50.74
N GLU D 132 -8.93 -11.46 -49.74
CA GLU D 132 -9.20 -10.04 -49.93
C GLU D 132 -7.86 -9.34 -49.97
N ARG D 133 -7.48 -8.91 -51.18
CA ARG D 133 -6.14 -8.43 -51.42
C ARG D 133 -5.95 -6.99 -50.96
N LEU D 134 -7.04 -6.21 -51.02
CA LEU D 134 -7.01 -4.77 -50.79
C LEU D 134 -8.19 -4.34 -49.93
N VAL D 135 -7.99 -3.34 -49.07
CA VAL D 135 -9.08 -2.74 -48.32
C VAL D 135 -10.05 -2.06 -49.28
N ASP D 136 -11.35 -2.24 -49.07
CA ASP D 136 -12.37 -1.67 -49.97
C ASP D 136 -12.09 -0.22 -50.36
N ASP D 137 -11.87 0.64 -49.37
CA ASP D 137 -11.79 2.10 -49.64
C ASP D 137 -10.39 2.65 -50.00
N TRP D 138 -9.42 1.76 -50.11
CA TRP D 138 -8.15 2.10 -50.73
C TRP D 138 -8.40 2.50 -52.19
N TRP D 139 -7.53 3.36 -52.71
CA TRP D 139 -7.70 3.93 -54.05
C TRP D 139 -6.99 3.11 -55.13
N PRO D 140 -7.73 2.67 -56.16
CA PRO D 140 -7.16 1.82 -57.22
C PRO D 140 -5.96 2.46 -57.89
N GLU D 141 -5.96 3.78 -57.97
CA GLU D 141 -4.86 4.50 -58.57
C GLU D 141 -3.53 4.23 -57.83
N ASP D 142 -3.60 3.84 -56.55
CA ASP D 142 -2.39 3.59 -55.77
C ASP D 142 -1.81 2.20 -55.97
N GLU D 143 -2.56 1.31 -56.62
CA GLU D 143 -2.26 -0.12 -56.63
C GLU D 143 -0.92 -0.59 -57.25
N PRO D 144 -0.39 0.12 -58.26
CA PRO D 144 0.93 -0.30 -58.77
C PRO D 144 2.08 -0.12 -57.76
N TYR D 145 1.86 0.70 -56.75
CA TYR D 145 2.95 1.10 -55.88
C TYR D 145 3.09 0.18 -54.67
N ALA D 146 4.34 -0.03 -54.25
CA ALA D 146 4.75 -1.05 -53.27
C ALA D 146 3.97 -1.01 -51.98
N TYR D 147 3.53 0.17 -51.61
CA TYR D 147 2.87 0.36 -50.33
C TYR D 147 1.43 -0.13 -50.42
N SER D 148 0.92 -0.20 -51.65
CA SER D 148 -0.45 -0.66 -51.88
C SER D 148 -0.46 -2.08 -52.40
N ALA D 149 0.63 -2.80 -52.19
CA ALA D 149 0.71 -4.21 -52.56
C ALA D 149 -0.47 -4.97 -52.01
N GLN D 150 -0.88 -5.98 -52.78
CA GLN D 150 -1.93 -6.89 -52.39
C GLN D 150 -1.49 -7.71 -51.19
N ILE D 151 -2.46 -8.01 -50.33
CA ILE D 151 -2.20 -8.72 -49.08
C ILE D 151 -2.47 -10.21 -49.24
N SER D 152 -1.45 -11.00 -48.92
CA SER D 152 -1.51 -12.45 -49.00
C SER D 152 -0.73 -13.05 -47.83
N ALA D 153 -1.15 -14.24 -47.44
CA ALA D 153 -0.43 -14.99 -46.42
C ALA D 153 0.91 -15.49 -46.97
N LEU D 154 0.98 -15.61 -48.31
CA LEU D 154 2.16 -16.09 -49.00
C LEU D 154 2.59 -15.05 -50.04
N THR D 155 3.58 -14.26 -49.66
CA THR D 155 4.07 -13.23 -50.50
C THR D 155 5.60 -13.20 -50.39
N VAL D 156 6.27 -12.92 -51.51
CA VAL D 156 7.73 -12.72 -51.51
C VAL D 156 8.10 -11.29 -51.16
N ALA D 157 8.94 -11.16 -50.15
CA ALA D 157 9.43 -9.88 -49.67
C ALA D 157 10.72 -9.53 -50.39
N HIS D 158 10.82 -8.26 -50.78
CA HIS D 158 11.93 -7.80 -51.55
C HIS D 158 12.96 -7.10 -50.68
N GLY D 159 14.21 -7.56 -50.80
CA GLY D 159 15.35 -6.94 -50.15
C GLY D 159 15.37 -7.15 -48.65
N GLU D 160 16.29 -6.44 -48.01
CA GLU D 160 16.46 -6.49 -46.56
C GLU D 160 15.37 -5.68 -45.87
N ARG D 161 14.70 -4.82 -46.64
CA ARG D 161 13.54 -4.07 -46.15
C ARG D 161 12.24 -4.87 -46.19
N PHE D 162 12.25 -5.96 -46.95
CA PHE D 162 11.11 -6.87 -47.00
C PHE D 162 9.81 -6.20 -47.48
N ASP D 163 9.91 -5.46 -48.57
CA ASP D 163 8.74 -4.95 -49.28
C ASP D 163 8.09 -6.13 -49.96
N THR D 164 6.82 -6.37 -49.63
CA THR D 164 6.16 -7.59 -50.07
C THR D 164 5.31 -7.37 -51.30
N GLY D 165 5.06 -8.46 -52.02
CA GLY D 165 4.12 -8.47 -53.14
C GLY D 165 4.54 -7.59 -54.31
N VAL D 166 5.82 -7.25 -54.35
CA VAL D 166 6.37 -6.42 -55.41
C VAL D 166 7.47 -7.10 -56.22
N THR D 167 7.86 -6.43 -57.30
CA THR D 167 8.98 -6.85 -58.11
C THR D 167 9.78 -5.59 -58.38
N GLU D 168 11.09 -5.73 -58.53
CA GLU D 168 11.90 -4.56 -58.88
C GLU D 168 11.97 -4.50 -60.38
N VAL D 169 11.53 -3.38 -60.92
CA VAL D 169 11.63 -3.13 -62.34
C VAL D 169 12.87 -2.29 -62.55
N SER D 170 13.72 -2.75 -63.48
CA SER D 170 14.94 -2.05 -63.88
C SER D 170 14.82 -1.49 -65.29
N VAL D 171 14.97 -0.18 -65.44
CA VAL D 171 14.91 0.44 -66.76
C VAL D 171 16.26 1.03 -67.09
N THR D 172 16.90 0.42 -68.08
CA THR D 172 18.23 0.77 -68.54
C THR D 172 18.12 1.50 -69.88
N PRO D 173 18.73 2.69 -69.98
CA PRO D 173 18.67 3.37 -71.27
C PRO D 173 19.53 2.62 -72.28
N ALA D 174 19.08 2.57 -73.53
CA ALA D 174 19.97 2.15 -74.61
C ALA D 174 20.66 3.40 -75.13
N ALA D 175 20.66 3.59 -76.45
CA ALA D 175 21.15 4.84 -77.01
C ALA D 175 19.99 5.63 -77.57
N GLU D 176 20.22 6.92 -77.80
CA GLU D 176 19.19 7.86 -78.22
C GLU D 176 18.29 7.32 -79.31
N GLY D 177 16.98 7.44 -79.11
CA GLY D 177 15.98 7.03 -80.11
C GLY D 177 15.66 5.55 -80.12
N GLU D 178 16.39 4.79 -79.30
CA GLU D 178 16.21 3.34 -79.21
C GLU D 178 15.37 3.00 -77.97
N PRO D 179 14.56 1.92 -78.04
CA PRO D 179 13.79 1.47 -76.88
C PRO D 179 14.66 1.34 -75.62
N ALA D 180 14.12 1.67 -74.45
CA ALA D 180 14.88 1.37 -73.23
C ALA D 180 14.77 -0.12 -72.97
N ASP D 181 15.72 -0.67 -72.23
CA ASP D 181 15.61 -2.06 -71.80
C ASP D 181 14.95 -2.09 -70.44
N VAL D 182 13.92 -2.90 -70.34
CA VAL D 182 13.19 -3.06 -69.08
C VAL D 182 13.41 -4.47 -68.56
N ASP D 183 13.85 -4.55 -67.31
CA ASP D 183 13.87 -5.83 -66.61
C ASP D 183 12.76 -5.86 -65.56
N LEU D 184 12.01 -6.96 -65.52
CA LEU D 184 10.90 -7.12 -64.59
C LEU D 184 11.29 -7.64 -63.22
N GLY D 185 12.53 -8.08 -63.09
CA GLY D 185 13.04 -8.60 -61.82
C GLY D 185 12.43 -9.93 -61.49
N ALA D 186 11.98 -10.07 -60.25
CA ALA D 186 11.43 -11.34 -59.79
C ALA D 186 10.22 -11.76 -60.62
N ALA D 187 9.49 -10.78 -61.13
CA ALA D 187 8.26 -11.01 -61.86
C ALA D 187 8.47 -11.31 -63.35
N GLU D 188 9.73 -11.35 -63.77
CA GLU D 188 10.10 -11.78 -65.13
C GLU D 188 9.56 -13.20 -65.29
N GLY D 189 8.75 -13.40 -66.32
CA GLY D 189 8.09 -14.69 -66.56
C GLY D 189 6.79 -14.91 -65.79
N TYR D 190 6.38 -13.93 -64.99
CA TYR D 190 5.11 -13.97 -64.26
C TYR D 190 4.17 -12.82 -64.64
N ALA D 191 4.66 -11.58 -64.52
CA ALA D 191 3.93 -10.42 -65.01
C ALA D 191 4.24 -10.20 -66.50
N GLU D 192 3.26 -9.68 -67.24
CA GLU D 192 3.48 -9.30 -68.64
C GLU D 192 4.21 -7.94 -68.70
N LEU D 193 4.96 -7.73 -69.77
CA LEU D 193 5.66 -6.48 -70.00
C LEU D 193 5.11 -5.77 -71.24
N ASP D 194 4.80 -4.49 -71.06
CA ASP D 194 4.34 -3.65 -72.14
C ASP D 194 5.29 -2.46 -72.09
N ASN D 195 6.45 -2.64 -72.73
CA ASN D 195 7.49 -1.64 -72.70
C ASN D 195 7.41 -0.75 -73.93
N ARG D 196 6.98 0.49 -73.71
CA ARG D 196 6.88 1.50 -74.75
C ARG D 196 7.88 2.62 -74.51
N ALA D 197 8.75 2.43 -73.55
CA ALA D 197 9.72 3.45 -73.19
C ALA D 197 10.82 3.54 -74.25
N VAL D 198 11.26 4.76 -74.49
CA VAL D 198 12.38 5.02 -75.38
C VAL D 198 13.51 5.64 -74.60
N THR D 199 14.68 5.63 -75.20
CA THR D 199 15.82 6.36 -74.70
C THR D 199 15.82 7.72 -75.37
N GLY D 200 15.96 8.78 -74.56
CA GLY D 200 16.13 10.13 -75.10
C GLY D 200 17.61 10.44 -75.21
N ALA D 201 17.93 11.53 -75.89
CA ALA D 201 19.31 11.99 -75.99
C ALA D 201 19.83 12.23 -74.59
N ALA D 202 21.15 12.24 -74.43
CA ALA D 202 21.71 12.56 -73.13
C ALA D 202 21.17 13.91 -72.75
N GLY D 203 20.98 14.10 -71.45
CA GLY D 203 20.54 15.39 -70.90
C GLY D 203 19.08 15.74 -71.12
N SER D 204 18.39 14.94 -71.92
CA SER D 204 16.98 15.21 -72.20
C SER D 204 16.14 14.91 -70.96
N ALA D 205 14.89 15.39 -70.96
CA ALA D 205 14.01 15.24 -69.81
C ALA D 205 13.64 13.78 -69.58
N ASN D 206 13.71 13.38 -68.32
CA ASN D 206 13.28 12.06 -67.88
C ASN D 206 11.78 12.10 -67.70
N THR D 207 11.05 11.38 -68.55
CA THR D 207 9.60 11.32 -68.47
C THR D 207 9.14 9.87 -68.28
N LEU D 208 10.05 9.03 -67.81
CA LEU D 208 9.77 7.61 -67.66
C LEU D 208 8.62 7.39 -66.66
N VAL D 209 7.67 6.56 -67.07
CA VAL D 209 6.58 6.14 -66.18
C VAL D 209 6.50 4.61 -66.21
N ILE D 210 6.39 4.02 -65.01
CA ILE D 210 6.25 2.58 -64.84
C ILE D 210 4.93 2.36 -64.12
N ASP D 211 4.01 1.70 -64.80
CA ASP D 211 2.66 1.55 -64.31
C ASP D 211 2.30 0.06 -64.29
N ARG D 212 1.22 -0.25 -63.61
CA ARG D 212 0.53 -1.51 -63.76
C ARG D 212 -0.95 -1.13 -63.82
N PRO D 213 -1.52 -1.09 -65.03
CA PRO D 213 -2.93 -0.72 -65.20
C PRO D 213 -3.84 -1.57 -64.31
N VAL D 214 -4.86 -0.94 -63.72
CA VAL D 214 -5.73 -1.63 -62.74
C VAL D 214 -6.22 -2.96 -63.27
N GLY D 215 -6.30 -3.95 -62.39
CA GLY D 215 -6.88 -5.23 -62.75
C GLY D 215 -6.06 -6.00 -63.77
N THR D 216 -4.81 -5.60 -63.98
CA THR D 216 -3.94 -6.35 -64.88
C THR D 216 -2.73 -6.78 -64.15
N ASN D 217 -2.03 -7.76 -64.71
CA ASN D 217 -0.73 -8.13 -64.21
C ASN D 217 0.31 -7.74 -65.25
N THR D 218 0.13 -6.56 -65.84
CA THR D 218 1.03 -6.07 -66.87
C THR D 218 1.79 -4.88 -66.30
N ILE D 219 3.11 -4.86 -66.48
CA ILE D 219 3.92 -3.71 -66.14
C ILE D 219 4.07 -2.89 -67.44
N ALA D 220 3.43 -1.73 -67.48
CA ALA D 220 3.42 -0.88 -68.66
C ALA D 220 4.38 0.26 -68.48
N VAL D 221 5.40 0.30 -69.33
CA VAL D 221 6.41 1.35 -69.23
C VAL D 221 6.22 2.33 -70.38
N THR D 222 6.17 3.62 -70.06
CA THR D 222 6.03 4.67 -71.06
C THR D 222 7.06 5.77 -70.84
N GLY D 223 7.03 6.78 -71.71
CA GLY D 223 7.91 7.92 -71.56
C GLY D 223 9.33 7.64 -71.99
N SER D 224 10.25 8.51 -71.59
CA SER D 224 11.62 8.50 -72.07
C SER D 224 12.63 8.63 -70.95
N LEU D 225 13.72 7.89 -71.06
CA LEU D 225 14.81 7.95 -70.09
C LEU D 225 16.01 8.41 -70.90
N PRO D 226 16.78 9.40 -70.39
CA PRO D 226 17.86 9.90 -71.24
C PRO D 226 19.01 8.91 -71.35
N ALA D 227 19.74 8.96 -72.48
CA ALA D 227 20.82 8.01 -72.77
C ALA D 227 21.87 7.96 -71.69
N ASP D 228 22.11 9.08 -71.02
CA ASP D 228 23.12 9.14 -69.94
C ASP D 228 22.60 8.94 -68.52
N ALA D 229 21.34 8.57 -68.36
CA ALA D 229 20.82 8.39 -67.00
C ALA D 229 21.31 7.08 -66.39
N ALA D 230 21.44 7.07 -65.06
CA ALA D 230 21.65 5.85 -64.32
C ALA D 230 20.44 4.93 -64.52
N PRO D 231 20.67 3.61 -64.65
CA PRO D 231 19.58 2.64 -64.73
C PRO D 231 18.61 2.85 -63.58
N VAL D 232 17.32 2.90 -63.91
CA VAL D 232 16.27 3.13 -62.91
C VAL D 232 15.79 1.82 -62.31
N THR D 233 15.65 1.78 -60.98
CA THR D 233 14.96 0.68 -60.33
C THR D 233 13.72 1.23 -59.63
N ALA D 234 12.59 0.54 -59.85
CA ALA D 234 11.33 0.88 -59.19
C ALA D 234 10.59 -0.38 -58.76
N LEU D 235 10.19 -0.41 -57.50
CA LEU D 235 9.38 -1.49 -56.95
C LEU D 235 7.96 -1.26 -57.43
N ARG D 236 7.41 -2.26 -58.10
CA ARG D 236 6.02 -2.23 -58.53
C ARG D 236 5.33 -3.49 -58.08
N THR D 237 4.03 -3.38 -57.79
CA THR D 237 3.28 -4.52 -57.32
C THR D 237 2.96 -5.46 -58.45
N VAL D 238 2.59 -6.68 -58.10
CA VAL D 238 2.08 -7.62 -59.07
C VAL D 238 0.73 -8.04 -58.57
N ASP D 239 -0.10 -8.52 -59.49
CA ASP D 239 -1.33 -9.20 -59.12
C ASP D 239 -0.95 -10.53 -58.52
N GLU D 240 -1.67 -10.93 -57.47
CA GLU D 240 -1.53 -12.24 -56.81
C GLU D 240 -0.12 -12.58 -56.30
N PRO D 241 0.30 -11.96 -55.18
CA PRO D 241 1.64 -12.23 -54.66
C PRO D 241 1.97 -13.73 -54.49
N ALA D 242 0.99 -14.55 -54.13
CA ALA D 242 1.24 -15.96 -53.87
C ALA D 242 1.58 -16.69 -55.16
N ALA D 243 0.89 -16.32 -56.24
CA ALA D 243 1.16 -16.88 -57.56
C ALA D 243 2.57 -16.53 -57.98
N LEU D 244 2.99 -15.30 -57.67
CA LEU D 244 4.37 -14.94 -57.89
C LEU D 244 5.30 -15.80 -57.04
N ALA D 245 4.95 -16.00 -55.77
CA ALA D 245 5.75 -16.85 -54.88
C ALA D 245 5.84 -18.23 -55.48
N GLY D 246 4.72 -18.71 -56.01
CA GLY D 246 4.66 -19.99 -56.67
C GLY D 246 5.62 -20.06 -57.84
N HIS D 247 5.68 -18.97 -58.60
CA HIS D 247 6.55 -18.87 -59.78
C HIS D 247 8.02 -19.00 -59.41
N LEU D 248 8.46 -18.19 -58.45
CA LEU D 248 9.84 -18.17 -57.99
C LEU D 248 10.28 -19.48 -57.33
N PHE D 249 9.33 -20.22 -56.77
CA PHE D 249 9.64 -21.50 -56.14
C PHE D 249 9.73 -22.60 -57.19
N GLU D 250 9.03 -22.43 -58.32
CA GLU D 250 9.21 -23.35 -59.43
C GLU D 250 10.66 -23.26 -59.87
N GLU D 251 11.13 -22.02 -60.01
CA GLU D 251 12.46 -21.74 -60.51
C GLU D 251 13.53 -22.17 -59.53
N ALA D 252 13.22 -22.09 -58.23
CA ALA D 252 14.14 -22.52 -57.19
C ALA D 252 14.22 -24.03 -57.16
N LEU D 253 13.06 -24.68 -57.27
CA LEU D 253 12.98 -26.12 -57.42
C LEU D 253 13.76 -26.62 -58.64
N GLU D 254 13.64 -25.90 -59.75
CA GLU D 254 14.34 -26.26 -60.97
C GLU D 254 15.86 -26.12 -60.80
N SER D 255 16.27 -25.11 -60.03
CA SER D 255 17.68 -24.87 -59.72
C SER D 255 18.26 -25.92 -58.76
N ASN D 256 17.41 -26.47 -57.90
CA ASN D 256 17.85 -27.54 -56.99
C ASN D 256 17.52 -28.94 -57.54
N GLY D 257 17.34 -29.00 -58.86
CA GLY D 257 17.22 -30.27 -59.57
C GLY D 257 15.87 -30.95 -59.44
N VAL D 258 14.85 -30.18 -59.07
CA VAL D 258 13.50 -30.73 -58.99
C VAL D 258 12.67 -30.24 -60.19
N THR D 259 12.18 -31.17 -60.98
CA THR D 259 11.42 -30.86 -62.18
C THR D 259 9.95 -30.74 -61.82
N VAL D 260 9.29 -29.71 -62.35
CA VAL D 260 7.85 -29.57 -62.19
C VAL D 260 7.19 -29.86 -63.54
N LYS D 261 6.63 -31.05 -63.67
CA LYS D 261 6.00 -31.46 -64.93
C LYS D 261 4.67 -30.75 -65.15
N GLY D 262 4.03 -30.34 -64.06
CA GLY D 262 2.73 -29.66 -64.14
C GLY D 262 2.84 -28.15 -64.22
N ASP D 263 1.77 -27.48 -63.78
CA ASP D 263 1.66 -26.03 -63.84
C ASP D 263 1.91 -25.39 -62.49
N VAL D 264 1.93 -24.06 -62.47
CA VAL D 264 2.00 -23.32 -61.20
C VAL D 264 0.74 -22.47 -61.08
N GLY D 265 0.08 -22.61 -59.93
CA GLY D 265 -1.15 -21.88 -59.68
C GLY D 265 -1.43 -21.79 -58.21
N LEU D 266 -2.51 -21.09 -57.88
CA LEU D 266 -2.96 -20.96 -56.52
C LEU D 266 -3.77 -22.20 -56.15
N GLY D 267 -3.61 -22.67 -54.93
CA GLY D 267 -4.35 -23.83 -54.46
C GLY D 267 -4.06 -24.13 -53.02
N GLY D 268 -5.10 -24.38 -52.25
CA GLY D 268 -4.93 -24.82 -50.88
C GLY D 268 -4.75 -26.32 -50.83
N VAL D 269 -3.93 -26.80 -49.90
CA VAL D 269 -3.85 -28.23 -49.64
C VAL D 269 -5.29 -28.73 -49.58
N PRO D 270 -5.66 -29.66 -50.49
CA PRO D 270 -7.08 -30.01 -50.56
C PRO D 270 -7.49 -30.78 -49.32
N ALA D 271 -8.71 -30.55 -48.85
CA ALA D 271 -9.21 -31.15 -47.62
C ALA D 271 -8.83 -32.63 -47.47
N ASP D 272 -9.10 -33.43 -48.51
CA ASP D 272 -9.02 -34.90 -48.41
C ASP D 272 -7.61 -35.49 -48.18
N TRP D 273 -6.62 -34.63 -47.91
CA TRP D 273 -5.27 -35.10 -47.58
C TRP D 273 -5.15 -35.43 -46.10
N GLN D 274 -5.51 -36.68 -45.79
CA GLN D 274 -5.54 -37.23 -44.44
C GLN D 274 -4.23 -36.99 -43.65
N ASP D 275 -3.11 -37.30 -44.28
CA ASP D 275 -1.82 -37.05 -43.66
C ASP D 275 -0.75 -36.67 -44.69
N ALA D 276 -0.47 -35.37 -44.77
CA ALA D 276 0.53 -34.86 -45.70
C ALA D 276 1.94 -34.92 -45.11
N GLU D 277 2.90 -35.26 -45.96
CA GLU D 277 4.31 -35.21 -45.57
C GLU D 277 4.87 -33.83 -45.92
N VAL D 278 5.40 -33.19 -44.88
CA VAL D 278 6.07 -31.89 -45.00
C VAL D 278 7.49 -32.15 -45.46
N LEU D 279 7.83 -31.58 -46.62
CA LEU D 279 9.13 -31.82 -47.26
C LEU D 279 10.17 -30.72 -47.05
N ALA D 280 9.75 -29.51 -46.66
CA ALA D 280 10.65 -28.36 -46.54
C ALA D 280 10.16 -27.32 -45.55
N ASP D 281 11.08 -26.51 -45.02
CA ASP D 281 10.75 -25.67 -43.89
C ASP D 281 11.42 -24.32 -43.95
N HIS D 282 10.66 -23.29 -43.61
CA HIS D 282 11.26 -22.02 -43.21
C HIS D 282 10.48 -21.39 -42.08
N THR D 283 11.23 -20.85 -41.13
CA THR D 283 10.69 -20.09 -40.03
C THR D 283 11.32 -18.73 -40.16
N SER D 284 10.48 -17.69 -40.12
CA SER D 284 10.94 -16.32 -40.21
C SER D 284 11.73 -15.98 -38.96
N ALA D 285 12.31 -14.78 -38.96
CA ALA D 285 12.83 -14.18 -37.76
C ALA D 285 11.64 -13.95 -36.82
N GLU D 286 11.93 -13.63 -35.57
CA GLU D 286 10.87 -13.31 -34.60
C GLU D 286 10.30 -11.93 -34.89
N LEU D 287 9.10 -11.66 -34.35
CA LEU D 287 8.36 -10.42 -34.60
C LEU D 287 9.13 -9.19 -34.14
N SER D 288 9.93 -9.36 -33.08
CA SER D 288 10.80 -8.29 -32.58
C SER D 288 11.74 -7.83 -33.68
N GLU D 289 12.30 -8.80 -34.42
CA GLU D 289 13.18 -8.53 -35.54
C GLU D 289 12.42 -7.86 -36.69
N ILE D 290 11.36 -8.52 -37.16
CA ILE D 290 10.48 -8.01 -38.23
C ILE D 290 9.96 -6.61 -37.94
N LEU D 291 9.70 -6.32 -36.68
CA LEU D 291 9.13 -5.02 -36.28
C LEU D 291 10.02 -3.89 -36.77
N VAL D 292 11.32 -4.14 -36.83
CA VAL D 292 12.29 -3.11 -37.24
C VAL D 292 12.05 -2.65 -38.71
N PRO D 293 12.21 -3.54 -39.72
CA PRO D 293 11.92 -3.07 -41.08
C PRO D 293 10.48 -2.56 -41.27
N PHE D 294 9.56 -3.09 -40.46
CA PHE D 294 8.15 -2.69 -40.50
C PHE D 294 7.94 -1.22 -40.13
N MET D 295 8.36 -0.83 -38.93
CA MET D 295 8.11 0.53 -38.45
C MET D 295 9.14 1.53 -38.94
N LYS D 296 10.40 1.08 -39.07
CA LYS D 296 11.48 1.94 -39.52
C LYS D 296 11.12 2.56 -40.87
N PHE D 297 10.66 1.72 -41.80
CA PHE D 297 10.36 2.16 -43.17
C PHE D 297 8.87 2.25 -43.49
N SER D 298 8.02 1.95 -42.50
CA SER D 298 6.54 2.09 -42.61
C SER D 298 5.90 1.16 -43.66
N ASN D 299 6.18 -0.13 -43.52
CA ASN D 299 5.74 -1.15 -44.46
C ASN D 299 4.23 -1.47 -44.32
N ASN D 300 3.43 -0.96 -45.24
CA ASN D 300 1.97 -1.22 -45.26
C ASN D 300 1.58 -2.70 -45.31
N GLY D 301 2.25 -3.46 -46.16
CA GLY D 301 1.98 -4.88 -46.34
C GLY D 301 2.18 -5.61 -45.03
N HIS D 302 3.23 -5.23 -44.31
CA HIS D 302 3.52 -5.74 -42.97
C HIS D 302 2.35 -5.45 -42.03
N ALA D 303 1.90 -4.20 -41.98
CA ALA D 303 0.82 -3.81 -41.07
C ALA D 303 -0.43 -4.66 -41.27
N GLU D 304 -0.85 -4.77 -42.53
CA GLU D 304 -2.02 -5.55 -42.86
C GLU D 304 -1.84 -7.04 -42.59
N MET D 305 -0.69 -7.61 -42.95
CA MET D 305 -0.39 -9.02 -42.67
C MET D 305 -0.49 -9.31 -41.18
N LEU D 306 0.04 -8.42 -40.36
CA LEU D 306 -0.02 -8.55 -38.91
C LEU D 306 -1.47 -8.51 -38.42
N VAL D 307 -2.26 -7.61 -39.00
CA VAL D 307 -3.67 -7.56 -38.70
C VAL D 307 -4.31 -8.91 -39.01
N LYS D 308 -4.09 -9.44 -40.22
CA LYS D 308 -4.67 -10.73 -40.54
C LYS D 308 -4.13 -11.86 -39.64
N SER D 309 -2.91 -11.69 -39.15
CA SER D 309 -2.29 -12.66 -38.25
C SER D 309 -2.93 -12.55 -36.89
N ILE D 310 -3.13 -11.32 -36.42
CA ILE D 310 -3.92 -11.07 -35.23
C ILE D 310 -5.27 -11.78 -35.36
N GLY D 311 -5.89 -11.61 -36.52
CA GLY D 311 -7.17 -12.23 -36.82
C GLY D 311 -7.13 -13.74 -36.65
N GLN D 312 -6.11 -14.36 -37.23
CA GLN D 312 -5.88 -15.79 -37.08
C GLN D 312 -5.73 -16.22 -35.62
N GLU D 313 -4.84 -15.54 -34.89
CA GLU D 313 -4.59 -15.84 -33.49
C GLU D 313 -5.83 -15.70 -32.61
N THR D 314 -6.62 -14.65 -32.82
CA THR D 314 -7.77 -14.35 -31.96
C THR D 314 -9.12 -14.94 -32.42
N ALA D 315 -9.21 -15.35 -33.67
CA ALA D 315 -10.50 -15.71 -34.22
C ALA D 315 -10.39 -16.74 -35.33
N GLY D 316 -9.18 -17.26 -35.54
CA GLY D 316 -8.95 -18.33 -36.53
C GLY D 316 -9.27 -17.97 -37.97
N ALA D 317 -9.06 -16.71 -38.32
CA ALA D 317 -9.35 -16.21 -39.65
C ALA D 317 -8.46 -15.03 -39.98
N GLY D 318 -7.72 -15.16 -41.07
CA GLY D 318 -6.83 -14.10 -41.52
C GLY D 318 -7.60 -13.09 -42.32
N THR D 319 -8.43 -12.30 -41.65
CA THR D 319 -9.27 -11.31 -42.31
C THR D 319 -9.11 -9.94 -41.62
N TRP D 320 -9.44 -8.88 -42.33
CA TRP D 320 -9.43 -7.54 -41.74
C TRP D 320 -10.46 -7.42 -40.63
N ASP D 321 -11.64 -8.00 -40.85
CA ASP D 321 -12.75 -7.99 -39.88
C ASP D 321 -12.31 -8.57 -38.56
N ALA D 322 -11.70 -9.75 -38.60
CA ALA D 322 -11.27 -10.42 -37.39
C ALA D 322 -10.08 -9.68 -36.81
N GLY D 323 -9.09 -9.37 -37.66
CA GLY D 323 -7.88 -8.66 -37.25
C GLY D 323 -8.11 -7.33 -36.56
N LEU D 324 -9.00 -6.52 -37.13
CA LEU D 324 -9.25 -5.18 -36.61
C LEU D 324 -10.01 -5.25 -35.29
N VAL D 325 -10.91 -6.23 -35.16
CA VAL D 325 -11.53 -6.54 -33.84
C VAL D 325 -10.44 -6.92 -32.82
N GLY D 326 -9.50 -7.77 -33.24
CA GLY D 326 -8.36 -8.16 -32.38
C GLY D 326 -7.43 -7.03 -31.99
N VAL D 327 -7.22 -6.08 -32.91
CA VAL D 327 -6.44 -4.90 -32.58
C VAL D 327 -7.13 -4.08 -31.51
N GLU D 328 -8.39 -3.70 -31.74
CA GLU D 328 -9.14 -2.90 -30.77
C GLU D 328 -9.15 -3.57 -29.39
N GLU D 329 -9.43 -4.87 -29.36
CA GLU D 329 -9.44 -5.64 -28.10
C GLU D 329 -8.08 -5.72 -27.42
N ALA D 330 -7.02 -5.93 -28.21
CA ALA D 330 -5.64 -5.92 -27.70
C ALA D 330 -5.28 -4.59 -27.06
N LEU D 331 -5.69 -3.50 -27.70
CA LEU D 331 -5.44 -2.14 -27.22
C LEU D 331 -6.16 -1.86 -25.89
N SER D 332 -7.39 -2.30 -25.77
CA SER D 332 -8.13 -2.20 -24.51
C SER D 332 -7.46 -3.02 -23.41
N GLY D 333 -7.04 -4.24 -23.75
CA GLY D 333 -6.32 -5.11 -22.83
C GLY D 333 -5.03 -4.47 -22.33
N LEU D 334 -4.47 -3.61 -23.18
CA LEU D 334 -3.24 -2.89 -22.86
C LEU D 334 -3.50 -1.69 -21.95
N GLY D 335 -4.74 -1.22 -21.94
CA GLY D 335 -5.12 -0.11 -21.08
C GLY D 335 -5.60 1.11 -21.82
N VAL D 336 -5.57 1.02 -23.15
CA VAL D 336 -5.91 2.17 -23.98
C VAL D 336 -7.42 2.34 -24.12
N ASP D 337 -7.87 3.57 -23.92
CA ASP D 337 -9.23 3.97 -24.19
C ASP D 337 -9.35 4.04 -25.73
N THR D 338 -10.21 3.19 -26.29
CA THR D 338 -10.31 3.03 -27.75
C THR D 338 -11.60 3.63 -28.31
N ALA D 339 -12.24 4.47 -27.51
CA ALA D 339 -13.53 5.07 -27.85
C ALA D 339 -13.47 5.97 -29.09
N GLY D 340 -12.36 6.69 -29.25
CA GLY D 340 -12.19 7.59 -30.40
C GLY D 340 -11.49 6.97 -31.60
N LEU D 341 -11.15 5.68 -31.49
CA LEU D 341 -10.54 4.94 -32.60
C LEU D 341 -11.59 4.43 -33.57
N VAL D 342 -11.32 4.60 -34.86
CA VAL D 342 -12.05 3.89 -35.90
C VAL D 342 -11.00 3.15 -36.71
N LEU D 343 -11.07 1.83 -36.70
CA LEU D 343 -10.08 1.07 -37.44
C LEU D 343 -10.62 0.48 -38.74
N ASN D 344 -9.92 0.76 -39.83
CA ASN D 344 -10.32 0.24 -41.13
C ASN D 344 -9.21 -0.58 -41.78
N ASP D 345 -7.98 -0.31 -41.40
CA ASP D 345 -6.87 -1.17 -41.78
C ASP D 345 -5.76 -1.03 -40.76
N GLY D 346 -4.70 -1.81 -40.93
CA GLY D 346 -3.57 -1.79 -40.02
C GLY D 346 -2.58 -0.69 -40.35
N SER D 347 -2.50 -0.34 -41.63
CA SER D 347 -1.43 0.50 -42.13
C SER D 347 -1.69 1.99 -42.00
N GLY D 348 -2.95 2.38 -42.00
CA GLY D 348 -3.32 3.79 -42.01
C GLY D 348 -3.47 4.33 -43.40
N LEU D 349 -3.23 3.48 -44.40
CA LEU D 349 -3.39 3.82 -45.80
C LEU D 349 -4.84 4.20 -46.09
N SER D 350 -5.78 3.58 -45.39
CA SER D 350 -7.21 3.82 -45.60
C SER D 350 -7.69 5.15 -45.02
N ARG D 351 -8.51 5.86 -45.80
CA ARG D 351 -9.16 7.09 -45.35
C ARG D 351 -10.29 6.87 -44.36
N GLY D 352 -10.56 5.60 -44.02
CA GLY D 352 -11.64 5.26 -43.09
C GLY D 352 -11.15 5.13 -41.65
N ASN D 353 -9.85 5.38 -41.45
CA ASN D 353 -9.24 5.33 -40.13
C ASN D 353 -9.42 6.63 -39.37
N LEU D 354 -9.61 6.53 -38.05
CA LEU D 354 -9.67 7.70 -37.18
C LEU D 354 -8.94 7.44 -35.88
N VAL D 355 -8.11 8.39 -35.47
CA VAL D 355 -7.55 8.43 -34.11
C VAL D 355 -7.80 9.80 -33.47
N THR D 356 -7.32 9.95 -32.24
CA THR D 356 -7.18 11.25 -31.58
C THR D 356 -5.76 11.30 -31.05
N ALA D 357 -5.22 12.50 -30.85
CA ALA D 357 -3.87 12.65 -30.29
C ALA D 357 -3.80 12.06 -28.89
N ASP D 358 -4.86 12.28 -28.12
CA ASP D 358 -5.07 11.62 -26.82
C ASP D 358 -4.86 10.11 -26.88
N THR D 359 -5.55 9.45 -27.82
CA THR D 359 -5.45 8.01 -28.01
C THR D 359 -4.01 7.55 -28.32
N VAL D 360 -3.33 8.30 -29.19
CA VAL D 360 -1.94 7.96 -29.55
C VAL D 360 -1.02 8.02 -28.34
N VAL D 361 -1.01 9.18 -27.69
CA VAL D 361 -0.20 9.39 -26.49
C VAL D 361 -0.52 8.33 -25.44
N ASP D 362 -1.81 8.10 -25.20
CA ASP D 362 -2.27 7.02 -24.34
C ASP D 362 -1.52 5.73 -24.69
N LEU D 363 -1.55 5.37 -25.98
CA LEU D 363 -0.91 4.16 -26.46
C LEU D 363 0.59 4.12 -26.17
N LEU D 364 1.26 5.24 -26.45
CA LEU D 364 2.69 5.34 -26.22
C LEU D 364 3.04 5.10 -24.74
N GLY D 365 2.28 5.72 -23.85
CA GLY D 365 2.42 5.51 -22.39
C GLY D 365 2.29 4.05 -21.96
N GLN D 366 1.21 3.39 -22.39
CA GLN D 366 1.02 1.97 -22.13
C GLN D 366 2.13 1.11 -22.77
N ALA D 367 2.51 1.46 -24.00
CA ALA D 367 3.60 0.76 -24.69
C ALA D 367 4.90 0.85 -23.90
N GLY D 368 5.12 2.00 -23.26
CA GLY D 368 6.27 2.19 -22.38
C GLY D 368 6.28 1.24 -21.19
N SER D 369 5.08 0.97 -20.66
CA SER D 369 4.91 0.11 -19.48
C SER D 369 4.97 -1.41 -19.76
N ALA D 370 5.02 -1.78 -21.04
CA ALA D 370 4.84 -3.17 -21.44
C ALA D 370 6.15 -3.98 -21.41
N PRO D 371 6.05 -5.33 -21.26
CA PRO D 371 7.22 -6.22 -21.29
C PRO D 371 7.97 -6.17 -22.62
N TRP D 372 7.28 -5.75 -23.68
CA TRP D 372 7.86 -5.63 -25.01
C TRP D 372 8.20 -4.19 -25.39
N ALA D 373 8.30 -3.31 -24.39
CA ALA D 373 8.62 -1.90 -24.60
C ALA D 373 9.98 -1.73 -25.31
N GLN D 374 10.87 -2.69 -25.09
CA GLN D 374 12.17 -2.67 -25.73
C GLN D 374 12.09 -3.00 -27.22
N THR D 375 11.43 -4.11 -27.59
CA THR D 375 11.33 -4.41 -29.02
C THR D 375 10.52 -3.32 -29.74
N TRP D 376 9.54 -2.75 -29.05
CA TRP D 376 8.77 -1.62 -29.57
C TRP D 376 9.68 -0.42 -29.83
N SER D 377 10.55 -0.11 -28.87
CA SER D 377 11.50 1.00 -29.01
C SER D 377 12.38 0.84 -30.25
N ALA D 378 12.96 -0.35 -30.41
CA ALA D 378 13.86 -0.69 -31.52
C ALA D 378 13.17 -0.74 -32.89
N SER D 379 11.89 -0.37 -32.93
CA SER D 379 11.14 -0.35 -34.18
C SER D 379 11.06 1.07 -34.72
N LEU D 380 10.95 2.04 -33.82
CA LEU D 380 10.67 3.43 -34.20
C LEU D 380 11.87 4.15 -34.84
N PRO D 381 11.64 4.78 -35.99
CA PRO D 381 12.62 5.63 -36.65
C PRO D 381 13.25 6.64 -35.67
N VAL D 382 14.59 6.68 -35.66
CA VAL D 382 15.32 7.63 -34.82
C VAL D 382 15.74 8.82 -35.69
N ALA D 383 15.32 10.03 -35.29
CA ALA D 383 15.54 11.23 -36.10
C ALA D 383 17.00 11.44 -36.56
N GLY D 384 17.16 11.92 -37.79
CA GLY D 384 18.46 12.32 -38.32
C GLY D 384 19.41 11.22 -38.73
N GLU D 385 19.19 9.99 -38.26
CA GLU D 385 20.14 8.90 -38.46
C GLU D 385 20.22 8.36 -39.89
N SER D 386 21.42 8.44 -40.46
CA SER D 386 21.70 8.11 -41.86
C SER D 386 21.50 6.63 -42.19
N ASP D 387 21.92 5.75 -41.29
CA ASP D 387 21.74 4.31 -41.47
C ASP D 387 20.25 4.06 -41.67
N PRO D 388 19.86 3.60 -42.88
CA PRO D 388 18.43 3.44 -43.17
C PRO D 388 17.68 2.68 -42.06
N PHE D 389 18.22 1.54 -41.62
CA PHE D 389 17.61 0.71 -40.57
C PHE D 389 17.60 1.33 -39.17
N VAL D 390 18.14 2.53 -39.05
CA VAL D 390 18.10 3.27 -37.79
C VAL D 390 17.23 4.53 -37.95
N GLY D 391 17.53 5.35 -38.93
CA GLY D 391 16.80 6.60 -39.14
C GLY D 391 15.49 6.38 -39.85
N GLY D 392 15.48 5.39 -40.73
CA GLY D 392 14.27 4.99 -41.45
C GLY D 392 13.59 6.16 -42.13
N THR D 393 12.32 6.36 -41.83
CA THR D 393 11.54 7.42 -42.47
C THR D 393 11.84 8.78 -41.86
N LEU D 394 12.72 8.75 -40.85
CA LEU D 394 13.18 9.96 -40.18
C LEU D 394 14.65 10.27 -40.48
N ALA D 395 15.28 9.39 -41.26
CA ALA D 395 16.70 9.50 -41.60
C ALA D 395 17.10 10.90 -42.03
N ASN D 396 16.23 11.54 -42.81
CA ASN D 396 16.54 12.85 -43.38
C ASN D 396 15.71 13.96 -42.77
N ARG D 397 15.46 13.84 -41.47
CA ARG D 397 14.73 14.86 -40.72
C ARG D 397 15.39 15.17 -39.38
N MET D 398 15.28 16.44 -38.97
CA MET D 398 15.88 16.95 -37.71
C MET D 398 17.40 16.71 -37.60
N ARG D 399 18.06 16.57 -38.76
CA ARG D 399 19.51 16.45 -38.81
C ARG D 399 20.16 17.74 -38.29
N GLY D 400 21.20 17.59 -37.47
CA GLY D 400 21.92 18.71 -36.89
C GLY D 400 21.24 19.41 -35.72
N THR D 401 20.10 18.87 -35.28
CA THR D 401 19.38 19.44 -34.14
C THR D 401 19.55 18.58 -32.88
N ALA D 402 18.95 19.03 -31.78
CA ALA D 402 18.92 18.29 -30.52
C ALA D 402 18.21 16.94 -30.69
N ALA D 403 17.24 16.89 -31.61
CA ALA D 403 16.45 15.68 -31.88
C ALA D 403 17.24 14.56 -32.57
N GLU D 404 18.30 14.93 -33.27
CA GLU D 404 19.09 13.93 -33.98
C GLU D 404 19.61 12.82 -33.06
N GLY D 405 19.23 11.57 -33.36
CA GLY D 405 19.67 10.40 -32.60
C GLY D 405 18.96 10.26 -31.28
N VAL D 406 17.97 11.12 -31.07
CA VAL D 406 17.32 11.27 -29.78
C VAL D 406 15.83 10.94 -29.88
N VAL D 407 15.14 11.66 -30.76
CA VAL D 407 13.70 11.47 -30.98
C VAL D 407 13.44 10.22 -31.79
N GLU D 408 12.71 9.30 -31.18
CA GLU D 408 12.23 8.12 -31.85
C GLU D 408 10.73 8.26 -32.03
N ALA D 409 10.29 8.19 -33.29
CA ALA D 409 8.90 8.49 -33.66
C ALA D 409 8.42 7.84 -34.96
N LYS D 410 7.10 7.75 -35.10
CA LYS D 410 6.45 7.25 -36.30
C LYS D 410 5.91 8.39 -37.13
N THR D 411 6.31 8.39 -38.40
CA THR D 411 5.85 9.33 -39.40
C THR D 411 4.48 8.94 -39.91
N GLY D 412 3.76 9.90 -40.48
CA GLY D 412 2.49 9.62 -41.13
C GLY D 412 2.24 10.65 -42.21
N THR D 413 2.14 10.22 -43.46
CA THR D 413 1.88 11.15 -44.56
C THR D 413 0.88 10.64 -45.61
N MET D 414 -0.12 11.46 -45.90
CA MET D 414 -0.88 11.34 -47.15
C MET D 414 -1.57 12.67 -47.53
N SER D 415 -2.33 12.67 -48.62
CA SER D 415 -2.92 13.89 -49.15
C SER D 415 -3.78 14.58 -48.10
N GLY D 416 -3.38 15.79 -47.71
CA GLY D 416 -4.05 16.54 -46.66
C GLY D 416 -4.09 15.82 -45.32
N VAL D 417 -3.03 15.07 -45.01
CA VAL D 417 -2.90 14.38 -43.72
C VAL D 417 -1.43 14.22 -43.39
N SER D 418 -1.05 14.62 -42.18
CA SER D 418 0.31 14.36 -41.71
C SER D 418 0.35 14.14 -40.20
N ALA D 419 1.35 13.40 -39.74
CA ALA D 419 1.42 13.01 -38.34
C ALA D 419 2.80 12.55 -37.89
N LEU D 420 3.14 12.94 -36.67
CA LEU D 420 4.38 12.55 -36.03
C LEU D 420 4.06 12.26 -34.57
N SER D 421 4.43 11.06 -34.12
CA SER D 421 4.10 10.60 -32.78
C SER D 421 5.24 9.75 -32.23
N GLY D 422 5.63 10.01 -30.98
CA GLY D 422 6.70 9.23 -30.37
C GLY D 422 7.19 9.66 -28.99
N TYR D 423 8.45 9.34 -28.72
CA TYR D 423 9.06 9.58 -27.41
C TYR D 423 10.24 10.56 -27.49
N VAL D 424 10.50 11.22 -26.37
CA VAL D 424 11.60 12.17 -26.24
C VAL D 424 12.36 11.85 -24.96
N PRO D 425 13.43 11.05 -25.05
CA PRO D 425 14.11 10.58 -23.85
C PRO D 425 14.86 11.69 -23.08
N GLY D 426 14.28 12.11 -21.96
CA GLY D 426 14.93 13.04 -21.02
C GLY D 426 15.82 12.28 -20.03
N PRO D 427 16.58 13.01 -19.20
CA PRO D 427 17.30 12.31 -18.13
C PRO D 427 16.37 11.95 -16.97
N GLU D 428 15.28 12.70 -16.80
CA GLU D 428 14.37 12.51 -15.69
C GLU D 428 13.17 11.62 -16.04
N GLY D 429 12.49 11.94 -17.14
CA GLY D 429 11.35 11.16 -17.60
C GLY D 429 11.08 11.29 -19.09
N GLU D 430 11.42 10.25 -19.85
CA GLU D 430 11.06 10.13 -21.27
C GLU D 430 9.67 10.74 -21.56
N LEU D 431 9.61 11.72 -22.45
CA LEU D 431 8.34 12.33 -22.84
C LEU D 431 7.65 11.51 -23.92
N ALA D 432 6.37 11.78 -24.13
CA ALA D 432 5.61 11.15 -25.22
C ALA D 432 4.72 12.20 -25.86
N PHE D 433 4.71 12.21 -27.19
CA PHE D 433 4.01 13.25 -27.93
C PHE D 433 3.26 12.67 -29.12
N SER D 434 2.16 13.32 -29.49
CA SER D 434 1.50 13.04 -30.76
C SER D 434 1.14 14.33 -31.47
N ILE D 435 1.71 14.51 -32.66
CA ILE D 435 1.38 15.59 -33.56
C ILE D 435 0.66 14.99 -34.76
N VAL D 436 -0.62 15.31 -34.89
CA VAL D 436 -1.46 14.82 -35.98
C VAL D 436 -2.19 16.00 -36.62
N ASN D 437 -1.93 16.21 -37.90
CA ASN D 437 -2.51 17.34 -38.66
C ASN D 437 -3.36 16.83 -39.82
N ASN D 438 -4.58 17.36 -39.93
CA ASN D 438 -5.53 17.03 -40.99
C ASN D 438 -6.01 18.30 -41.66
N GLY D 439 -6.35 18.22 -42.94
CA GLY D 439 -6.99 19.33 -43.65
C GLY D 439 -6.09 20.41 -44.21
N HIS D 440 -4.77 20.31 -44.00
CA HIS D 440 -3.82 21.28 -44.58
C HIS D 440 -3.80 21.16 -46.10
N SER D 441 -3.91 22.29 -46.78
CA SER D 441 -4.05 22.26 -48.24
C SER D 441 -2.76 22.64 -48.97
N GLY D 442 -1.78 23.14 -48.21
CA GLY D 442 -0.48 23.50 -48.78
C GLY D 442 0.49 22.35 -48.71
N PRO D 443 1.78 22.64 -48.46
CA PRO D 443 2.77 21.60 -48.22
C PRO D 443 2.50 20.90 -46.89
N ALA D 444 2.98 19.67 -46.74
CA ALA D 444 2.90 18.98 -45.44
C ALA D 444 3.69 19.79 -44.40
N PRO D 445 3.19 19.86 -43.14
CA PRO D 445 3.85 20.70 -42.15
C PRO D 445 4.98 19.97 -41.44
N LEU D 446 5.78 19.23 -42.20
CA LEU D 446 6.91 18.47 -41.64
C LEU D 446 7.89 19.36 -40.86
N ALA D 447 8.00 20.62 -41.28
CA ALA D 447 8.79 21.61 -40.56
C ALA D 447 8.21 21.83 -39.17
N VAL D 448 6.91 22.16 -39.12
CA VAL D 448 6.17 22.28 -37.86
C VAL D 448 6.53 21.12 -36.92
N GLN D 449 6.20 19.90 -37.34
CA GLN D 449 6.43 18.69 -36.57
C GLN D 449 7.87 18.56 -36.06
N ASP D 450 8.85 18.69 -36.96
CA ASP D 450 10.29 18.65 -36.61
C ASP D 450 10.63 19.66 -35.53
N ALA D 451 10.16 20.90 -35.71
CA ALA D 451 10.45 22.00 -34.80
C ALA D 451 9.97 21.69 -33.38
N ILE D 452 8.74 21.21 -33.29
CA ILE D 452 8.16 20.78 -32.02
C ILE D 452 8.99 19.61 -31.44
N ALA D 453 9.31 18.63 -32.28
CA ALA D 453 10.15 17.51 -31.85
C ALA D 453 11.53 17.95 -31.37
N VAL D 454 12.14 18.92 -32.06
CA VAL D 454 13.42 19.52 -31.64
C VAL D 454 13.24 20.28 -30.32
N ARG D 455 12.21 21.12 -30.25
CA ARG D 455 11.87 21.85 -29.02
C ARG D 455 11.79 20.89 -27.82
N LEU D 456 11.02 19.81 -27.98
CA LEU D 456 10.85 18.80 -26.93
C LEU D 456 12.17 18.17 -26.52
N ALA D 457 13.07 17.97 -27.48
CA ALA D 457 14.37 17.37 -27.21
C ALA D 457 15.29 18.27 -26.37
N GLU D 458 15.21 19.58 -26.61
CA GLU D 458 15.95 20.57 -25.83
C GLU D 458 15.39 20.66 -24.41
N TYR D 459 14.07 20.66 -24.30
CA TYR D 459 13.39 20.61 -23.00
C TYR D 459 13.80 19.35 -22.23
N ALA D 460 14.20 18.32 -22.97
CA ALA D 460 14.73 17.09 -22.38
C ALA D 460 16.26 17.13 -22.21
N GLY D 461 16.83 18.34 -22.20
CA GLY D 461 18.24 18.55 -21.88
C GLY D 461 19.25 18.32 -23.01
N HIS D 462 18.74 18.06 -24.22
CA HIS D 462 19.60 17.84 -25.39
C HIS D 462 19.86 19.15 -26.12
N GLN D 463 21.03 19.26 -26.71
CA GLN D 463 21.37 20.44 -27.50
C GLN D 463 21.67 20.09 -28.96
N ALA D 464 21.43 21.05 -29.84
CA ALA D 464 21.78 20.94 -31.24
C ALA D 464 23.30 20.93 -31.37
N PRO D 465 23.86 19.91 -32.06
CA PRO D 465 25.30 19.86 -32.31
C PRO D 465 25.78 21.10 -33.10
N GLU D 466 27.08 21.34 -33.09
CA GLU D 466 27.63 22.54 -33.72
C GLU D 466 28.57 22.24 -34.89
#